data_9BTL
#
_entry.id   9BTL
#
_cell.length_a   1.00
_cell.length_b   1.00
_cell.length_c   1.00
_cell.angle_alpha   90.00
_cell.angle_beta   90.00
_cell.angle_gamma   90.00
#
_symmetry.space_group_name_H-M   'P 1'
#
loop_
_entity.id
_entity.type
_entity.pdbx_description
1 polymer 'Envelope glycoprotein Gp120'
2 polymer 'Envelope glycoprotein Gp41'
3 polymer '41328-a.01 heavy chain'
4 polymer '41328-a.01 light chain'
5 branched 2-acetamido-2-deoxy-beta-D-glucopyranose-(1-4)-2-acetamido-2-deoxy-beta-D-glucopyranose
6 branched alpha-D-mannopyranose-(1-3)-beta-D-mannopyranose-(1-4)-2-acetamido-2-deoxy-beta-D-glucopyranose-(1-4)-2-acetamido-2-deoxy-beta-D-glucopyranose
7 branched beta-D-mannopyranose-(1-4)-2-acetamido-2-deoxy-beta-D-glucopyranose-(1-4)-2-acetamido-2-deoxy-beta-D-glucopyranose
8 branched alpha-D-mannopyranose-(1-6)-beta-D-mannopyranose-(1-4)-2-acetamido-2-deoxy-beta-D-glucopyranose-(1-4)-2-acetamido-2-deoxy-beta-D-glucopyranose
9 branched alpha-D-mannopyranose-(1-3)-[alpha-D-mannopyranose-(1-6)]beta-D-mannopyranose-(1-4)-2-acetamido-2-deoxy-beta-D-glucopyranose-(1-4)-2-acetamido-2-deoxy-beta-D-glucopyranose
10 non-polymer 2-acetamido-2-deoxy-beta-D-glucopyranose
#
loop_
_entity_poly.entity_id
_entity_poly.type
_entity_poly.pdbx_seq_one_letter_code
_entity_poly.pdbx_strand_id
1 'polypeptide(L)'
;AENLWVTVYYGVPVWKDAETTLFCASDAKAYETEKHNVWATHACVPTDPNPQEIHLENVTEEFNMWKNNMVEQMHTDIIS
LWDQSLKPCVKLTPLCVTLQCTNVTNNITDDMRGELKNCSFNMTTELRDKKQKVYSLFYRLDVVQINENQGNRSNNSNKE
YRLINCNTSACTQACPKVSFEPIPIHYCAPAGFAILKCKDKKFNGTGPCPSVSTVQCTHGIKPVVSTQLLLNGSLAEEEV
MIRSENITNNAKNILVQFNTPVQINCTRPNNNTRKSIRIGPGQAFYATGDIIGDIRQAHCNVSKATWNETLGKVVKQLRK
HFGNNTIIRFANSSGGDLEVTTHSFNCGGEFFYCNTSGLFNSTWISNTSVQGSNSTGSNDSITLPCRIKQIINMWQRIGQ
CMYAPPIQGVIRCVSNITGLILTRDGGSTNSTTETFRPGGGDMRDNWRSELYKYKVVKIEPLGVAPTRCKRRVVGR
;
A,E,I
2 'polypeptide(L)'
;VGIGAVFLGFLGAAGSTMGAASMTLTVQARNLLSGIVQQQSNLLRAPEAQQHLLKLTVWGIKQLQARVLAVERYLRDQQL
LGIWGCSGKLICCTNVPWNSSWSNRNLSEIWDNMTWLQWDKEISNYTQIIYGLLEESQNQQEKNEQDLLALD
;
B,F,J
3 'polypeptide(L)'
;QVQLQQWGEGLVKPSETLSLSCAVYGGSISGHYYWSWIRQAPGKGLEWIGKIDANSASTNYNPSFKNRVSISKDTSKKQF
YLNLHSVTAADTAVYYCARGSIYYEDDDGYYYSEATYLHLHLWGQGVVVTVSSASTKGPSVFPLAPSSRSTSESTAALGC
LVKDYFPEPVTVSWNSGSLTSGVHTFPAVLQSSGLYSLSSVVTVPSSSLGTQTYVCNVNHKPSNTKVDKRVEIKTCGGGL
EVLFQ
;
H
4 'polypeptide(L)'
;QSVLTQPPSASEAARKRVSISCSGSFSNIGTNSVSWYQHLPGTAPKLLIYHNGQRASGVSDRFSGSKSGTSASLAISALQ
TEDEADYYCATWDDMLNGYFFGAGTRLTVLGQPKAAPSVTLFPPSSEELQANKATLVCLISDFYPGAVEVAWKADGSAVN
AGVETTKPSKQSNNKYAASSYLSLTSDQWKSHKSYSCQVTHEGSTVEKTVAPAECS
;
L
#
# COMPACT_ATOMS: atom_id res chain seq x y z
N ASN A 3 -41.39 48.49 7.18
CA ASN A 3 -41.46 47.27 6.39
C ASN A 3 -40.09 46.91 5.82
N LEU A 4 -39.40 45.99 6.50
CA LEU A 4 -38.08 45.55 6.08
C LEU A 4 -38.09 44.05 5.82
N TRP A 5 -37.29 43.64 4.84
CA TRP A 5 -37.19 42.24 4.44
C TRP A 5 -35.72 41.88 4.29
N VAL A 6 -35.37 40.63 4.62
CA VAL A 6 -34.00 40.16 4.56
C VAL A 6 -33.63 39.84 3.12
N THR A 7 -32.38 40.16 2.75
CA THR A 7 -31.85 39.94 1.42
C THR A 7 -30.66 38.99 1.52
N VAL A 8 -30.61 38.00 0.63
CA VAL A 8 -29.52 37.02 0.63
C VAL A 8 -28.43 37.47 -0.32
N TYR A 9 -27.20 37.54 0.18
CA TYR A 9 -26.04 37.95 -0.59
C TYR A 9 -25.03 36.80 -0.64
N TYR A 10 -24.46 36.56 -1.81
CA TYR A 10 -23.46 35.53 -2.00
C TYR A 10 -22.13 36.17 -2.35
N GLY A 11 -21.05 35.54 -1.91
CA GLY A 11 -19.73 36.10 -2.16
C GLY A 11 -19.37 37.24 -1.25
N VAL A 12 -19.95 37.27 -0.06
CA VAL A 12 -19.69 38.35 0.91
C VAL A 12 -18.27 38.21 1.45
N PRO A 13 -17.46 39.28 1.47
CA PRO A 13 -16.08 39.19 2.00
C PRO A 13 -16.02 39.11 3.52
N VAL A 14 -16.33 37.92 4.03
CA VAL A 14 -16.33 37.65 5.47
C VAL A 14 -15.59 36.34 5.72
N TRP A 15 -14.65 36.36 6.67
CA TRP A 15 -13.88 35.18 7.00
C TRP A 15 -14.09 34.83 8.47
N LYS A 16 -13.69 33.60 8.82
CA LYS A 16 -13.78 33.07 10.17
C LYS A 16 -12.56 32.20 10.40
N ASP A 17 -12.00 32.28 11.62
CA ASP A 17 -10.82 31.50 11.96
C ASP A 17 -11.13 30.01 11.98
N ALA A 18 -10.29 29.24 11.29
CA ALA A 18 -10.47 27.80 11.21
C ALA A 18 -9.13 27.14 10.94
N GLU A 19 -9.16 25.80 10.85
CA GLU A 19 -7.97 25.00 10.59
C GLU A 19 -8.20 24.11 9.39
N THR A 20 -7.16 23.95 8.56
CA THR A 20 -7.25 23.13 7.37
C THR A 20 -5.87 22.63 7.00
N THR A 21 -5.83 21.70 6.04
CA THR A 21 -4.59 21.12 5.55
C THR A 21 -4.10 21.92 4.35
N LEU A 22 -3.10 22.77 4.59
CA LEU A 22 -2.55 23.59 3.52
C LEU A 22 -1.62 22.78 2.64
N PHE A 23 -1.76 22.93 1.33
CA PHE A 23 -0.91 22.20 0.40
C PHE A 23 0.37 22.98 0.14
N CYS A 24 1.45 22.24 -0.09
CA CYS A 24 2.76 22.81 -0.33
C CYS A 24 2.94 23.30 -1.76
N ALA A 25 3.98 24.11 -1.94
CA ALA A 25 4.36 24.68 -3.23
C ALA A 25 5.83 25.02 -3.18
N SER A 26 6.50 24.97 -4.33
CA SER A 26 7.92 25.26 -4.39
C SER A 26 8.26 25.76 -5.78
N ASP A 27 9.50 26.23 -5.93
CA ASP A 27 10.00 26.75 -7.20
C ASP A 27 10.24 25.61 -8.19
N HIS A 36 15.71 14.80 -5.59
CA HIS A 36 17.05 14.93 -5.06
C HIS A 36 17.06 15.81 -3.80
N ASN A 37 15.92 15.90 -3.14
CA ASN A 37 15.79 16.70 -1.94
C ASN A 37 15.03 15.92 -0.89
N VAL A 38 15.39 16.13 0.37
CA VAL A 38 14.74 15.42 1.47
C VAL A 38 13.32 15.92 1.72
N TRP A 39 13.02 17.17 1.37
CA TRP A 39 11.69 17.73 1.58
C TRP A 39 10.73 17.43 0.42
N ALA A 40 11.16 16.63 -0.56
CA ALA A 40 10.36 16.22 -1.73
C ALA A 40 9.83 17.41 -2.53
N THR A 41 10.75 18.10 -3.23
CA THR A 41 10.37 19.23 -4.06
C THR A 41 9.44 18.82 -5.20
N HIS A 42 9.55 17.57 -5.66
CA HIS A 42 8.71 17.08 -6.73
C HIS A 42 7.27 16.88 -6.28
N ALA A 43 7.07 16.61 -4.99
CA ALA A 43 5.72 16.40 -4.47
C ALA A 43 4.94 17.70 -4.36
N CYS A 44 5.60 18.84 -4.33
CA CYS A 44 4.95 20.15 -4.23
C CYS A 44 4.69 20.68 -5.63
N VAL A 45 3.54 21.35 -5.78
CA VAL A 45 3.14 21.94 -7.06
C VAL A 45 4.03 23.15 -7.34
N PRO A 46 4.19 23.58 -8.59
CA PRO A 46 5.04 24.75 -8.86
C PRO A 46 4.41 26.02 -8.32
N THR A 47 5.22 26.83 -7.66
CA THR A 47 4.74 28.07 -7.07
C THR A 47 4.46 29.12 -8.15
N ASP A 48 3.68 30.12 -7.76
CA ASP A 48 3.32 31.20 -8.67
C ASP A 48 4.50 32.17 -8.76
N PRO A 49 5.03 32.42 -9.97
CA PRO A 49 6.16 33.37 -10.08
C PRO A 49 5.80 34.80 -9.71
N ASN A 50 4.52 35.16 -9.76
CA ASN A 50 4.05 36.50 -9.40
C ASN A 50 2.91 36.35 -8.40
N PRO A 51 3.24 36.15 -7.12
CA PRO A 51 2.19 35.99 -6.10
C PRO A 51 1.42 37.28 -5.89
N GLN A 52 0.14 37.12 -5.53
CA GLN A 52 -0.72 38.26 -5.30
C GLN A 52 -0.63 38.75 -3.86
N GLU A 53 -0.36 40.04 -3.71
CA GLU A 53 -0.24 40.69 -2.40
C GLU A 53 -1.32 41.78 -2.40
N ILE A 54 -2.50 41.44 -1.89
CA ILE A 54 -3.62 42.37 -1.84
C ILE A 54 -3.70 42.97 -0.45
N HIS A 55 -3.51 44.28 -0.36
CA HIS A 55 -3.58 44.98 0.92
C HIS A 55 -5.04 45.19 1.28
N LEU A 56 -5.41 44.82 2.50
CA LEU A 56 -6.78 44.95 2.99
C LEU A 56 -6.85 46.19 3.87
N GLU A 57 -7.24 47.31 3.27
CA GLU A 57 -7.37 48.55 4.01
C GLU A 57 -8.57 48.49 4.95
N ASN A 58 -8.46 49.21 6.06
CA ASN A 58 -9.47 49.30 7.13
C ASN A 58 -9.80 47.96 7.74
N VAL A 59 -8.86 47.01 7.75
CA VAL A 59 -9.07 45.67 8.29
C VAL A 59 -8.16 45.47 9.50
N THR A 60 -8.76 45.08 10.62
CA THR A 60 -8.04 44.82 11.85
C THR A 60 -8.39 43.40 12.30
N GLU A 61 -7.42 42.50 12.22
CA GLU A 61 -7.62 41.10 12.58
C GLU A 61 -6.63 40.69 13.66
N GLU A 62 -7.12 39.89 14.61
CA GLU A 62 -6.30 39.40 15.71
C GLU A 62 -5.50 38.18 15.26
N PHE A 63 -4.26 38.11 15.72
CA PHE A 63 -3.35 37.02 15.38
C PHE A 63 -2.88 36.34 16.65
N ASN A 64 -2.40 35.10 16.50
CA ASN A 64 -1.89 34.34 17.64
C ASN A 64 -0.88 33.33 17.11
N MET A 65 0.40 33.64 17.28
CA MET A 65 1.48 32.76 16.83
C MET A 65 1.63 31.51 17.70
N TRP A 66 1.09 31.54 18.92
CA TRP A 66 1.20 30.40 19.82
C TRP A 66 0.08 29.39 19.62
N LYS A 67 -1.12 29.85 19.26
CA LYS A 67 -2.24 28.97 19.03
C LYS A 67 -2.47 28.67 17.56
N ASN A 68 -1.52 29.06 16.71
CA ASN A 68 -1.63 28.83 15.28
C ASN A 68 -1.43 27.35 14.96
N ASN A 69 -2.24 26.83 14.04
CA ASN A 69 -2.15 25.43 13.64
C ASN A 69 -1.18 25.21 12.48
N MET A 70 -0.67 26.30 11.89
CA MET A 70 0.26 26.19 10.78
C MET A 70 1.57 25.55 11.22
N VAL A 71 2.03 25.87 12.44
CA VAL A 71 3.28 25.30 12.93
C VAL A 71 3.12 23.80 13.18
N GLU A 72 1.96 23.39 13.71
CA GLU A 72 1.71 21.97 13.95
C GLU A 72 1.60 21.20 12.65
N GLN A 73 0.91 21.80 11.67
CA GLN A 73 0.75 21.15 10.37
C GLN A 73 2.09 21.02 9.65
N MET A 74 2.94 22.05 9.72
CA MET A 74 4.23 21.95 9.05
C MET A 74 5.14 20.99 9.80
N HIS A 75 5.00 20.91 11.14
CA HIS A 75 5.79 19.94 11.90
C HIS A 75 5.42 18.51 11.49
N THR A 76 4.13 18.24 11.35
CA THR A 76 3.68 16.92 10.92
C THR A 76 4.14 16.64 9.49
N ASP A 77 4.10 17.67 8.63
CA ASP A 77 4.53 17.53 7.24
C ASP A 77 6.02 17.23 7.15
N ILE A 78 6.84 17.91 7.96
CA ILE A 78 8.28 17.70 7.97
C ILE A 78 8.60 16.30 8.47
N ILE A 79 7.89 15.84 9.51
CA ILE A 79 8.10 14.49 10.03
C ILE A 79 7.74 13.45 8.97
N SER A 80 6.61 13.64 8.28
CA SER A 80 6.20 12.71 7.24
C SER A 80 7.16 12.70 6.06
N LEU A 81 7.67 13.88 5.67
CA LEU A 81 8.62 13.95 4.57
C LEU A 81 9.94 13.28 4.92
N TRP A 82 10.40 13.46 6.17
CA TRP A 82 11.65 12.84 6.57
C TRP A 82 11.51 11.32 6.63
N ASP A 83 10.36 10.85 7.15
CA ASP A 83 10.11 9.42 7.22
C ASP A 83 9.98 8.80 5.83
N GLN A 84 9.35 9.51 4.89
CA GLN A 84 9.25 8.97 3.54
C GLN A 84 10.55 9.11 2.78
N SER A 85 11.45 9.99 3.23
CA SER A 85 12.74 10.15 2.57
C SER A 85 13.77 9.12 3.02
N LEU A 86 13.68 8.67 4.27
CA LEU A 86 14.63 7.67 4.74
C LEU A 86 14.30 6.26 4.28
N LYS A 87 13.08 6.04 3.82
CA LYS A 87 12.66 4.71 3.37
C LYS A 87 13.35 4.14 2.12
N PRO A 88 13.56 4.87 1.01
CA PRO A 88 14.18 4.23 -0.16
C PRO A 88 15.68 3.94 -0.08
N CYS A 89 16.36 4.07 1.05
CA CYS A 89 17.78 3.76 1.07
C CYS A 89 18.09 2.72 2.15
N VAL A 90 19.32 2.24 2.10
CA VAL A 90 19.92 1.20 2.94
C VAL A 90 19.64 1.31 4.43
N LYS A 91 19.18 0.20 5.03
CA LYS A 91 18.88 0.08 6.45
C LYS A 91 20.09 -0.59 7.09
N LEU A 92 20.66 -0.06 8.17
CA LEU A 92 21.97 -0.58 8.67
C LEU A 92 21.92 -1.60 9.82
N THR A 93 20.94 -2.48 9.84
CA THR A 93 20.84 -3.53 10.89
C THR A 93 22.05 -4.43 10.94
N PRO A 94 22.75 -4.77 9.84
CA PRO A 94 23.91 -5.60 9.98
C PRO A 94 25.00 -5.00 10.80
N LEU A 95 24.95 -3.71 11.11
CA LEU A 95 26.10 -3.04 11.77
C LEU A 95 25.98 -3.05 13.29
N CYS A 96 24.94 -3.65 13.84
CA CYS A 96 24.92 -3.73 15.31
C CYS A 96 25.70 -4.99 15.66
N VAL A 97 27.03 -4.91 15.68
CA VAL A 97 27.91 -6.05 16.01
C VAL A 97 28.84 -5.57 17.11
N THR A 98 29.80 -6.39 17.52
CA THR A 98 30.77 -5.99 18.55
C THR A 98 31.91 -5.31 17.87
N LEU A 99 32.42 -4.23 18.45
CA LEU A 99 33.46 -3.45 17.81
C LEU A 99 34.70 -3.41 18.68
N GLN A 100 35.84 -3.81 18.10
CA GLN A 100 37.12 -3.79 18.81
C GLN A 100 37.77 -2.48 18.45
N CYS A 101 37.51 -1.44 19.25
CA CYS A 101 38.03 -0.11 18.99
C CYS A 101 39.27 0.21 19.81
N THR A 102 39.94 1.26 19.38
CA THR A 102 41.15 1.78 20.01
C THR A 102 41.23 3.26 19.68
N ASN A 103 41.94 4.01 20.52
CA ASN A 103 42.07 5.44 20.28
C ASN A 103 43.05 5.71 19.15
N VAL A 104 42.58 6.65 18.31
CA VAL A 104 43.41 7.10 17.16
C VAL A 104 44.21 8.28 17.70
N THR A 105 45.52 8.14 17.77
CA THR A 105 46.38 9.21 18.31
C THR A 105 47.31 9.66 17.21
N ASN A 106 46.90 9.43 15.96
CA ASN A 106 47.74 9.83 14.80
C ASN A 106 47.47 11.29 14.46
N ASN A 107 48.18 12.22 15.09
CA ASN A 107 48.06 13.68 14.83
C ASN A 107 46.92 14.30 15.63
N ILE A 108 46.54 13.68 16.74
CA ILE A 108 45.35 14.23 17.44
C ILE A 108 45.77 15.38 18.35
N THR A 109 45.21 16.55 18.12
CA THR A 109 45.45 17.67 19.03
C THR A 109 44.92 17.22 20.34
N ASP A 110 45.34 17.87 21.42
CA ASP A 110 44.95 17.42 22.77
C ASP A 110 43.47 17.65 23.00
N ASP A 111 42.85 18.47 22.16
CA ASP A 111 41.38 18.66 22.28
C ASP A 111 40.68 17.43 21.73
N MET A 112 41.01 17.03 20.51
CA MET A 112 40.34 15.88 19.88
C MET A 112 41.03 14.59 20.33
N ARG A 113 41.30 14.46 21.63
CA ARG A 113 41.89 13.21 22.14
C ARG A 113 40.79 12.35 22.74
N GLY A 114 40.50 11.22 22.13
CA GLY A 114 39.49 10.34 22.70
C GLY A 114 38.18 10.56 22.01
N GLU A 115 38.15 11.52 21.10
CA GLU A 115 36.89 11.86 20.39
C GLU A 115 36.68 10.87 19.27
N LEU A 116 37.75 10.36 18.68
CA LEU A 116 37.61 9.43 17.54
C LEU A 116 38.11 8.05 17.95
N LYS A 117 37.36 6.99 17.70
CA LYS A 117 37.69 5.60 17.96
C LYS A 117 37.92 4.86 16.65
N ASN A 118 38.94 4.01 16.62
CA ASN A 118 39.28 3.22 15.43
C ASN A 118 38.75 1.82 15.68
N CYS A 119 37.48 1.62 15.32
CA CYS A 119 36.78 0.35 15.52
C CYS A 119 36.98 -0.61 14.35
N SER A 120 37.07 -1.89 14.69
CA SER A 120 37.21 -2.98 13.75
C SER A 120 36.12 -4.00 14.06
N PHE A 121 35.51 -4.57 13.02
CA PHE A 121 34.44 -5.52 13.24
C PHE A 121 34.31 -6.47 12.05
N ASN A 122 33.58 -7.56 12.29
CA ASN A 122 33.30 -8.58 11.26
C ASN A 122 31.99 -8.18 10.63
N MET A 123 32.03 -7.78 9.36
CA MET A 123 30.83 -7.35 8.67
C MET A 123 30.48 -8.32 7.55
N THR A 124 29.19 -8.44 7.25
CA THR A 124 28.75 -9.32 6.20
C THR A 124 29.15 -8.75 4.83
N THR A 125 29.02 -9.58 3.80
CA THR A 125 29.36 -9.19 2.45
C THR A 125 28.23 -9.62 1.52
N GLU A 126 28.51 -9.59 0.21
CA GLU A 126 27.52 -9.99 -0.78
C GLU A 126 27.14 -11.46 -0.62
N LEU A 127 28.12 -12.31 -0.33
CA LEU A 127 27.86 -13.72 -0.12
C LEU A 127 27.43 -13.94 1.33
N ARG A 128 26.32 -14.63 1.53
CA ARG A 128 25.81 -14.87 2.88
C ARG A 128 26.69 -15.83 3.67
N ASP A 129 27.45 -16.69 2.99
CA ASP A 129 28.30 -17.65 3.67
C ASP A 129 29.72 -17.13 3.92
N LYS A 130 30.01 -15.88 3.57
CA LYS A 130 31.34 -15.31 3.77
C LYS A 130 31.27 -14.10 4.69
N LYS A 131 32.36 -13.85 5.40
CA LYS A 131 32.48 -12.73 6.32
C LYS A 131 33.60 -11.82 5.84
N GLN A 132 33.44 -10.52 6.11
CA GLN A 132 34.42 -9.51 5.70
C GLN A 132 34.85 -8.71 6.91
N LYS A 133 36.16 -8.67 7.16
CA LYS A 133 36.70 -7.91 8.29
C LYS A 133 37.12 -6.54 7.80
N VAL A 134 36.47 -5.50 8.33
CA VAL A 134 36.75 -4.12 7.95
C VAL A 134 36.88 -3.28 9.20
N TYR A 135 37.33 -2.04 9.00
CA TYR A 135 37.51 -1.09 10.10
C TYR A 135 36.94 0.25 9.68
N SER A 136 36.56 1.06 10.69
CA SER A 136 35.99 2.37 10.44
C SER A 136 36.25 3.27 11.63
N LEU A 137 36.15 4.57 11.41
CA LEU A 137 36.35 5.56 12.45
C LEU A 137 35.01 6.03 12.98
N PHE A 138 34.81 5.90 14.29
CA PHE A 138 33.58 6.31 14.93
C PHE A 138 33.91 7.25 16.08
N TYR A 139 33.04 8.24 16.30
CA TYR A 139 33.25 9.18 17.38
C TYR A 139 32.91 8.53 18.72
N ARG A 140 33.34 9.17 19.80
CA ARG A 140 33.07 8.63 21.14
C ARG A 140 31.59 8.68 21.47
N LEU A 141 30.87 9.65 20.93
CA LEU A 141 29.44 9.77 21.19
C LEU A 141 28.62 8.73 20.45
N ASP A 142 29.18 8.11 19.41
CA ASP A 142 28.46 7.11 18.63
C ASP A 142 28.70 5.68 19.11
N VAL A 143 29.60 5.46 20.07
CA VAL A 143 29.88 4.13 20.57
C VAL A 143 29.78 4.11 22.08
N VAL A 144 29.61 2.91 22.63
CA VAL A 144 29.49 2.71 24.07
C VAL A 144 30.11 1.35 24.40
N GLN A 145 30.76 1.25 25.55
CA GLN A 145 31.47 0.00 25.90
C GLN A 145 30.46 -1.11 26.20
N ILE A 146 30.63 -2.27 25.57
CA ILE A 146 29.72 -3.43 25.84
C ILE A 146 29.95 -3.85 27.30
N ASN A 147 31.20 -3.81 27.75
CA ASN A 147 31.65 -4.58 28.95
C ASN A 147 31.25 -6.04 28.79
N ASN A 158 37.52 -3.10 27.91
CA ASN A 158 37.91 -1.75 27.51
C ASN A 158 38.12 -1.66 25.99
N LYS A 159 38.16 -2.81 25.34
CA LYS A 159 38.35 -2.87 23.90
C LYS A 159 37.06 -3.12 23.13
N GLU A 160 36.11 -3.84 23.72
CA GLU A 160 34.85 -4.14 23.07
C GLU A 160 33.90 -2.95 23.18
N TYR A 161 33.33 -2.55 22.06
CA TYR A 161 32.39 -1.44 22.01
C TYR A 161 31.18 -1.83 21.18
N ARG A 162 30.11 -1.07 21.34
CA ARG A 162 28.87 -1.26 20.63
C ARG A 162 28.36 0.10 20.19
N LEU A 163 27.80 0.16 18.97
CA LEU A 163 27.27 1.41 18.44
C LEU A 163 26.12 1.91 19.30
N ILE A 164 26.04 3.22 19.47
CA ILE A 164 24.98 3.81 20.28
C ILE A 164 23.64 3.61 19.58
N ASN A 165 22.57 3.62 20.39
CA ASN A 165 21.18 3.43 19.99
C ASN A 165 20.92 2.06 19.37
N CYS A 166 21.78 1.08 19.63
CA CYS A 166 21.56 -0.26 19.09
C CYS A 166 20.49 -0.99 19.86
N ASN A 167 20.39 -0.73 21.17
CA ASN A 167 19.38 -1.38 21.99
C ASN A 167 18.02 -0.71 21.87
N THR A 168 17.95 0.45 21.23
CA THR A 168 16.68 1.16 21.09
C THR A 168 16.02 0.93 19.74
N SER A 169 16.81 0.88 18.66
CA SER A 169 16.29 0.67 17.31
C SER A 169 17.47 0.36 16.39
N ALA A 170 17.19 0.36 15.09
CA ALA A 170 18.17 0.10 14.04
C ALA A 170 18.17 1.34 13.14
N CYS A 171 19.28 2.06 13.13
CA CYS A 171 19.39 3.28 12.35
C CYS A 171 19.44 3.00 10.85
N THR A 172 18.91 3.94 10.08
CA THR A 172 18.86 3.85 8.63
C THR A 172 19.91 4.77 8.03
N GLN A 173 20.73 4.25 7.13
CA GLN A 173 21.75 5.07 6.49
C GLN A 173 21.09 6.08 5.58
N ALA A 174 21.56 7.33 5.64
CA ALA A 174 20.99 8.39 4.82
C ALA A 174 21.27 8.15 3.35
N CYS A 175 20.31 8.48 2.51
CA CYS A 175 20.46 8.29 1.07
C CYS A 175 21.48 9.30 0.55
N PRO A 176 22.56 8.85 -0.10
CA PRO A 176 23.55 9.81 -0.62
C PRO A 176 23.02 10.72 -1.71
N LYS A 177 22.09 10.22 -2.53
CA LYS A 177 21.49 11.03 -3.59
C LYS A 177 20.59 12.12 -3.01
N VAL A 178 20.02 11.88 -1.83
CA VAL A 178 19.15 12.84 -1.15
C VAL A 178 20.02 13.81 -0.37
N SER A 179 19.82 15.11 -0.61
CA SER A 179 20.58 16.15 0.07
C SER A 179 19.78 16.74 1.22
N PHE A 180 20.51 17.35 2.16
CA PHE A 180 19.91 17.96 3.33
C PHE A 180 19.86 19.48 3.24
N GLU A 181 19.90 20.04 2.05
CA GLU A 181 19.86 21.49 1.89
C GLU A 181 18.47 22.03 2.20
N PRO A 182 18.35 22.99 3.12
CA PRO A 182 17.03 23.54 3.45
C PRO A 182 16.51 24.48 2.37
N ILE A 183 15.83 23.93 1.36
CA ILE A 183 15.28 24.73 0.26
C ILE A 183 14.09 25.52 0.78
N PRO A 184 13.76 26.67 0.19
CA PRO A 184 12.58 27.43 0.67
C PRO A 184 11.31 26.70 0.31
N ILE A 185 10.33 26.78 1.19
CA ILE A 185 9.04 26.13 1.01
C ILE A 185 7.95 27.20 1.01
N HIS A 186 6.82 26.88 0.41
CA HIS A 186 5.68 27.79 0.31
C HIS A 186 4.41 27.05 0.68
N TYR A 187 3.61 27.65 1.56
CA TYR A 187 2.34 27.07 2.00
C TYR A 187 1.20 27.89 1.44
N CYS A 188 0.31 27.23 0.70
CA CYS A 188 -0.83 27.86 0.06
C CYS A 188 -2.12 27.26 0.59
N ALA A 189 -3.11 28.09 0.71
CA ALA A 189 -4.42 27.69 1.18
C ALA A 189 -5.26 27.16 0.02
N PRO A 190 -6.09 26.14 0.24
CA PRO A 190 -6.93 25.61 -0.83
C PRO A 190 -8.09 26.54 -1.15
N ALA A 191 -8.97 26.07 -2.03
CA ALA A 191 -10.13 26.86 -2.43
C ALA A 191 -11.07 27.05 -1.25
N GLY A 192 -11.60 28.26 -1.12
CA GLY A 192 -12.49 28.59 -0.03
C GLY A 192 -11.78 29.02 1.24
N PHE A 193 -10.47 29.14 1.21
CA PHE A 193 -9.66 29.54 2.35
C PHE A 193 -8.74 30.68 1.93
N ALA A 194 -8.20 31.38 2.92
CA ALA A 194 -7.31 32.50 2.65
C ALA A 194 -6.28 32.60 3.76
N ILE A 195 -5.12 33.16 3.43
CA ILE A 195 -4.02 33.35 4.37
C ILE A 195 -3.88 34.84 4.62
N LEU A 196 -4.07 35.25 5.87
CA LEU A 196 -3.98 36.66 6.25
C LEU A 196 -2.56 36.95 6.74
N LYS A 197 -1.91 37.93 6.10
CA LYS A 197 -0.55 38.32 6.45
C LYS A 197 -0.58 39.67 7.15
N CYS A 198 0.04 39.73 8.33
CA CYS A 198 0.10 40.96 9.12
C CYS A 198 1.36 41.72 8.73
N LYS A 199 1.18 42.83 8.01
CA LYS A 199 2.28 43.66 7.56
C LYS A 199 2.66 44.76 8.53
N ASP A 200 2.01 44.82 9.69
CA ASP A 200 2.31 45.85 10.67
C ASP A 200 3.64 45.59 11.36
N LYS A 201 4.46 46.62 11.49
CA LYS A 201 5.73 46.50 12.16
C LYS A 201 5.52 46.52 13.67
N LYS A 202 6.57 46.17 14.41
CA LYS A 202 6.59 46.10 15.88
C LYS A 202 5.51 45.15 16.41
N PHE A 203 5.26 44.07 15.67
CA PHE A 203 4.26 43.09 16.05
C PHE A 203 4.87 42.06 16.99
N ASN A 204 4.31 41.92 18.19
CA ASN A 204 4.80 40.98 19.19
C ASN A 204 4.18 39.60 19.08
N GLY A 205 3.47 39.30 17.99
CA GLY A 205 2.85 38.01 17.80
C GLY A 205 1.47 37.85 18.35
N THR A 206 0.99 38.79 19.16
CA THR A 206 -0.36 38.71 19.72
C THR A 206 -1.03 40.07 19.62
N GLY A 207 -2.34 40.08 19.81
CA GLY A 207 -3.11 41.30 19.74
C GLY A 207 -3.57 41.61 18.33
N PRO A 208 -4.37 42.66 18.19
CA PRO A 208 -4.87 43.05 16.86
C PRO A 208 -3.77 43.60 15.98
N CYS A 209 -3.93 43.38 14.67
CA CYS A 209 -2.98 43.85 13.66
C CYS A 209 -3.65 44.92 12.82
N PRO A 210 -3.17 46.17 12.82
CA PRO A 210 -3.81 47.21 12.02
C PRO A 210 -3.49 47.16 10.53
N SER A 211 -2.57 46.32 10.08
CA SER A 211 -2.23 46.23 8.66
C SER A 211 -2.22 44.76 8.26
N VAL A 212 -3.38 44.27 7.81
CA VAL A 212 -3.54 42.89 7.39
C VAL A 212 -3.68 42.85 5.88
N SER A 213 -3.05 41.85 5.26
CA SER A 213 -3.09 41.65 3.82
C SER A 213 -3.29 40.17 3.56
N THR A 214 -3.85 39.84 2.40
CA THR A 214 -4.09 38.45 2.04
C THR A 214 -3.13 38.02 0.94
N VAL A 215 -2.71 36.76 1.00
CA VAL A 215 -1.79 36.17 0.04
C VAL A 215 -2.23 34.74 -0.24
N GLN A 216 -2.10 34.31 -1.50
CA GLN A 216 -2.50 32.95 -1.83
C GLN A 216 -1.49 31.94 -1.32
N CYS A 217 -0.22 32.33 -1.24
CA CYS A 217 0.85 31.48 -0.76
C CYS A 217 1.78 32.28 0.14
N THR A 218 2.35 31.61 1.13
CA THR A 218 3.26 32.29 2.04
C THR A 218 4.64 32.47 1.38
N HIS A 219 5.49 33.23 2.04
CA HIS A 219 6.82 33.47 1.51
C HIS A 219 7.69 32.24 1.67
N GLY A 220 8.89 32.30 1.10
CA GLY A 220 9.82 31.19 1.18
C GLY A 220 10.28 30.95 2.60
N ILE A 221 9.79 29.88 3.21
CA ILE A 221 10.11 29.53 4.58
C ILE A 221 11.20 28.47 4.56
N LYS A 222 12.31 28.74 5.23
CA LYS A 222 13.42 27.80 5.28
C LYS A 222 13.26 26.87 6.47
N PRO A 223 13.10 25.56 6.26
CA PRO A 223 12.94 24.61 7.38
C PRO A 223 14.29 24.20 7.97
N VAL A 224 15.02 25.17 8.49
CA VAL A 224 16.33 24.93 9.08
C VAL A 224 16.15 24.37 10.49
N VAL A 225 16.74 23.21 10.73
CA VAL A 225 16.67 22.56 12.03
C VAL A 225 17.83 23.06 12.87
N SER A 226 17.53 23.73 13.98
CA SER A 226 18.56 24.27 14.86
C SER A 226 18.03 24.28 16.28
N THR A 227 18.94 24.42 17.24
CA THR A 227 18.58 24.44 18.65
C THR A 227 19.33 25.57 19.33
N GLN A 228 18.59 26.37 20.11
CA GLN A 228 18.98 27.52 20.93
C GLN A 228 19.28 28.78 20.12
N LEU A 229 19.43 28.70 18.79
CA LEU A 229 19.71 29.88 17.98
C LEU A 229 19.05 29.67 16.62
N LEU A 230 18.37 30.69 16.12
CA LEU A 230 17.71 30.60 14.82
C LEU A 230 18.72 30.93 13.72
N LEU A 231 18.77 30.08 12.71
CA LEU A 231 19.71 30.25 11.60
C LEU A 231 18.96 30.30 10.27
N ASN A 232 19.45 31.17 9.37
CA ASN A 232 18.91 31.37 8.03
C ASN A 232 17.42 31.72 8.04
N GLY A 233 17.02 32.55 9.00
CA GLY A 233 15.64 32.98 9.14
C GLY A 233 15.41 34.36 8.58
N SER A 234 14.19 34.83 8.76
CA SER A 234 13.80 36.15 8.29
C SER A 234 14.15 37.20 9.32
N LEU A 235 14.87 38.24 8.89
CA LEU A 235 15.28 39.31 9.79
C LEU A 235 14.08 40.18 10.15
N ALA A 236 14.25 40.95 11.22
CA ALA A 236 13.18 41.83 11.67
C ALA A 236 13.05 43.04 10.74
N GLU A 237 11.97 43.79 10.93
CA GLU A 237 11.72 44.96 10.09
C GLU A 237 12.63 46.13 10.47
N GLU A 238 12.57 46.57 11.72
CA GLU A 238 13.40 47.71 12.13
C GLU A 238 14.15 47.52 13.44
N GLU A 239 13.73 46.66 14.36
CA GLU A 239 14.45 46.50 15.61
C GLU A 239 14.21 45.09 16.15
N VAL A 240 14.99 44.73 17.17
CA VAL A 240 14.89 43.42 17.79
C VAL A 240 13.53 43.28 18.48
N MET A 241 12.88 42.14 18.26
CA MET A 241 11.58 41.86 18.83
C MET A 241 11.66 40.70 19.81
N ILE A 242 10.99 40.86 20.96
CA ILE A 242 10.94 39.86 22.02
C ILE A 242 9.54 39.29 22.03
N ARG A 243 9.42 37.99 21.78
CA ARG A 243 8.12 37.32 21.74
C ARG A 243 8.09 36.13 22.69
N SER A 244 7.02 36.05 23.47
CA SER A 244 6.78 34.97 24.43
C SER A 244 5.29 34.94 24.71
N GLU A 245 4.81 33.77 25.18
CA GLU A 245 3.40 33.64 25.51
C GLU A 245 3.05 34.50 26.71
N ASN A 246 3.93 34.50 27.70
CA ASN A 246 3.77 35.27 28.93
C ASN A 246 5.16 35.64 29.41
N ILE A 247 5.46 36.94 29.45
CA ILE A 247 6.77 37.42 29.88
C ILE A 247 7.00 37.07 31.34
N THR A 248 5.97 37.24 32.18
CA THR A 248 6.08 36.94 33.59
C THR A 248 6.23 35.45 33.88
N ASN A 249 5.83 34.58 32.96
CA ASN A 249 5.93 33.15 33.15
C ASN A 249 7.30 32.68 32.65
N ASN A 250 8.11 32.15 33.57
CA ASN A 250 9.44 31.67 33.24
C ASN A 250 9.43 30.29 32.60
N ALA A 251 8.31 29.57 32.64
CA ALA A 251 8.23 28.24 32.04
C ALA A 251 8.05 28.27 30.54
N LYS A 252 7.81 29.43 29.94
CA LYS A 252 7.62 29.56 28.51
C LYS A 252 8.88 30.10 27.86
N ASN A 253 9.21 29.57 26.67
CA ASN A 253 10.39 30.01 25.95
C ASN A 253 10.21 31.42 25.41
N ILE A 254 11.32 32.13 25.29
CA ILE A 254 11.33 33.50 24.79
C ILE A 254 11.96 33.48 23.41
N LEU A 255 11.19 33.87 22.40
CA LEU A 255 11.67 33.90 21.03
C LEU A 255 12.14 35.31 20.70
N VAL A 256 13.42 35.45 20.41
CA VAL A 256 14.05 36.73 20.07
C VAL A 256 14.34 36.72 18.58
N GLN A 257 14.03 37.83 17.90
CA GLN A 257 14.27 37.97 16.46
C GLN A 257 15.20 39.15 16.25
N PHE A 258 16.28 38.92 15.52
CA PHE A 258 17.24 39.98 15.26
C PHE A 258 16.85 40.82 14.05
N ASN A 259 17.33 42.06 14.04
CA ASN A 259 17.09 42.98 12.93
C ASN A 259 18.28 43.02 11.99
N THR A 260 19.47 42.68 12.49
CA THR A 260 20.70 42.63 11.73
C THR A 260 21.30 41.25 11.92
N PRO A 261 21.60 40.50 10.86
CA PRO A 261 22.16 39.16 11.03
C PRO A 261 23.59 39.20 11.56
N VAL A 262 23.93 38.14 12.30
CA VAL A 262 25.25 37.96 12.89
C VAL A 262 25.93 36.83 12.14
N GLN A 263 27.00 37.16 11.40
CA GLN A 263 27.72 36.17 10.61
C GLN A 263 28.37 35.11 11.51
N ILE A 264 28.35 33.87 11.02
CA ILE A 264 28.91 32.74 11.75
C ILE A 264 29.52 31.75 10.75
N ASN A 265 30.83 31.49 10.87
CA ASN A 265 31.55 30.61 9.97
C ASN A 265 31.94 29.32 10.67
N CYS A 266 31.37 28.20 10.22
CA CYS A 266 31.66 26.89 10.77
C CYS A 266 32.42 26.03 9.78
N THR A 267 33.30 25.17 10.32
CA THR A 267 34.10 24.25 9.52
C THR A 267 34.72 23.17 10.40
N ARG A 268 35.22 22.11 9.78
CA ARG A 268 35.89 21.03 10.47
C ARG A 268 37.18 20.77 9.70
N PRO A 269 38.35 20.93 10.31
CA PRO A 269 39.61 20.73 9.55
C PRO A 269 39.95 19.28 9.25
N ASN A 270 39.13 18.31 9.66
CA ASN A 270 39.44 16.92 9.39
C ASN A 270 39.14 16.58 7.94
N ASN A 271 40.11 15.99 7.26
CA ASN A 271 39.98 15.59 5.86
C ASN A 271 39.44 14.16 5.87
N ASN A 272 38.11 14.05 6.01
CA ASN A 272 37.46 12.76 6.06
C ASN A 272 37.52 12.04 4.72
N THR A 273 37.66 10.71 4.80
CA THR A 273 37.71 9.84 3.64
C THR A 273 36.58 8.84 3.74
N ARG A 274 35.86 8.63 2.65
CA ARG A 274 34.73 7.72 2.61
C ARG A 274 35.12 6.38 1.99
N LYS A 275 34.71 5.31 2.66
CA LYS A 275 34.96 3.95 2.21
C LYS A 275 33.63 3.25 1.99
N SER A 276 33.47 2.63 0.82
CA SER A 276 32.25 1.93 0.49
C SER A 276 32.42 0.45 0.85
N ILE A 277 31.63 -0.02 1.80
CA ILE A 277 31.68 -1.40 2.27
C ILE A 277 30.36 -2.05 1.89
N ARG A 278 30.42 -3.05 1.00
CA ARG A 278 29.22 -3.77 0.55
C ARG A 278 28.83 -4.77 1.62
N ILE A 279 27.78 -4.43 2.38
CA ILE A 279 27.31 -5.30 3.44
C ILE A 279 26.37 -6.37 2.93
N GLY A 280 25.90 -6.26 1.69
CA GLY A 280 24.99 -7.21 1.13
C GLY A 280 24.76 -6.96 -0.34
N PRO A 281 23.79 -7.67 -0.94
CA PRO A 281 23.50 -7.47 -2.37
C PRO A 281 22.81 -6.14 -2.63
N GLY A 282 23.54 -5.20 -3.20
CA GLY A 282 23.00 -3.89 -3.50
C GLY A 282 22.98 -2.90 -2.35
N GLN A 283 23.54 -3.27 -1.21
CA GLN A 283 23.59 -2.39 -0.05
C GLN A 283 25.03 -2.10 0.30
N ALA A 284 25.36 -0.81 0.46
CA ALA A 284 26.71 -0.39 0.78
C ALA A 284 26.70 0.51 2.00
N PHE A 285 27.69 0.32 2.87
CA PHE A 285 27.85 1.10 4.08
C PHE A 285 29.02 2.05 3.87
N TYR A 286 28.77 3.34 4.03
CA TYR A 286 29.80 4.36 3.84
C TYR A 286 30.51 4.60 5.15
N ALA A 287 31.70 4.01 5.29
CA ALA A 287 32.50 4.13 6.49
C ALA A 287 33.47 5.30 6.38
N THR A 288 34.17 5.56 7.49
CA THR A 288 35.15 6.64 7.56
C THR A 288 36.55 6.03 7.58
N GLY A 289 37.37 6.41 6.61
CA GLY A 289 38.73 5.91 6.52
C GLY A 289 39.69 6.77 7.31
N ASP A 290 40.97 6.61 7.01
CA ASP A 290 42.01 7.37 7.69
C ASP A 290 41.94 8.84 7.32
N ILE A 291 42.18 9.70 8.30
CA ILE A 291 42.13 11.14 8.09
C ILE A 291 43.43 11.60 7.45
N ILE A 292 43.30 12.34 6.35
CA ILE A 292 44.48 12.86 5.64
C ILE A 292 44.96 14.11 6.36
N GLY A 293 46.22 14.11 6.77
CA GLY A 293 46.78 15.24 7.47
C GLY A 293 46.49 15.19 8.96
N ASP A 294 46.66 16.34 9.61
CA ASP A 294 46.44 16.44 11.03
C ASP A 294 44.94 16.48 11.35
N ILE A 295 44.59 15.96 12.52
CA ILE A 295 43.21 15.92 13.00
C ILE A 295 43.02 17.08 13.96
N ARG A 296 42.08 17.96 13.65
CA ARG A 296 41.80 19.12 14.48
C ARG A 296 40.34 19.10 14.94
N GLN A 297 40.08 19.82 16.02
CA GLN A 297 38.74 19.88 16.58
C GLN A 297 37.83 20.79 15.76
N ALA A 298 36.62 20.32 15.49
CA ALA A 298 35.65 21.12 14.75
C ALA A 298 35.20 22.28 15.61
N HIS A 299 35.32 23.48 15.06
CA HIS A 299 34.96 24.69 15.78
C HIS A 299 34.08 25.56 14.89
N CYS A 300 33.84 26.79 15.34
CA CYS A 300 33.01 27.73 14.62
C CYS A 300 33.30 29.15 15.09
N ASN A 301 33.52 30.05 14.13
CA ASN A 301 33.81 31.46 14.40
C ASN A 301 32.55 32.29 14.57
N VAL A 302 32.62 33.26 15.46
CA VAL A 302 31.55 34.22 15.75
C VAL A 302 32.24 35.53 16.10
N SER A 303 31.90 36.60 15.36
CA SER A 303 32.51 37.90 15.60
C SER A 303 32.12 38.43 16.97
N LYS A 304 33.11 38.92 17.72
CA LYS A 304 32.86 39.41 19.06
C LYS A 304 32.16 40.77 19.07
N ALA A 305 32.54 41.66 18.15
CA ALA A 305 31.92 43.00 18.11
C ALA A 305 30.45 42.93 17.71
N THR A 306 30.13 42.16 16.67
CA THR A 306 28.75 42.05 16.22
C THR A 306 27.89 41.34 17.26
N TRP A 307 28.45 40.30 17.91
CA TRP A 307 27.70 39.60 18.95
C TRP A 307 27.48 40.48 20.16
N ASN A 308 28.47 41.31 20.51
CA ASN A 308 28.31 42.21 21.65
C ASN A 308 27.25 43.27 21.37
N GLU A 309 27.26 43.84 20.16
CA GLU A 309 26.26 44.85 19.84
C GLU A 309 24.87 44.22 19.73
N THR A 310 24.80 42.97 19.27
CA THR A 310 23.50 42.29 19.17
C THR A 310 22.97 41.98 20.58
N LEU A 311 23.86 41.59 21.49
CA LEU A 311 23.46 41.33 22.86
C LEU A 311 23.04 42.63 23.54
N GLY A 312 23.69 43.74 23.17
CA GLY A 312 23.28 45.02 23.74
C GLY A 312 21.90 45.43 23.27
N LYS A 313 21.60 45.16 21.99
CA LYS A 313 20.27 45.45 21.47
C LYS A 313 19.22 44.58 22.14
N VAL A 314 19.56 43.30 22.37
CA VAL A 314 18.64 42.37 23.03
C VAL A 314 18.38 42.81 24.46
N VAL A 315 19.43 43.28 25.16
CA VAL A 315 19.30 43.75 26.54
C VAL A 315 18.42 45.01 26.57
N LYS A 316 18.64 45.92 25.62
CA LYS A 316 17.85 47.15 25.55
C LYS A 316 16.37 46.83 25.27
N GLN A 317 16.11 45.81 24.45
CA GLN A 317 14.73 45.45 24.17
C GLN A 317 14.10 44.71 25.34
N LEU A 318 14.90 43.95 26.09
CA LEU A 318 14.37 43.24 27.25
C LEU A 318 14.09 44.19 28.41
N ARG A 319 14.78 45.33 28.43
CA ARG A 319 14.56 46.31 29.48
C ARG A 319 13.20 46.98 29.33
N LYS A 320 12.61 46.93 28.13
CA LYS A 320 11.30 47.52 27.92
C LYS A 320 10.21 46.64 28.52
N HIS A 321 10.49 45.34 28.67
CA HIS A 321 9.51 44.42 29.23
C HIS A 321 9.74 44.20 30.72
N PHE A 322 11.01 44.12 31.14
CA PHE A 322 11.34 43.87 32.54
C PHE A 322 11.66 45.14 33.32
N GLY A 323 11.51 46.32 32.72
CA GLY A 323 11.78 47.56 33.40
C GLY A 323 13.27 47.89 33.41
N ASN A 324 13.56 49.12 33.81
CA ASN A 324 14.94 49.57 33.87
C ASN A 324 15.57 49.12 35.19
N ASN A 325 16.86 49.48 35.36
CA ASN A 325 17.72 49.17 36.53
C ASN A 325 17.79 47.67 36.86
N THR A 326 17.46 46.81 35.89
CA THR A 326 17.48 45.37 36.06
C THR A 326 18.78 44.82 35.51
N ILE A 327 19.46 44.00 36.30
CA ILE A 327 20.73 43.41 35.91
C ILE A 327 20.47 42.19 35.02
N ILE A 328 20.53 42.37 33.72
CA ILE A 328 20.30 41.26 32.78
C ILE A 328 21.61 40.49 32.63
N ARG A 329 21.58 39.20 32.95
CA ARG A 329 22.74 38.35 32.87
C ARG A 329 22.45 37.16 31.96
N PHE A 330 23.45 36.77 31.18
CA PHE A 330 23.35 35.65 30.26
C PHE A 330 24.21 34.50 30.76
N ALA A 331 23.61 33.32 30.86
CA ALA A 331 24.31 32.13 31.31
C ALA A 331 24.13 31.03 30.27
N ASN A 332 24.94 29.97 30.40
CA ASN A 332 24.84 28.87 29.46
C ASN A 332 23.72 27.91 29.85
N SER A 333 23.67 26.77 29.18
CA SER A 333 22.64 25.78 29.44
C SER A 333 22.81 25.17 30.83
N SER A 334 21.67 24.95 31.51
CA SER A 334 21.71 24.38 32.86
C SER A 334 22.10 22.91 32.83
N GLY A 335 21.47 22.13 31.96
CA GLY A 335 21.79 20.72 31.89
C GLY A 335 20.79 19.98 31.03
N GLY A 336 21.09 18.70 30.80
CA GLY A 336 20.28 17.81 30.01
C GLY A 336 21.15 17.06 29.03
N ASP A 337 20.52 16.55 27.97
CA ASP A 337 21.25 15.81 26.95
C ASP A 337 21.98 16.78 26.03
N LEU A 338 22.74 16.21 25.07
CA LEU A 338 23.50 17.02 24.14
C LEU A 338 22.60 17.72 23.12
N GLU A 339 21.36 17.26 22.97
CA GLU A 339 20.46 17.89 22.00
C GLU A 339 19.93 19.23 22.48
N VAL A 340 19.82 19.43 23.80
CA VAL A 340 19.28 20.68 24.31
C VAL A 340 20.36 21.54 24.95
N THR A 341 21.55 20.96 25.20
CA THR A 341 22.62 21.74 25.81
C THR A 341 23.59 22.31 24.78
N THR A 342 23.58 21.79 23.56
CA THR A 342 24.45 22.25 22.50
C THR A 342 23.61 22.66 21.31
N HIS A 343 24.15 23.55 20.50
CA HIS A 343 23.47 24.06 19.32
C HIS A 343 23.63 23.09 18.16
N SER A 344 22.50 22.61 17.63
CA SER A 344 22.45 21.64 16.53
C SER A 344 22.52 22.32 15.16
N PHE A 345 23.36 21.77 14.30
CA PHE A 345 23.64 22.25 12.95
C PHE A 345 23.41 21.17 11.92
N ASN A 346 23.17 21.60 10.68
CA ASN A 346 22.94 20.68 9.57
C ASN A 346 23.29 21.43 8.27
N CYS A 347 24.48 21.20 7.75
CA CYS A 347 24.89 21.84 6.50
C CYS A 347 25.98 20.99 5.86
N GLY A 348 25.68 20.44 4.70
CA GLY A 348 26.62 19.60 3.97
C GLY A 348 26.46 18.12 4.25
N GLY A 349 25.82 17.75 5.36
CA GLY A 349 25.62 16.36 5.72
C GLY A 349 26.12 16.00 7.10
N GLU A 350 26.92 16.84 7.73
CA GLU A 350 27.46 16.57 9.06
C GLU A 350 26.67 17.36 10.09
N PHE A 351 26.36 16.71 11.21
CA PHE A 351 25.60 17.33 12.28
C PHE A 351 26.56 17.78 13.38
N PHE A 352 26.52 19.07 13.71
CA PHE A 352 27.39 19.65 14.72
C PHE A 352 26.64 19.83 16.03
N TYR A 353 27.41 19.95 17.11
CA TYR A 353 26.89 20.16 18.46
C TYR A 353 27.94 21.05 19.14
N CYS A 354 27.75 22.35 19.05
CA CYS A 354 28.70 23.33 19.58
C CYS A 354 28.36 23.82 20.98
N ASN A 355 29.41 24.05 21.75
CA ASN A 355 29.33 24.55 23.12
C ASN A 355 29.12 26.06 23.01
N THR A 356 27.91 26.51 23.30
CA THR A 356 27.55 27.92 23.21
C THR A 356 27.78 28.70 24.50
N SER A 357 28.58 28.17 25.42
CA SER A 357 28.85 28.87 26.67
C SER A 357 29.68 30.13 26.48
N GLY A 358 30.44 30.22 25.38
CA GLY A 358 31.25 31.39 25.13
C GLY A 358 30.47 32.59 24.65
N LEU A 359 29.24 32.39 24.18
CA LEU A 359 28.41 33.48 23.69
C LEU A 359 27.54 34.07 24.80
N PHE A 360 26.87 33.22 25.55
CA PHE A 360 25.97 33.66 26.63
C PHE A 360 26.73 33.69 27.95
N ASN A 361 27.72 34.59 28.01
CA ASN A 361 28.55 34.77 29.20
C ASN A 361 28.85 36.26 29.30
N SER A 362 27.97 37.00 29.98
CA SER A 362 28.12 38.45 30.15
C SER A 362 27.15 38.91 31.23
N THR A 363 27.40 40.12 31.73
CA THR A 363 26.58 40.76 32.74
C THR A 363 26.41 42.22 32.35
N TRP A 364 25.17 42.70 32.36
CA TRP A 364 24.85 44.07 31.98
C TRP A 364 24.32 44.84 33.17
N ILE A 365 24.88 46.02 33.42
CA ILE A 365 24.49 46.88 34.52
C ILE A 365 23.84 48.13 33.94
N SER A 366 22.58 48.36 34.30
CA SER A 366 21.77 49.52 33.87
C SER A 366 21.73 49.70 32.34
N ASP A 380 39.23 38.78 18.71
CA ASP A 380 38.47 39.39 17.64
C ASP A 380 37.26 38.56 17.27
N SER A 381 37.38 37.24 17.39
CA SER A 381 36.30 36.32 17.08
C SER A 381 36.16 35.28 18.19
N ILE A 382 34.92 34.90 18.48
CA ILE A 382 34.63 33.93 19.52
C ILE A 382 34.62 32.54 18.88
N THR A 383 35.43 31.63 19.42
CA THR A 383 35.53 30.28 18.92
C THR A 383 34.72 29.34 19.79
N LEU A 384 33.80 28.60 19.18
CA LEU A 384 32.94 27.67 19.90
C LEU A 384 33.32 26.23 19.56
N PRO A 385 33.77 25.42 20.52
CA PRO A 385 34.12 24.03 20.20
C PRO A 385 32.87 23.23 19.89
N CYS A 386 32.95 22.40 18.85
CA CYS A 386 31.82 21.59 18.42
C CYS A 386 32.20 20.12 18.38
N ARG A 387 31.18 19.26 18.50
CA ARG A 387 31.34 17.82 18.48
C ARG A 387 30.48 17.26 17.35
N ILE A 388 31.00 16.24 16.68
CA ILE A 388 30.31 15.60 15.56
C ILE A 388 29.68 14.30 16.03
N LYS A 389 28.43 14.09 15.66
CA LYS A 389 27.69 12.89 16.02
C LYS A 389 26.99 12.36 14.77
N GLN A 390 27.22 11.09 14.46
CA GLN A 390 26.62 10.45 13.30
C GLN A 390 25.24 9.87 13.59
N ILE A 391 25.11 9.01 14.59
CA ILE A 391 23.82 8.44 14.96
C ILE A 391 23.15 9.51 15.82
N ILE A 392 22.03 10.06 15.34
CA ILE A 392 21.35 11.13 16.06
C ILE A 392 19.84 10.92 16.09
N ASN A 393 19.20 11.56 17.08
CA ASN A 393 17.75 11.55 17.25
C ASN A 393 17.29 13.01 17.19
N MET A 394 17.12 13.47 15.96
CA MET A 394 16.75 14.87 15.69
C MET A 394 15.37 15.25 16.20
N TRP A 395 14.36 14.42 15.95
CA TRP A 395 13.00 14.74 16.37
C TRP A 395 12.67 14.25 17.77
N GLN A 396 13.69 13.89 18.56
CA GLN A 396 13.56 13.40 19.93
C GLN A 396 12.63 12.19 20.04
N ARG A 397 12.60 11.35 19.01
CA ARG A 397 11.75 10.18 18.99
C ARG A 397 12.54 8.94 19.38
N ILE A 398 11.88 8.06 20.14
CA ILE A 398 12.47 6.81 20.59
C ILE A 398 12.08 5.73 19.60
N GLY A 399 13.07 5.12 18.96
CA GLY A 399 12.85 4.08 17.98
C GLY A 399 13.14 4.48 16.56
N GLN A 400 13.56 5.72 16.32
CA GLN A 400 13.89 6.22 14.99
C GLN A 400 15.22 6.94 15.05
N CYS A 401 16.13 6.54 14.17
CA CYS A 401 17.45 7.16 14.10
C CYS A 401 18.01 6.99 12.70
N MET A 402 18.93 7.87 12.34
CA MET A 402 19.57 7.81 11.04
C MET A 402 21.08 7.99 11.21
N TYR A 403 21.83 7.29 10.37
CA TYR A 403 23.28 7.35 10.38
C TYR A 403 23.71 8.31 9.29
N ALA A 404 24.42 9.37 9.66
CA ALA A 404 24.89 10.34 8.69
C ALA A 404 26.23 9.87 8.13
N PRO A 405 26.31 9.54 6.84
CA PRO A 405 27.57 9.07 6.28
C PRO A 405 28.57 10.20 6.17
N PRO A 406 29.86 9.91 6.27
CA PRO A 406 30.87 10.97 6.16
C PRO A 406 30.97 11.48 4.72
N ILE A 407 31.38 12.74 4.60
CA ILE A 407 31.53 13.39 3.31
C ILE A 407 33.01 13.66 3.07
N GLN A 408 33.41 13.58 1.79
CA GLN A 408 34.80 13.77 1.41
C GLN A 408 35.24 15.22 1.57
N GLY A 409 36.52 15.39 1.91
CA GLY A 409 37.14 16.69 2.06
C GLY A 409 36.69 17.60 3.18
N VAL A 410 37.44 18.69 3.37
CA VAL A 410 37.13 19.68 4.38
C VAL A 410 35.92 20.50 3.94
N ILE A 411 34.95 20.63 4.83
CA ILE A 411 33.72 21.37 4.55
C ILE A 411 33.75 22.71 5.25
N ARG A 412 32.99 23.66 4.72
CA ARG A 412 32.88 25.01 5.25
C ARG A 412 31.40 25.37 5.29
N CYS A 413 30.93 25.84 6.45
CA CYS A 413 29.54 26.21 6.63
C CYS A 413 29.48 27.68 6.99
N VAL A 414 28.91 28.50 6.10
CA VAL A 414 28.77 29.93 6.31
C VAL A 414 27.29 30.28 6.32
N SER A 415 26.86 30.92 7.40
CA SER A 415 25.45 31.32 7.56
C SER A 415 25.42 32.52 8.50
N ASN A 416 24.22 32.90 8.92
CA ASN A 416 24.07 34.02 9.83
C ASN A 416 22.96 33.71 10.83
N ILE A 417 23.13 34.22 12.06
CA ILE A 417 22.16 34.01 13.12
C ILE A 417 21.09 35.08 13.03
N THR A 418 19.82 34.65 12.98
CA THR A 418 18.70 35.57 12.89
C THR A 418 17.84 35.59 14.15
N GLY A 419 18.19 34.80 15.17
CA GLY A 419 17.39 34.81 16.37
C GLY A 419 17.90 33.81 17.38
N LEU A 420 17.27 33.84 18.56
CA LEU A 420 17.62 32.96 19.67
C LEU A 420 16.37 32.45 20.34
N ILE A 421 16.53 31.39 21.11
CA ILE A 421 15.45 30.79 21.89
C ILE A 421 15.94 30.81 23.34
N LEU A 422 15.60 31.86 24.06
CA LEU A 422 16.04 32.03 25.43
C LEU A 422 14.99 31.57 26.44
N THR A 423 15.47 31.24 27.64
CA THR A 423 14.65 30.80 28.75
C THR A 423 15.10 31.59 29.98
N ARG A 424 14.15 31.87 30.87
CA ARG A 424 14.44 32.63 32.08
C ARG A 424 14.28 31.76 33.31
N ASP A 425 15.14 31.98 34.30
CA ASP A 425 15.09 31.22 35.54
C ASP A 425 14.06 31.84 36.49
N GLY A 426 13.28 30.99 37.14
CA GLY A 426 12.27 31.49 38.05
C GLY A 426 12.86 32.02 39.34
N GLY A 427 12.16 32.97 39.95
CA GLY A 427 12.59 33.58 41.19
C GLY A 427 11.46 34.34 41.83
N SER A 428 11.42 34.29 43.16
CA SER A 428 10.37 34.98 43.92
C SER A 428 10.81 36.38 44.35
N THR A 429 11.25 37.17 43.36
CA THR A 429 11.71 38.55 43.54
C THR A 429 12.83 38.65 44.58
N ASN A 430 13.77 37.70 44.53
CA ASN A 430 14.87 37.71 45.49
C ASN A 430 15.84 38.86 45.24
N SER A 431 16.04 39.23 43.97
CA SER A 431 16.94 40.32 43.63
C SER A 431 16.49 40.89 42.29
N THR A 432 17.16 41.97 41.88
CA THR A 432 16.88 42.64 40.61
C THR A 432 17.73 42.12 39.47
N THR A 433 18.17 40.86 39.55
CA THR A 433 19.00 40.24 38.52
C THR A 433 18.21 39.14 37.82
N GLU A 434 18.14 39.21 36.50
CA GLU A 434 17.43 38.24 35.68
C GLU A 434 18.46 37.46 34.86
N THR A 435 18.43 36.14 34.97
CA THR A 435 19.36 35.28 34.24
C THR A 435 18.65 34.66 33.05
N PHE A 436 19.23 34.83 31.87
CA PHE A 436 18.68 34.29 30.64
C PHE A 436 19.58 33.18 30.13
N ARG A 437 18.99 32.03 29.85
CA ARG A 437 19.71 30.86 29.37
C ARG A 437 19.08 30.35 28.09
N PRO A 438 19.87 29.75 27.20
CA PRO A 438 19.30 29.21 25.95
C PRO A 438 18.44 27.99 26.23
N GLY A 439 17.48 27.75 25.34
CA GLY A 439 16.60 26.62 25.53
C GLY A 439 16.21 25.87 24.26
N GLY A 440 15.28 24.94 24.41
CA GLY A 440 14.81 24.13 23.31
C GLY A 440 13.69 23.20 23.75
N GLY A 441 13.77 21.94 23.36
CA GLY A 441 12.76 20.96 23.72
C GLY A 441 11.52 20.98 22.85
N ASP A 442 11.48 21.86 21.85
CA ASP A 442 10.33 21.95 20.95
C ASP A 442 10.85 22.41 19.61
N MET A 443 10.75 21.56 18.58
CA MET A 443 11.30 21.92 17.26
C MET A 443 10.38 22.97 16.60
N ARG A 444 9.12 23.04 17.05
CA ARG A 444 8.19 23.98 16.44
C ARG A 444 8.54 25.44 16.70
N ASP A 445 9.40 25.71 17.69
CA ASP A 445 9.76 27.09 17.98
C ASP A 445 10.64 27.70 16.89
N ASN A 446 11.34 26.86 16.11
CA ASN A 446 12.21 27.37 15.05
C ASN A 446 11.38 27.94 13.90
N TRP A 447 10.30 27.25 13.55
CA TRP A 447 9.41 27.69 12.49
C TRP A 447 8.33 28.66 12.97
N ARG A 448 8.15 28.77 14.29
CA ARG A 448 7.15 29.69 14.81
C ARG A 448 7.58 31.13 14.60
N SER A 449 8.89 31.36 14.48
CA SER A 449 9.42 32.69 14.20
C SER A 449 9.25 33.09 12.74
N GLU A 450 8.84 32.15 11.90
CA GLU A 450 8.60 32.39 10.48
C GLU A 450 7.13 32.35 10.11
N LEU A 451 6.32 31.58 10.85
CA LEU A 451 4.90 31.48 10.58
C LEU A 451 4.06 32.39 11.47
N TYR A 452 4.67 33.38 12.13
CA TYR A 452 3.93 34.27 13.01
C TYR A 452 3.12 35.32 12.25
N LYS A 453 3.50 35.64 11.01
CA LYS A 453 2.78 36.65 10.26
C LYS A 453 1.56 36.10 9.53
N TYR A 454 1.42 34.80 9.43
CA TYR A 454 0.29 34.21 8.70
C TYR A 454 -0.75 33.60 9.61
N LYS A 455 -1.95 33.44 9.05
CA LYS A 455 -3.10 32.87 9.73
C LYS A 455 -4.08 32.37 8.67
N VAL A 456 -4.68 31.21 8.92
CA VAL A 456 -5.63 30.60 7.99
C VAL A 456 -7.05 30.88 8.46
N VAL A 457 -7.91 31.32 7.54
CA VAL A 457 -9.30 31.63 7.85
C VAL A 457 -10.23 30.95 6.86
N LYS A 458 -11.48 30.76 7.27
CA LYS A 458 -12.51 30.13 6.45
C LYS A 458 -13.39 31.21 5.83
N ILE A 459 -13.42 31.24 4.50
CA ILE A 459 -14.23 32.24 3.78
C ILE A 459 -15.70 31.88 3.90
N GLU A 460 -16.51 32.86 4.28
CA GLU A 460 -17.96 32.69 4.43
C GLU A 460 -18.64 33.58 3.40
N PRO A 461 -18.94 33.07 2.21
CA PRO A 461 -19.58 33.90 1.18
C PRO A 461 -21.04 34.24 1.45
N LEU A 462 -21.76 33.43 2.22
CA LEU A 462 -23.16 33.71 2.48
C LEU A 462 -23.32 34.85 3.48
N GLY A 463 -24.33 35.69 3.24
CA GLY A 463 -24.61 36.82 4.10
C GLY A 463 -26.03 37.27 3.93
N VAL A 464 -26.59 37.84 5.00
CA VAL A 464 -27.97 38.32 5.01
C VAL A 464 -27.99 39.76 5.54
N ALA A 465 -28.78 40.60 4.90
CA ALA A 465 -28.91 42.01 5.26
C ALA A 465 -30.30 42.48 4.88
N PRO A 466 -30.84 43.48 5.58
CA PRO A 466 -32.18 43.96 5.23
C PRO A 466 -32.17 45.11 4.22
N THR A 467 -33.07 45.02 3.25
CA THR A 467 -33.24 46.02 2.21
C THR A 467 -34.72 46.01 1.83
N ARG A 468 -35.18 47.07 1.18
CA ARG A 468 -36.58 47.20 0.78
C ARG A 468 -36.92 46.39 -0.47
N CYS A 469 -36.87 45.06 -0.38
CA CYS A 469 -37.21 44.16 -1.48
C CYS A 469 -38.29 43.17 -1.13
N LYS A 470 -39.10 42.83 -2.13
CA LYS A 470 -40.16 41.83 -2.00
C LYS A 470 -40.35 41.24 -3.39
N ARG A 471 -40.18 39.93 -3.50
CA ARG A 471 -40.32 39.26 -4.79
C ARG A 471 -41.76 39.33 -5.29
N ARG A 472 -41.89 39.56 -6.59
CA ARG A 472 -43.19 39.66 -7.25
C ARG A 472 -43.67 38.26 -7.64
N VAL A 473 -44.86 37.91 -7.19
CA VAL A 473 -45.44 36.60 -7.48
C VAL A 473 -45.98 36.57 -8.90
N LEU B 8 -9.39 45.92 -7.12
CA LEU B 8 -9.12 45.65 -5.71
C LEU B 8 -8.64 44.22 -5.51
N GLY B 9 -9.16 43.31 -6.32
CA GLY B 9 -8.79 41.91 -6.22
C GLY B 9 -9.67 41.13 -5.27
N PHE B 10 -9.23 39.91 -5.00
CA PHE B 10 -9.96 39.02 -4.10
C PHE B 10 -9.85 39.51 -2.66
N LEU B 11 -10.99 39.59 -1.98
CA LEU B 11 -11.15 40.03 -0.59
C LEU B 11 -10.70 41.46 -0.34
N GLY B 12 -10.51 42.26 -1.40
CA GLY B 12 -10.05 43.63 -1.21
C GLY B 12 -11.09 44.56 -0.63
N ALA B 13 -12.38 44.24 -0.81
CA ALA B 13 -13.46 45.06 -0.30
C ALA B 13 -13.92 44.63 1.09
N ALA B 14 -13.06 43.98 1.85
CA ALA B 14 -13.43 43.54 3.20
C ALA B 14 -13.55 44.72 4.15
N GLY B 15 -12.62 45.67 4.07
CA GLY B 15 -12.66 46.83 4.95
C GLY B 15 -13.57 47.95 4.49
N SER B 16 -14.11 47.86 3.28
CA SER B 16 -15.00 48.88 2.77
C SER B 16 -16.40 48.68 3.34
N THR B 17 -17.29 49.61 3.00
CA THR B 17 -18.66 49.54 3.46
C THR B 17 -19.39 48.40 2.75
N MET B 18 -20.54 48.00 3.31
CA MET B 18 -21.32 46.91 2.72
C MET B 18 -21.89 47.33 1.37
N GLY B 19 -22.21 48.61 1.22
CA GLY B 19 -22.74 49.08 -0.06
C GLY B 19 -21.68 49.05 -1.15
N ALA B 20 -20.43 49.37 -0.78
CA ALA B 20 -19.35 49.34 -1.75
C ALA B 20 -18.88 47.91 -2.01
N ALA B 21 -18.95 47.06 -1.00
CA ALA B 21 -18.52 45.66 -1.16
C ALA B 21 -19.55 44.82 -1.89
N SER B 22 -20.77 45.34 -2.10
CA SER B 22 -21.79 44.59 -2.81
C SER B 22 -21.52 44.50 -4.30
N MET B 23 -20.65 45.36 -4.82
CA MET B 23 -20.30 45.36 -6.24
C MET B 23 -19.13 44.45 -6.56
N THR B 24 -18.49 43.87 -5.54
CA THR B 24 -17.35 42.98 -5.74
C THR B 24 -17.66 41.54 -5.33
N LEU B 25 -18.91 41.10 -5.50
CA LEU B 25 -19.26 39.74 -5.12
C LEU B 25 -18.82 38.72 -6.18
N THR B 26 -18.47 39.19 -7.38
CA THR B 26 -18.05 38.27 -8.44
C THR B 26 -16.63 37.78 -8.20
N VAL B 27 -15.75 38.63 -7.68
CA VAL B 27 -14.35 38.23 -7.46
C VAL B 27 -14.24 37.29 -6.27
N GLN B 28 -15.22 37.30 -5.36
CA GLN B 28 -15.16 36.40 -4.22
C GLN B 28 -15.79 35.05 -4.53
N ALA B 29 -16.82 35.03 -5.38
CA ALA B 29 -17.49 33.78 -5.72
C ALA B 29 -16.63 32.91 -6.63
N ARG B 30 -15.86 33.53 -7.52
CA ARG B 30 -15.02 32.75 -8.44
C ARG B 30 -13.79 32.17 -7.76
N ASN B 31 -13.45 32.61 -6.55
CA ASN B 31 -12.29 32.10 -5.84
C ASN B 31 -12.64 30.97 -4.87
N LEU B 32 -13.87 30.48 -4.90
CA LEU B 32 -14.29 29.40 -4.01
C LEU B 32 -14.07 28.02 -4.60
N LEU B 33 -13.56 27.93 -5.82
CA LEU B 33 -13.31 26.63 -6.45
C LEU B 33 -11.88 26.55 -6.98
N LEU B 56 4.28 10.58 -0.80
CA LEU B 56 3.88 10.10 -2.12
C LEU B 56 2.37 9.90 -2.17
N THR B 57 1.91 8.76 -1.65
CA THR B 57 0.49 8.46 -1.64
C THR B 57 -0.26 9.26 -0.58
N VAL B 58 0.31 9.38 0.62
CA VAL B 58 -0.34 10.14 1.70
C VAL B 58 -0.40 11.62 1.35
N TRP B 59 0.55 12.12 0.56
CA TRP B 59 0.50 13.53 0.18
C TRP B 59 -0.61 13.75 -0.85
N GLY B 60 -0.79 12.78 -1.75
CA GLY B 60 -1.87 12.88 -2.72
C GLY B 60 -3.21 12.81 -2.05
N ILE B 61 -3.32 11.98 -1.00
CA ILE B 61 -4.56 11.87 -0.24
C ILE B 61 -4.81 13.16 0.53
N LYS B 62 -3.74 13.72 1.10
CA LYS B 62 -3.89 15.00 1.83
C LYS B 62 -4.44 16.05 0.87
N GLN B 63 -3.85 16.14 -0.33
CA GLN B 63 -4.27 17.17 -1.27
C GLN B 63 -5.68 16.92 -1.76
N LEU B 64 -6.02 15.65 -2.01
CA LEU B 64 -7.34 15.27 -2.49
C LEU B 64 -8.42 15.55 -1.46
N GLN B 65 -8.06 15.46 -0.17
CA GLN B 65 -9.03 15.72 0.90
C GLN B 65 -9.48 17.17 0.88
N ALA B 66 -8.53 18.10 0.77
CA ALA B 66 -8.89 19.52 0.71
C ALA B 66 -9.55 19.85 -0.62
N ARG B 67 -9.10 19.19 -1.70
CA ARG B 67 -9.65 19.39 -3.04
C ARG B 67 -11.13 19.01 -3.08
N VAL B 68 -11.50 17.93 -2.38
CA VAL B 68 -12.90 17.54 -2.37
C VAL B 68 -13.66 18.30 -1.28
N LEU B 69 -12.98 18.76 -0.22
CA LEU B 69 -13.64 19.51 0.85
C LEU B 69 -14.15 20.84 0.31
N ALA B 70 -13.37 21.48 -0.56
CA ALA B 70 -13.80 22.73 -1.16
C ALA B 70 -15.03 22.50 -2.04
N VAL B 71 -15.08 21.33 -2.69
CA VAL B 71 -16.22 20.97 -3.54
C VAL B 71 -17.47 20.79 -2.69
N GLU B 72 -17.36 20.08 -1.56
CA GLU B 72 -18.54 19.90 -0.71
C GLU B 72 -19.00 21.22 -0.10
N ARG B 73 -18.07 22.11 0.25
CA ARG B 73 -18.46 23.40 0.82
C ARG B 73 -19.19 24.24 -0.22
N TYR B 74 -18.66 24.29 -1.45
CA TYR B 74 -19.29 25.06 -2.52
C TYR B 74 -20.65 24.47 -2.88
N LEU B 75 -20.75 23.14 -2.92
CA LEU B 75 -22.03 22.51 -3.25
C LEU B 75 -23.05 22.70 -2.14
N ARG B 76 -22.60 22.72 -0.87
CA ARG B 76 -23.53 22.95 0.22
C ARG B 76 -24.07 24.37 0.17
N ASP B 77 -23.21 25.34 -0.15
CA ASP B 77 -23.65 26.72 -0.27
C ASP B 77 -24.60 26.89 -1.46
N GLN B 78 -24.29 26.22 -2.57
CA GLN B 78 -25.15 26.30 -3.75
C GLN B 78 -26.49 25.63 -3.50
N GLN B 79 -26.51 24.53 -2.74
CA GLN B 79 -27.77 23.87 -2.42
C GLN B 79 -28.61 24.74 -1.50
N LEU B 80 -27.95 25.39 -0.53
CA LEU B 80 -28.65 26.28 0.38
C LEU B 80 -29.25 27.47 -0.36
N LEU B 81 -28.55 27.95 -1.39
CA LEU B 81 -29.08 29.05 -2.19
C LEU B 81 -30.19 28.57 -3.12
N GLY B 82 -30.07 27.35 -3.63
CA GLY B 82 -31.07 26.81 -4.53
C GLY B 82 -32.40 26.56 -3.85
N ILE B 83 -32.35 26.10 -2.59
CA ILE B 83 -33.59 25.85 -1.88
C ILE B 83 -34.23 27.16 -1.41
N TRP B 84 -33.51 28.28 -1.51
CA TRP B 84 -34.02 29.60 -1.15
C TRP B 84 -34.58 30.34 -2.35
N GLY B 85 -34.55 29.74 -3.54
CA GLY B 85 -35.06 30.41 -4.72
C GLY B 85 -34.11 31.43 -5.29
N CYS B 86 -32.85 31.43 -4.86
CA CYS B 86 -31.83 32.36 -5.32
C CYS B 86 -30.67 31.66 -6.03
N SER B 87 -30.96 30.60 -6.78
CA SER B 87 -29.91 29.88 -7.48
C SER B 87 -29.44 30.69 -8.69
N GLY B 88 -28.13 30.87 -8.79
CA GLY B 88 -27.55 31.63 -9.89
C GLY B 88 -27.56 33.13 -9.72
N LYS B 89 -28.05 33.63 -8.58
CA LYS B 89 -28.12 35.07 -8.34
C LYS B 89 -27.29 35.41 -7.11
N LEU B 90 -26.34 36.34 -7.29
CA LEU B 90 -25.51 36.75 -6.16
C LEU B 90 -26.28 37.64 -5.19
N ILE B 91 -27.09 38.56 -5.72
CA ILE B 91 -27.91 39.45 -4.91
C ILE B 91 -29.35 39.07 -5.21
N CYS B 92 -29.99 38.34 -4.29
CA CYS B 92 -31.36 37.90 -4.47
C CYS B 92 -32.17 38.25 -3.23
N CYS B 93 -33.05 39.23 -3.36
CA CYS B 93 -33.89 39.59 -2.23
C CYS B 93 -35.11 38.68 -2.15
N THR B 94 -35.53 38.38 -0.92
CA THR B 94 -36.64 37.46 -0.66
C THR B 94 -37.82 38.20 -0.04
N ASN B 95 -38.80 37.40 0.41
CA ASN B 95 -40.04 37.90 1.01
C ASN B 95 -40.13 37.71 2.52
N VAL B 96 -39.08 37.23 3.19
CA VAL B 96 -39.15 37.05 4.64
C VAL B 96 -39.01 38.42 5.29
N PRO B 97 -39.94 38.83 6.15
CA PRO B 97 -39.81 40.14 6.81
C PRO B 97 -38.68 40.17 7.83
N TRP B 98 -37.98 41.29 7.85
CA TRP B 98 -36.87 41.49 8.78
C TRP B 98 -37.42 41.87 10.14
N ASN B 99 -37.24 40.99 11.12
CA ASN B 99 -37.72 41.23 12.46
C ASN B 99 -36.93 42.36 13.12
N SER B 100 -37.63 43.20 13.88
CA SER B 100 -36.96 44.31 14.55
C SER B 100 -36.11 43.82 15.72
N SER B 101 -36.40 42.62 16.23
CA SER B 101 -35.63 42.08 17.35
C SER B 101 -34.22 41.68 16.92
N TRP B 102 -34.02 41.40 15.63
CA TRP B 102 -32.70 41.01 15.15
C TRP B 102 -31.74 42.20 15.20
N SER B 103 -32.20 43.37 14.74
CA SER B 103 -31.36 44.56 14.75
C SER B 103 -32.26 45.78 14.65
N ASN B 104 -32.18 46.67 15.64
CA ASN B 104 -32.95 47.90 15.65
C ASN B 104 -32.26 48.99 14.84
N ARG B 105 -31.08 48.66 14.32
CA ARG B 105 -30.25 49.58 13.55
C ARG B 105 -30.91 49.92 12.22
N ASN B 106 -30.82 51.19 11.82
CA ASN B 106 -31.45 51.65 10.58
C ASN B 106 -30.59 51.43 9.33
N LEU B 107 -31.24 51.59 8.17
CA LEU B 107 -30.61 51.37 6.87
C LEU B 107 -29.52 52.38 6.54
N SER B 108 -29.72 53.64 6.93
CA SER B 108 -28.77 54.71 6.61
C SER B 108 -27.38 54.50 7.19
N GLU B 109 -27.25 53.75 8.29
CA GLU B 109 -25.92 53.56 8.85
C GLU B 109 -25.50 52.09 8.82
N ILE B 110 -26.17 51.27 8.01
CA ILE B 110 -25.85 49.86 7.84
C ILE B 110 -25.10 49.63 6.53
N TRP B 111 -25.58 50.23 5.44
CA TRP B 111 -24.95 49.99 4.15
C TRP B 111 -23.66 50.79 3.96
N ASP B 112 -23.73 52.12 4.05
CA ASP B 112 -22.53 52.94 3.82
C ASP B 112 -21.85 53.41 5.10
N ASN B 113 -21.88 52.63 6.18
CA ASN B 113 -21.18 53.05 7.40
C ASN B 113 -20.32 51.96 8.04
N MET B 114 -20.73 50.70 8.03
CA MET B 114 -19.93 49.62 8.61
C MET B 114 -19.58 48.62 7.54
N THR B 115 -18.75 47.64 7.89
CA THR B 115 -18.31 46.60 6.99
C THR B 115 -19.14 45.33 7.19
N TRP B 116 -18.83 44.32 6.37
CA TRP B 116 -19.56 43.06 6.46
C TRP B 116 -19.12 42.23 7.67
N LEU B 117 -17.89 42.44 8.14
CA LEU B 117 -17.39 41.70 9.30
C LEU B 117 -18.16 42.03 10.56
N GLN B 118 -18.41 43.34 10.78
CA GLN B 118 -19.18 43.76 11.95
C GLN B 118 -20.62 43.28 11.85
N TRP B 119 -21.14 43.21 10.62
CA TRP B 119 -22.50 42.73 10.42
C TRP B 119 -22.59 41.24 10.73
N ASP B 120 -21.56 40.47 10.37
CA ASP B 120 -21.55 39.04 10.69
C ASP B 120 -21.44 38.86 12.19
N LYS B 121 -20.65 39.72 12.85
CA LYS B 121 -20.52 39.65 14.29
C LYS B 121 -21.74 40.21 15.01
N GLU B 122 -22.68 40.83 14.27
CA GLU B 122 -23.87 41.38 14.90
C GLU B 122 -25.08 40.44 14.81
N ILE B 123 -25.12 39.57 13.81
CA ILE B 123 -26.25 38.65 13.63
C ILE B 123 -25.79 37.18 13.59
N SER B 124 -24.69 36.85 14.26
CA SER B 124 -24.18 35.48 14.26
C SER B 124 -25.14 34.51 14.96
N ASN B 125 -25.80 34.98 16.02
CA ASN B 125 -26.73 34.11 16.74
C ASN B 125 -28.02 33.91 15.96
N TYR B 126 -28.50 34.95 15.28
CA TYR B 126 -29.75 34.93 14.53
C TYR B 126 -29.62 34.47 13.10
N THR B 127 -28.45 34.00 12.66
CA THR B 127 -28.28 33.55 11.28
C THR B 127 -29.11 32.30 10.97
N GLN B 128 -29.11 31.35 11.90
CA GLN B 128 -29.84 30.09 11.71
C GLN B 128 -31.35 30.32 11.66
N ILE B 129 -31.85 31.34 12.37
CA ILE B 129 -33.29 31.63 12.37
C ILE B 129 -33.76 32.05 10.97
N ILE B 130 -33.04 32.98 10.35
CA ILE B 130 -33.40 33.41 9.01
C ILE B 130 -33.16 32.30 8.00
N TYR B 131 -32.08 31.52 8.21
CA TYR B 131 -31.77 30.41 7.32
C TYR B 131 -32.88 29.37 7.34
N GLY B 132 -33.54 29.21 8.50
CA GLY B 132 -34.63 28.26 8.58
C GLY B 132 -35.94 28.84 8.08
N LEU B 133 -36.14 30.15 8.26
CA LEU B 133 -37.39 30.80 7.83
C LEU B 133 -37.51 30.84 6.31
N LEU B 134 -36.39 31.10 5.61
CA LEU B 134 -36.40 31.16 4.16
C LEU B 134 -36.83 29.84 3.53
N GLU B 135 -36.60 28.72 4.23
CA GLU B 135 -36.99 27.39 3.76
C GLU B 135 -38.50 27.29 3.53
N GLU B 136 -39.30 27.50 4.59
CA GLU B 136 -40.74 27.41 4.41
C GLU B 136 -41.26 28.55 3.57
N SER B 137 -40.59 29.71 3.57
CA SER B 137 -41.09 30.79 2.73
C SER B 137 -40.99 30.44 1.25
N GLN B 138 -39.87 29.84 0.83
CA GLN B 138 -39.74 29.42 -0.55
C GLN B 138 -40.67 28.25 -0.84
N ASN B 139 -40.89 27.39 0.16
CA ASN B 139 -41.81 26.27 -0.03
C ASN B 139 -43.23 26.76 -0.26
N GLN B 140 -43.70 27.74 0.55
CA GLN B 140 -45.03 28.28 0.34
C GLN B 140 -45.14 28.99 -0.99
N GLN B 141 -44.09 29.69 -1.41
CA GLN B 141 -44.11 30.34 -2.71
C GLN B 141 -44.26 29.30 -3.82
N GLU B 142 -43.59 28.16 -3.67
CA GLU B 142 -43.67 27.11 -4.68
C GLU B 142 -45.05 26.47 -4.75
N LYS B 143 -45.60 26.09 -3.60
CA LYS B 143 -46.97 25.52 -3.58
C LYS B 143 -47.95 26.52 -4.18
N ASN B 144 -47.86 27.79 -3.77
CA ASN B 144 -48.84 28.78 -4.22
C ASN B 144 -48.73 28.99 -5.73
N GLU B 145 -47.50 28.99 -6.26
CA GLU B 145 -47.33 29.14 -7.71
C GLU B 145 -47.92 27.95 -8.44
N GLN B 146 -47.70 26.74 -7.91
CA GLN B 146 -48.25 25.54 -8.53
C GLN B 146 -49.77 25.54 -8.51
N ASP B 147 -50.37 25.92 -7.37
CA ASP B 147 -51.83 25.95 -7.27
C ASP B 147 -52.44 27.01 -8.17
N LEU B 148 -51.86 28.21 -8.21
CA LEU B 148 -52.42 29.26 -9.07
C LEU B 148 -52.26 28.93 -10.54
N LEU B 149 -51.18 28.23 -10.93
CA LEU B 149 -51.05 27.88 -12.33
C LEU B 149 -51.95 26.71 -12.68
N ALA B 150 -52.15 25.77 -11.75
CA ALA B 150 -53.02 24.63 -12.00
C ALA B 150 -54.48 25.06 -12.08
N LEU B 151 -54.86 26.11 -11.35
CA LEU B 151 -56.24 26.59 -11.42
C LEU B 151 -56.53 27.26 -12.76
N ASP B 152 -55.52 27.89 -13.34
CA ASP B 152 -55.67 28.57 -14.62
C ASP B 152 -55.67 27.56 -15.77
N ASN C 3 -26.52 45.59 -35.57
CA ASN C 3 -25.90 45.41 -34.26
C ASN C 3 -25.91 43.95 -33.85
N LEU C 4 -24.81 43.50 -33.23
CA LEU C 4 -24.68 42.13 -32.78
C LEU C 4 -24.33 42.10 -31.30
N TRP C 5 -24.92 41.14 -30.59
CA TRP C 5 -24.70 40.97 -29.16
C TRP C 5 -24.19 39.57 -28.92
N VAL C 6 -23.26 39.42 -27.98
CA VAL C 6 -22.68 38.12 -27.68
C VAL C 6 -23.70 37.23 -26.97
N THR C 7 -23.60 35.93 -27.21
CA THR C 7 -24.48 34.93 -26.62
C THR C 7 -23.60 33.85 -25.99
N VAL C 8 -24.13 33.16 -24.99
CA VAL C 8 -23.40 32.11 -24.29
C VAL C 8 -23.99 30.76 -24.66
N TYR C 9 -23.14 29.84 -25.13
CA TYR C 9 -23.54 28.50 -25.52
C TYR C 9 -22.79 27.50 -24.65
N TYR C 10 -23.54 26.56 -24.07
CA TYR C 10 -22.96 25.53 -23.22
C TYR C 10 -23.16 24.17 -23.87
N GLY C 11 -22.11 23.37 -23.90
CA GLY C 11 -22.17 22.06 -24.51
C GLY C 11 -21.77 22.01 -25.96
N VAL C 12 -20.92 22.93 -26.41
CA VAL C 12 -20.49 22.98 -27.81
C VAL C 12 -19.46 21.88 -28.05
N PRO C 13 -19.39 21.32 -29.26
CA PRO C 13 -18.39 20.26 -29.54
C PRO C 13 -17.02 20.83 -29.88
N VAL C 14 -16.33 21.32 -28.85
CA VAL C 14 -15.01 21.92 -28.98
C VAL C 14 -14.04 21.18 -28.05
N TRP C 15 -12.90 20.77 -28.59
CA TRP C 15 -11.91 20.06 -27.80
C TRP C 15 -10.53 20.66 -28.00
N LYS C 16 -9.68 20.51 -26.98
CA LYS C 16 -8.31 20.98 -27.01
C LYS C 16 -7.41 19.84 -26.53
N ASP C 17 -6.20 19.79 -27.08
CA ASP C 17 -5.26 18.74 -26.71
C ASP C 17 -4.76 18.93 -25.27
N ALA C 18 -4.85 17.85 -24.48
CA ALA C 18 -4.42 17.88 -23.10
C ALA C 18 -4.11 16.45 -22.66
N GLU C 19 -3.48 16.34 -21.50
CA GLU C 19 -3.10 15.06 -20.92
C GLU C 19 -3.93 14.82 -19.66
N THR C 20 -4.29 13.57 -19.42
CA THR C 20 -5.08 13.20 -18.26
C THR C 20 -4.71 11.79 -17.81
N THR C 21 -5.28 11.37 -16.69
CA THR C 21 -5.04 10.04 -16.13
C THR C 21 -6.15 9.11 -16.61
N LEU C 22 -5.86 8.39 -17.69
CA LEU C 22 -6.87 7.49 -18.30
C LEU C 22 -7.01 6.21 -17.49
N PHE C 23 -8.18 5.98 -16.90
CA PHE C 23 -8.43 4.72 -16.16
C PHE C 23 -8.60 3.62 -17.19
N CYS C 24 -8.31 2.38 -16.82
CA CYS C 24 -8.39 1.26 -17.79
C CYS C 24 -9.81 0.70 -17.93
N ALA C 25 -9.96 -0.40 -18.68
CA ALA C 25 -11.27 -1.10 -18.84
C ALA C 25 -10.94 -2.54 -19.24
N SER C 26 -11.49 -3.54 -18.56
CA SER C 26 -11.11 -4.93 -18.88
C SER C 26 -12.34 -5.84 -18.83
N ASP C 27 -12.40 -6.86 -19.72
CA ASP C 27 -13.54 -7.81 -19.74
C ASP C 27 -13.60 -8.55 -18.40
N HIS C 36 -3.94 -12.59 -9.26
CA HIS C 36 -3.93 -13.69 -10.21
C HIS C 36 -3.23 -13.28 -11.51
N ASN C 37 -3.12 -11.98 -11.73
CA ASN C 37 -2.48 -11.43 -12.92
C ASN C 37 -1.54 -10.31 -12.52
N VAL C 38 -0.47 -10.15 -13.29
CA VAL C 38 0.54 -9.13 -13.03
C VAL C 38 -0.06 -7.73 -13.19
N TRP C 39 -0.83 -7.53 -14.26
CA TRP C 39 -1.42 -6.24 -14.57
C TRP C 39 -2.67 -5.90 -13.77
N ALA C 40 -3.11 -6.80 -12.87
CA ALA C 40 -4.27 -6.63 -12.00
C ALA C 40 -5.54 -6.26 -12.77
N THR C 41 -5.97 -7.19 -13.62
CA THR C 41 -7.18 -7.00 -14.42
C THR C 41 -8.43 -6.95 -13.54
N HIS C 42 -8.43 -7.67 -12.42
CA HIS C 42 -9.57 -7.68 -11.51
C HIS C 42 -9.84 -6.30 -10.91
N ALA C 43 -8.81 -5.48 -10.78
CA ALA C 43 -8.98 -4.13 -10.22
C ALA C 43 -9.60 -3.16 -11.23
N CYS C 44 -9.46 -3.43 -12.52
CA CYS C 44 -10.03 -2.55 -13.53
C CYS C 44 -11.55 -2.66 -13.56
N VAL C 45 -12.19 -1.57 -13.97
CA VAL C 45 -13.65 -1.50 -14.05
C VAL C 45 -14.10 -2.38 -15.21
N PRO C 46 -15.33 -2.91 -15.19
CA PRO C 46 -15.78 -3.74 -16.31
C PRO C 46 -16.02 -2.91 -17.56
N THR C 47 -15.54 -3.41 -18.69
CA THR C 47 -15.70 -2.70 -19.94
C THR C 47 -17.15 -2.76 -20.44
N ASP C 48 -17.47 -1.85 -21.34
CA ASP C 48 -18.81 -1.79 -21.90
C ASP C 48 -19.00 -2.95 -22.87
N PRO C 49 -20.07 -3.74 -22.73
CA PRO C 49 -20.30 -4.85 -23.68
C PRO C 49 -20.55 -4.40 -25.10
N ASN C 50 -21.00 -3.17 -25.29
CA ASN C 50 -21.27 -2.59 -26.61
C ASN C 50 -20.53 -1.27 -26.67
N PRO C 51 -19.23 -1.29 -27.03
CA PRO C 51 -18.46 -0.04 -27.09
C PRO C 51 -18.94 0.90 -28.19
N GLN C 52 -19.48 2.04 -27.79
CA GLN C 52 -19.99 3.01 -28.74
C GLN C 52 -18.86 3.73 -29.44
N GLU C 53 -18.97 3.84 -30.76
CA GLU C 53 -17.98 4.52 -31.59
C GLU C 53 -18.73 5.45 -32.53
N ILE C 54 -18.63 6.76 -32.28
CA ILE C 54 -19.31 7.76 -33.08
C ILE C 54 -18.35 8.25 -34.15
N HIS C 55 -18.71 8.06 -35.41
CA HIS C 55 -17.87 8.51 -36.52
C HIS C 55 -18.08 10.01 -36.72
N LEU C 56 -17.00 10.77 -36.61
CA LEU C 56 -17.06 12.22 -36.76
C LEU C 56 -16.81 12.59 -38.22
N GLU C 57 -17.78 13.26 -38.83
CA GLU C 57 -17.69 13.67 -40.22
C GLU C 57 -17.24 15.12 -40.34
N ASN C 58 -16.69 15.46 -41.51
CA ASN C 58 -16.22 16.78 -41.88
C ASN C 58 -15.20 17.42 -40.93
N VAL C 59 -14.47 16.62 -40.16
CA VAL C 59 -13.49 17.17 -39.23
C VAL C 59 -12.14 16.49 -39.46
N THR C 60 -11.07 17.27 -39.32
CA THR C 60 -9.70 16.79 -39.50
C THR C 60 -8.91 17.17 -38.26
N GLU C 61 -8.32 16.17 -37.61
CA GLU C 61 -7.54 16.38 -36.40
C GLU C 61 -6.10 15.96 -36.62
N GLU C 62 -5.18 16.78 -36.10
CA GLU C 62 -3.75 16.53 -36.22
C GLU C 62 -3.32 15.55 -35.14
N PHE C 63 -2.69 14.45 -35.55
CA PHE C 63 -2.23 13.43 -34.64
C PHE C 63 -0.70 13.43 -34.57
N ASN C 64 -0.16 12.85 -33.51
CA ASN C 64 1.28 12.77 -33.33
C ASN C 64 1.58 11.49 -32.54
N MET C 65 2.19 10.53 -33.22
CA MET C 65 2.52 9.25 -32.59
C MET C 65 3.66 9.38 -31.59
N TRP C 66 4.70 10.14 -31.93
CA TRP C 66 5.86 10.29 -31.07
C TRP C 66 5.61 11.24 -29.90
N LYS C 67 4.68 12.16 -30.02
CA LYS C 67 4.38 13.10 -28.94
C LYS C 67 3.10 12.73 -28.19
N ASN C 68 2.75 11.45 -28.16
CA ASN C 68 1.55 10.99 -27.47
C ASN C 68 1.88 10.71 -26.01
N ASN C 69 1.11 11.30 -25.10
CA ASN C 69 1.33 11.09 -23.68
C ASN C 69 0.83 9.75 -23.19
N MET C 70 -0.06 9.10 -23.98
CA MET C 70 -0.59 7.80 -23.58
C MET C 70 0.49 6.74 -23.53
N VAL C 71 1.53 6.86 -24.36
CA VAL C 71 2.63 5.90 -24.36
C VAL C 71 3.40 5.98 -23.04
N GLU C 72 3.74 7.20 -22.62
CA GLU C 72 4.46 7.37 -21.35
C GLU C 72 3.60 6.97 -20.16
N GLN C 73 2.30 7.30 -20.21
CA GLN C 73 1.40 6.92 -19.13
C GLN C 73 1.27 5.40 -19.04
N MET C 74 1.18 4.73 -20.18
CA MET C 74 1.10 3.28 -20.21
C MET C 74 2.38 2.66 -19.70
N HIS C 75 3.54 3.25 -20.06
CA HIS C 75 4.82 2.73 -19.60
C HIS C 75 4.93 2.81 -18.08
N THR C 76 4.53 3.94 -17.50
CA THR C 76 4.57 4.09 -16.05
C THR C 76 3.57 3.15 -15.37
N ASP C 77 2.40 2.96 -15.99
CA ASP C 77 1.40 2.06 -15.42
C ASP C 77 1.86 0.60 -15.43
N ILE C 78 2.47 0.16 -16.53
CA ILE C 78 2.96 -1.22 -16.62
C ILE C 78 4.09 -1.44 -15.62
N ILE C 79 4.97 -0.43 -15.48
CA ILE C 79 6.08 -0.55 -14.52
C ILE C 79 5.54 -0.62 -13.09
N SER C 80 4.53 0.21 -12.78
CA SER C 80 3.94 0.20 -11.44
C SER C 80 3.25 -1.13 -11.14
N LEU C 81 2.52 -1.68 -12.11
CA LEU C 81 1.86 -2.96 -11.90
C LEU C 81 2.87 -4.08 -11.74
N TRP C 82 3.96 -4.02 -12.52
CA TRP C 82 5.00 -5.04 -12.44
C TRP C 82 5.69 -4.99 -11.08
N ASP C 83 5.92 -3.79 -10.55
CA ASP C 83 6.56 -3.66 -9.25
C ASP C 83 5.61 -4.06 -8.13
N GLN C 84 4.31 -3.81 -8.30
CA GLN C 84 3.35 -4.17 -7.26
C GLN C 84 3.06 -5.66 -7.23
N SER C 85 3.14 -6.34 -8.38
CA SER C 85 2.87 -7.78 -8.41
C SER C 85 3.95 -8.62 -7.75
N LEU C 86 5.19 -8.15 -7.72
CA LEU C 86 6.28 -8.91 -7.11
C LEU C 86 6.38 -8.72 -5.61
N LYS C 87 5.75 -7.69 -5.07
CA LYS C 87 5.80 -7.43 -3.63
C LYS C 87 5.18 -8.50 -2.72
N PRO C 88 3.99 -9.09 -2.98
CA PRO C 88 3.47 -10.06 -2.02
C PRO C 88 4.06 -11.47 -2.03
N CYS C 89 5.13 -11.74 -2.77
CA CYS C 89 5.68 -13.09 -2.76
C CYS C 89 7.15 -13.06 -2.32
N VAL C 90 7.72 -14.26 -2.19
CA VAL C 90 9.07 -14.57 -1.73
C VAL C 90 10.19 -13.73 -2.33
N LYS C 91 11.08 -13.26 -1.46
CA LYS C 91 12.26 -12.46 -1.82
C LYS C 91 13.47 -13.38 -1.69
N LEU C 92 14.27 -13.51 -2.74
CA LEU C 92 15.39 -14.50 -2.71
C LEU C 92 16.70 -13.86 -2.25
N THR C 93 16.73 -13.27 -1.05
CA THR C 93 18.00 -12.74 -0.51
C THR C 93 18.91 -13.87 -0.05
N PRO C 94 18.44 -14.99 0.54
CA PRO C 94 19.34 -16.02 1.04
C PRO C 94 20.12 -16.80 0.00
N LEU C 95 19.97 -16.50 -1.30
CA LEU C 95 20.60 -17.34 -2.35
C LEU C 95 22.00 -16.83 -2.73
N CYS C 96 22.40 -15.61 -2.34
CA CYS C 96 23.75 -15.19 -2.65
C CYS C 96 24.72 -15.91 -1.71
N VAL C 97 25.14 -17.10 -2.15
CA VAL C 97 26.08 -17.94 -1.41
C VAL C 97 27.05 -18.55 -2.41
N THR C 98 28.10 -19.17 -1.90
CA THR C 98 29.08 -19.81 -2.76
C THR C 98 28.47 -21.09 -3.34
N LEU C 99 28.38 -21.14 -4.67
CA LEU C 99 27.78 -22.28 -5.35
C LEU C 99 28.83 -23.19 -5.96
N GLN C 100 29.00 -24.39 -5.38
CA GLN C 100 29.93 -25.35 -5.95
C GLN C 100 29.21 -25.97 -7.13
N CYS C 101 29.52 -25.51 -8.33
CA CYS C 101 28.83 -25.96 -9.53
C CYS C 101 29.72 -26.79 -10.44
N THR C 102 29.07 -27.43 -11.40
CA THR C 102 29.69 -28.28 -12.41
C THR C 102 28.76 -28.34 -13.62
N ASN C 103 29.29 -28.84 -14.74
CA ASN C 103 28.47 -28.93 -15.95
C ASN C 103 27.56 -30.14 -15.89
N VAL C 104 26.49 -30.11 -16.69
CA VAL C 104 25.49 -31.20 -16.63
C VAL C 104 26.01 -32.40 -17.45
N THR C 105 26.29 -32.24 -18.74
CA THR C 105 26.92 -33.29 -19.59
C THR C 105 26.17 -34.61 -19.57
N ASN C 106 24.86 -34.59 -19.37
CA ASN C 106 24.03 -35.82 -19.44
C ASN C 106 23.11 -35.70 -20.65
N ASN C 107 23.42 -36.40 -21.74
CA ASN C 107 22.60 -36.29 -22.98
C ASN C 107 22.55 -34.84 -23.48
N ILE C 108 23.65 -34.10 -23.44
CA ILE C 108 23.63 -32.74 -24.04
C ILE C 108 23.84 -32.90 -25.54
N THR C 109 23.65 -31.84 -26.33
CA THR C 109 23.70 -31.96 -27.80
C THR C 109 24.72 -31.04 -28.37
N ASP C 110 25.86 -30.87 -27.71
CA ASP C 110 26.99 -30.08 -28.29
C ASP C 110 26.68 -28.59 -28.39
N ASP C 111 25.45 -28.22 -28.73
CA ASP C 111 25.08 -26.78 -28.76
C ASP C 111 24.79 -26.33 -27.33
N MET C 112 24.52 -27.29 -26.44
CA MET C 112 24.23 -26.97 -25.04
C MET C 112 25.34 -27.51 -24.14
N ARG C 113 26.60 -27.41 -24.55
CA ARG C 113 27.67 -28.01 -23.76
C ARG C 113 27.79 -27.37 -22.37
N GLY C 114 27.91 -26.05 -22.31
CA GLY C 114 28.04 -25.40 -21.02
C GLY C 114 26.93 -24.45 -20.64
N GLU C 115 25.81 -24.49 -21.37
CA GLU C 115 24.70 -23.60 -21.06
C GLU C 115 24.03 -23.97 -19.75
N LEU C 116 23.85 -25.25 -19.49
CA LEU C 116 23.22 -25.73 -18.27
C LEU C 116 24.28 -26.23 -17.30
N LYS C 117 24.11 -25.89 -16.01
CA LYS C 117 25.06 -26.27 -14.98
C LYS C 117 24.32 -26.82 -13.76
N ASN C 118 24.95 -27.79 -13.08
CA ASN C 118 24.39 -28.43 -11.89
C ASN C 118 25.12 -27.88 -10.66
N CYS C 119 24.53 -26.88 -10.02
CA CYS C 119 25.13 -26.24 -8.85
C CYS C 119 24.67 -26.88 -7.54
N SER C 120 25.49 -26.69 -6.51
CA SER C 120 25.25 -27.18 -5.16
C SER C 120 25.62 -26.07 -4.19
N PHE C 121 24.82 -25.91 -3.14
CA PHE C 121 25.10 -24.84 -2.18
C PHE C 121 24.42 -25.14 -0.85
N ASN C 122 24.85 -24.40 0.17
CA ASN C 122 24.30 -24.52 1.52
C ASN C 122 23.14 -23.55 1.65
N MET C 123 21.95 -24.08 1.96
CA MET C 123 20.76 -23.25 2.10
C MET C 123 20.13 -23.47 3.47
N THR C 124 19.44 -22.43 3.95
CA THR C 124 18.78 -22.47 5.24
C THR C 124 17.52 -23.35 5.14
N THR C 125 16.94 -23.64 6.31
CA THR C 125 15.74 -24.45 6.41
C THR C 125 14.67 -23.68 7.14
N GLU C 126 13.60 -24.37 7.56
CA GLU C 126 12.53 -23.73 8.31
C GLU C 126 13.03 -23.21 9.64
N LEU C 127 13.99 -23.91 10.25
CA LEU C 127 14.58 -23.49 11.51
C LEU C 127 15.66 -22.46 11.21
N ARG C 128 15.74 -21.42 12.06
CA ARG C 128 16.74 -20.38 11.84
C ARG C 128 18.15 -20.87 12.10
N ASP C 129 18.31 -21.84 13.00
CA ASP C 129 19.63 -22.37 13.34
C ASP C 129 20.01 -23.62 12.56
N LYS C 130 19.19 -24.08 11.61
CA LYS C 130 19.50 -25.27 10.84
C LYS C 130 19.71 -24.91 9.38
N LYS C 131 20.72 -25.53 8.77
CA LYS C 131 21.07 -25.33 7.37
C LYS C 131 21.07 -26.68 6.68
N GLN C 132 21.04 -26.65 5.34
CA GLN C 132 21.03 -27.88 4.56
C GLN C 132 21.74 -27.67 3.23
N LYS C 133 22.12 -28.78 2.61
CA LYS C 133 22.79 -28.77 1.33
C LYS C 133 21.79 -29.23 0.27
N VAL C 134 21.57 -28.39 -0.75
CA VAL C 134 20.64 -28.70 -1.82
C VAL C 134 21.31 -28.49 -3.16
N TYR C 135 20.72 -29.08 -4.20
CA TYR C 135 21.21 -29.00 -5.55
C TYR C 135 20.19 -28.27 -6.41
N SER C 136 20.67 -27.57 -7.43
CA SER C 136 19.78 -26.83 -8.32
C SER C 136 20.47 -26.63 -9.65
N LEU C 137 19.68 -26.61 -10.72
CA LEU C 137 20.19 -26.42 -12.06
C LEU C 137 20.08 -24.94 -12.43
N PHE C 138 21.21 -24.33 -12.77
CA PHE C 138 21.26 -22.92 -13.13
C PHE C 138 21.90 -22.77 -14.50
N TYR C 139 21.43 -21.80 -15.27
CA TYR C 139 21.98 -21.55 -16.59
C TYR C 139 23.27 -20.77 -16.48
N ARG C 140 24.06 -20.77 -17.56
CA ARG C 140 25.32 -20.03 -17.54
C ARG C 140 25.08 -18.53 -17.66
N LEU C 141 23.93 -18.12 -18.20
CA LEU C 141 23.63 -16.71 -18.36
C LEU C 141 23.45 -16.00 -17.02
N ASP C 142 22.88 -16.66 -16.03
CA ASP C 142 22.65 -16.08 -14.72
C ASP C 142 23.61 -16.62 -13.66
N VAL C 143 24.79 -17.06 -14.07
CA VAL C 143 25.80 -17.60 -13.16
C VAL C 143 27.16 -17.06 -13.59
N VAL C 144 27.90 -16.51 -12.63
CA VAL C 144 29.23 -15.97 -12.89
C VAL C 144 30.20 -16.57 -11.89
N GLN C 145 31.43 -16.82 -12.36
CA GLN C 145 32.46 -17.40 -11.52
C GLN C 145 33.00 -16.35 -10.56
N ILE C 146 33.16 -16.74 -9.29
CA ILE C 146 33.64 -15.81 -8.28
C ILE C 146 35.12 -16.08 -7.94
N ASN C 147 35.62 -17.28 -8.21
CA ASN C 147 37.01 -17.63 -7.92
C ASN C 147 37.63 -18.28 -9.15
N GLU C 148 38.67 -17.65 -9.69
CA GLU C 148 39.35 -18.17 -10.86
C GLU C 148 40.29 -19.32 -10.49
N LYS C 159 35.48 -23.67 -9.91
CA LYS C 159 34.32 -24.52 -9.65
C LYS C 159 33.32 -23.84 -8.72
N GLU C 160 33.73 -22.70 -8.16
CA GLU C 160 32.89 -21.92 -7.25
C GLU C 160 32.34 -20.73 -8.00
N TYR C 161 31.03 -20.71 -8.20
CA TYR C 161 30.34 -19.65 -8.93
C TYR C 161 29.34 -18.96 -8.01
N ARG C 162 28.67 -17.95 -8.57
CA ARG C 162 27.67 -17.18 -7.85
C ARG C 162 26.73 -16.55 -8.88
N LEU C 163 25.59 -16.07 -8.39
CA LEU C 163 24.60 -15.44 -9.25
C LEU C 163 25.11 -14.08 -9.71
N ILE C 164 24.69 -13.67 -10.91
CA ILE C 164 25.13 -12.39 -11.47
C ILE C 164 24.51 -11.21 -10.72
N ASN C 165 23.40 -11.42 -10.03
CA ASN C 165 22.75 -10.36 -9.29
C ASN C 165 23.25 -10.21 -7.86
N CYS C 166 24.28 -10.98 -7.46
CA CYS C 166 24.79 -10.89 -6.10
C CYS C 166 25.46 -9.55 -5.82
N ASN C 167 26.09 -8.95 -6.82
CA ASN C 167 26.74 -7.66 -6.64
C ASN C 167 25.91 -6.50 -7.18
N THR C 168 24.66 -6.76 -7.57
CA THR C 168 23.79 -5.70 -8.09
C THR C 168 22.60 -5.43 -7.18
N SER C 169 21.76 -6.43 -6.94
CA SER C 169 20.56 -6.32 -6.09
C SER C 169 19.97 -7.72 -5.89
N ALA C 170 19.37 -7.91 -4.73
CA ALA C 170 18.74 -9.20 -4.41
C ALA C 170 17.45 -9.33 -5.21
N CYS C 171 17.36 -10.37 -6.03
CA CYS C 171 16.18 -10.59 -6.85
C CYS C 171 14.99 -11.05 -6.02
N THR C 172 13.80 -10.77 -6.53
CA THR C 172 12.54 -11.15 -5.91
C THR C 172 11.94 -12.28 -6.73
N GLN C 173 11.66 -13.41 -6.09
CA GLN C 173 11.08 -14.54 -6.81
C GLN C 173 9.65 -14.21 -7.23
N ALA C 174 9.35 -14.46 -8.50
CA ALA C 174 8.02 -14.19 -9.02
C ALA C 174 7.01 -15.13 -8.36
N CYS C 175 5.80 -14.61 -8.15
CA CYS C 175 4.74 -15.39 -7.53
C CYS C 175 4.32 -16.51 -8.48
N PRO C 176 4.38 -17.78 -8.06
CA PRO C 176 4.01 -18.88 -8.98
C PRO C 176 2.55 -18.90 -9.38
N LYS C 177 1.64 -18.44 -8.52
CA LYS C 177 0.22 -18.46 -8.87
C LYS C 177 -0.15 -17.33 -9.83
N VAL C 178 0.69 -16.32 -9.96
CA VAL C 178 0.40 -15.20 -10.85
C VAL C 178 0.96 -15.50 -12.23
N SER C 179 0.10 -15.42 -13.24
CA SER C 179 0.46 -15.69 -14.63
C SER C 179 1.02 -14.46 -15.32
N PHE C 180 1.78 -14.70 -16.38
CA PHE C 180 2.40 -13.64 -17.18
C PHE C 180 1.74 -13.47 -18.54
N GLU C 181 0.54 -14.02 -18.73
CA GLU C 181 -0.15 -13.92 -20.01
C GLU C 181 -0.62 -12.48 -20.25
N PRO C 182 -0.21 -11.84 -21.35
CA PRO C 182 -0.63 -10.46 -21.60
C PRO C 182 -2.06 -10.34 -22.07
N ILE C 183 -3.03 -10.36 -21.15
CA ILE C 183 -4.43 -10.24 -21.51
C ILE C 183 -4.66 -8.77 -21.88
N PRO C 184 -5.52 -8.48 -22.87
CA PRO C 184 -5.72 -7.10 -23.29
C PRO C 184 -6.41 -6.23 -22.24
N ILE C 185 -6.06 -4.94 -22.26
CA ILE C 185 -6.60 -3.93 -21.36
C ILE C 185 -7.04 -2.75 -22.21
N HIS C 186 -8.14 -2.12 -21.81
CA HIS C 186 -8.68 -0.98 -22.54
C HIS C 186 -8.47 0.29 -21.73
N TYR C 187 -7.90 1.31 -22.37
CA TYR C 187 -7.66 2.60 -21.72
C TYR C 187 -8.84 3.51 -22.01
N CYS C 188 -9.49 4.01 -20.96
CA CYS C 188 -10.64 4.89 -21.09
C CYS C 188 -10.38 6.23 -20.43
N ALA C 189 -10.80 7.28 -21.10
CA ALA C 189 -10.66 8.65 -20.62
C ALA C 189 -11.79 8.97 -19.65
N PRO C 190 -11.54 9.83 -18.65
CA PRO C 190 -12.62 10.17 -17.69
C PRO C 190 -13.63 11.14 -18.28
N ALA C 191 -14.56 11.60 -17.44
CA ALA C 191 -15.58 12.54 -17.90
C ALA C 191 -14.94 13.87 -18.27
N GLY C 192 -15.47 14.50 -19.32
CA GLY C 192 -14.93 15.76 -19.79
C GLY C 192 -13.79 15.60 -20.75
N PHE C 193 -13.39 14.37 -21.06
CA PHE C 193 -12.31 14.07 -21.98
C PHE C 193 -12.80 13.03 -22.99
N ALA C 194 -12.14 12.99 -24.14
CA ALA C 194 -12.53 12.05 -25.18
C ALA C 194 -11.27 11.53 -25.88
N ILE C 195 -11.40 10.35 -26.47
CA ILE C 195 -10.31 9.70 -27.19
C ILE C 195 -10.68 9.71 -28.66
N LEU C 196 -9.85 10.35 -29.47
CA LEU C 196 -10.09 10.44 -30.91
C LEU C 196 -9.36 9.30 -31.62
N LYS C 197 -10.12 8.45 -32.30
CA LYS C 197 -9.57 7.32 -33.02
C LYS C 197 -9.54 7.63 -34.51
N CYS C 198 -8.34 7.65 -35.09
CA CYS C 198 -8.17 7.94 -36.52
C CYS C 198 -8.41 6.68 -37.32
N LYS C 199 -9.54 6.62 -38.01
CA LYS C 199 -9.92 5.46 -38.83
C LYS C 199 -9.49 5.62 -40.28
N ASP C 200 -8.47 6.42 -40.54
CA ASP C 200 -7.97 6.66 -41.89
C ASP C 200 -6.76 5.78 -42.15
N LYS C 201 -6.76 5.09 -43.29
CA LYS C 201 -5.64 4.24 -43.66
C LYS C 201 -4.51 5.10 -44.20
N LYS C 202 -3.38 4.44 -44.50
CA LYS C 202 -2.15 5.06 -45.00
C LYS C 202 -1.60 6.12 -44.07
N PHE C 203 -1.86 6.02 -42.77
CA PHE C 203 -1.39 7.00 -41.80
C PHE C 203 0.00 6.62 -41.31
N ASN C 204 0.94 7.55 -41.38
CA ASN C 204 2.30 7.32 -40.95
C ASN C 204 2.52 7.69 -39.48
N GLY C 205 1.46 8.08 -38.77
CA GLY C 205 1.54 8.43 -37.36
C GLY C 205 1.66 9.90 -37.06
N THR C 206 2.09 10.72 -38.02
CA THR C 206 2.22 12.16 -37.82
C THR C 206 1.46 12.89 -38.91
N GLY C 207 0.89 14.04 -38.56
CA GLY C 207 0.16 14.83 -39.51
C GLY C 207 -1.34 14.76 -39.31
N PRO C 208 -2.09 15.47 -40.15
CA PRO C 208 -3.55 15.46 -40.04
C PRO C 208 -4.17 14.14 -40.46
N CYS C 209 -5.32 13.84 -39.88
CA CYS C 209 -6.07 12.63 -40.18
C CYS C 209 -7.47 13.05 -40.66
N PRO C 210 -7.84 12.76 -41.91
CA PRO C 210 -9.15 13.17 -42.42
C PRO C 210 -10.31 12.27 -42.03
N SER C 211 -10.12 11.28 -41.16
CA SER C 211 -11.22 10.40 -40.77
C SER C 211 -10.99 10.00 -39.31
N VAL C 212 -11.60 10.73 -38.39
CA VAL C 212 -11.46 10.46 -36.96
C VAL C 212 -12.81 10.05 -36.40
N SER C 213 -12.76 9.43 -35.21
CA SER C 213 -13.96 8.97 -34.52
C SER C 213 -13.73 9.11 -33.03
N THR C 214 -14.82 9.27 -32.29
CA THR C 214 -14.77 9.43 -30.84
C THR C 214 -15.11 8.10 -30.18
N VAL C 215 -14.21 7.60 -29.35
CA VAL C 215 -14.39 6.35 -28.64
C VAL C 215 -14.18 6.59 -27.16
N GLN C 216 -15.02 5.96 -26.32
CA GLN C 216 -14.87 6.13 -24.89
C GLN C 216 -13.70 5.31 -24.35
N CYS C 217 -13.36 4.22 -25.02
CA CYS C 217 -12.26 3.35 -24.62
C CYS C 217 -11.55 2.85 -25.87
N THR C 218 -10.26 2.59 -25.72
CA THR C 218 -9.48 2.07 -26.83
C THR C 218 -9.73 0.58 -26.99
N HIS C 219 -9.15 0.01 -28.05
CA HIS C 219 -9.32 -1.42 -28.28
C HIS C 219 -8.41 -2.22 -27.36
N GLY C 220 -8.42 -3.53 -27.55
CA GLY C 220 -7.60 -4.41 -26.72
C GLY C 220 -6.11 -4.23 -26.94
N ILE C 221 -5.43 -3.62 -25.98
CA ILE C 221 -4.00 -3.39 -26.04
C ILE C 221 -3.32 -4.45 -25.18
N LYS C 222 -2.77 -5.47 -25.83
CA LYS C 222 -2.08 -6.53 -25.10
C LYS C 222 -0.71 -6.04 -24.68
N PRO C 223 -0.39 -6.02 -23.38
CA PRO C 223 0.95 -5.56 -22.94
C PRO C 223 2.03 -6.61 -23.17
N VAL C 224 2.27 -6.92 -24.44
CA VAL C 224 3.27 -7.91 -24.81
C VAL C 224 4.64 -7.26 -24.79
N VAL C 225 5.57 -7.88 -24.07
CA VAL C 225 6.93 -7.39 -23.96
C VAL C 225 7.78 -8.16 -24.97
N SER C 226 8.32 -7.46 -25.96
CA SER C 226 9.14 -8.09 -26.97
C SER C 226 10.11 -7.07 -27.53
N THR C 227 11.26 -7.58 -27.99
CA THR C 227 12.32 -6.76 -28.57
C THR C 227 12.64 -7.28 -29.96
N GLN C 228 12.87 -6.33 -30.88
CA GLN C 228 13.21 -6.51 -32.29
C GLN C 228 12.08 -7.10 -33.15
N LEU C 229 10.97 -7.50 -32.53
CA LEU C 229 9.84 -8.07 -33.23
C LEU C 229 8.58 -7.77 -32.42
N LEU C 230 7.56 -7.22 -33.08
CA LEU C 230 6.31 -6.90 -32.40
C LEU C 230 5.44 -8.14 -32.44
N LEU C 231 5.33 -8.82 -31.31
CA LEU C 231 4.54 -10.05 -31.21
C LEU C 231 3.15 -9.80 -30.67
N ASN C 232 2.17 -10.49 -31.25
CA ASN C 232 0.75 -10.41 -30.86
C ASN C 232 0.21 -8.99 -30.93
N GLY C 233 0.61 -8.25 -31.96
CA GLY C 233 0.19 -6.88 -32.15
C GLY C 233 -0.96 -6.75 -33.14
N SER C 234 -1.28 -5.51 -33.47
CA SER C 234 -2.35 -5.22 -34.41
C SER C 234 -1.80 -5.13 -35.82
N LEU C 235 -2.46 -5.82 -36.75
CA LEU C 235 -2.04 -5.84 -38.14
C LEU C 235 -2.59 -4.63 -38.89
N ALA C 236 -1.97 -4.33 -40.02
CA ALA C 236 -2.40 -3.20 -40.84
C ALA C 236 -3.68 -3.55 -41.58
N GLU C 237 -4.35 -2.52 -42.10
CA GLU C 237 -5.61 -2.74 -42.81
C GLU C 237 -5.42 -3.02 -44.30
N GLU C 238 -4.54 -2.28 -44.97
CA GLU C 238 -4.34 -2.45 -46.40
C GLU C 238 -2.96 -2.99 -46.78
N GLU C 239 -1.89 -2.31 -46.41
CA GLU C 239 -0.56 -2.76 -46.77
C GLU C 239 0.40 -2.47 -45.63
N VAL C 240 1.66 -2.90 -45.81
CA VAL C 240 2.70 -2.71 -44.81
C VAL C 240 2.96 -1.22 -44.62
N MET C 241 2.86 -0.77 -43.38
CA MET C 241 3.07 0.63 -43.03
C MET C 241 4.39 0.79 -42.30
N ILE C 242 5.16 1.80 -42.69
CA ILE C 242 6.45 2.12 -42.09
C ILE C 242 6.36 3.49 -41.47
N ARG C 243 6.59 3.56 -40.15
CA ARG C 243 6.51 4.81 -39.41
C ARG C 243 7.82 5.09 -38.69
N SER C 244 8.23 6.35 -38.72
CA SER C 244 9.46 6.80 -38.08
C SER C 244 9.33 8.28 -37.77
N GLU C 245 10.05 8.74 -36.74
CA GLU C 245 9.99 10.15 -36.38
C GLU C 245 10.74 11.01 -37.39
N ASN C 246 11.79 10.46 -37.98
CA ASN C 246 12.59 11.17 -38.98
C ASN C 246 13.28 10.09 -39.81
N ILE C 247 12.89 9.99 -41.08
CA ILE C 247 13.45 8.98 -41.98
C ILE C 247 14.94 9.22 -42.22
N THR C 248 15.31 10.48 -42.44
CA THR C 248 16.71 10.83 -42.69
C THR C 248 17.60 10.76 -41.45
N ASN C 249 17.04 10.55 -40.26
CA ASN C 249 17.82 10.47 -39.04
C ASN C 249 18.08 9.00 -38.69
N ASN C 250 19.35 8.66 -38.48
CA ASN C 250 19.71 7.29 -38.14
C ASN C 250 19.45 6.98 -36.67
N ALA C 251 19.39 7.99 -35.81
CA ALA C 251 19.16 7.79 -34.39
C ALA C 251 17.71 7.47 -34.06
N LYS C 252 16.79 7.65 -34.99
CA LYS C 252 15.37 7.36 -34.77
C LYS C 252 15.05 5.97 -35.26
N ASN C 253 14.41 5.18 -34.39
CA ASN C 253 14.04 3.82 -34.75
C ASN C 253 12.91 3.81 -35.76
N ILE C 254 12.97 2.86 -36.69
CA ILE C 254 11.97 2.71 -37.74
C ILE C 254 10.98 1.64 -37.32
N LEU C 255 9.71 2.02 -37.21
CA LEU C 255 8.67 1.09 -36.82
C LEU C 255 7.92 0.61 -38.06
N VAL C 256 7.88 -0.70 -38.24
CA VAL C 256 7.22 -1.34 -39.38
C VAL C 256 6.01 -2.11 -38.86
N GLN C 257 4.90 -2.04 -39.59
CA GLN C 257 3.69 -2.75 -39.23
C GLN C 257 3.31 -3.65 -40.40
N PHE C 258 3.01 -4.91 -40.10
CA PHE C 258 2.68 -5.86 -41.15
C PHE C 258 1.17 -5.92 -41.40
N ASN C 259 0.81 -6.15 -42.66
CA ASN C 259 -0.59 -6.29 -43.03
C ASN C 259 -1.08 -7.72 -42.87
N THR C 260 -0.17 -8.68 -42.83
CA THR C 260 -0.42 -10.09 -42.65
C THR C 260 0.52 -10.62 -41.58
N PRO C 261 0.04 -11.52 -40.71
CA PRO C 261 0.89 -12.03 -39.64
C PRO C 261 1.84 -13.13 -40.08
N VAL C 262 2.99 -13.18 -39.42
CA VAL C 262 4.02 -14.17 -39.67
C VAL C 262 4.02 -15.07 -38.45
N GLN C 263 3.61 -16.32 -38.62
CA GLN C 263 3.55 -17.26 -37.51
C GLN C 263 4.94 -17.73 -37.11
N ILE C 264 5.16 -17.82 -35.80
CA ILE C 264 6.43 -18.25 -35.22
C ILE C 264 6.12 -19.29 -34.15
N ASN C 265 6.83 -20.41 -34.18
CA ASN C 265 6.63 -21.49 -33.22
C ASN C 265 7.89 -21.66 -32.37
N CYS C 266 7.79 -21.31 -31.10
CA CYS C 266 8.89 -21.41 -30.16
C CYS C 266 8.59 -22.52 -29.17
N THR C 267 9.63 -23.27 -28.78
CA THR C 267 9.42 -24.37 -27.85
C THR C 267 10.65 -24.59 -26.98
N ARG C 268 10.47 -25.43 -25.97
CA ARG C 268 11.51 -25.83 -25.02
C ARG C 268 11.26 -27.30 -24.73
N PRO C 269 11.93 -28.21 -25.44
CA PRO C 269 11.69 -29.64 -25.23
C PRO C 269 12.52 -30.27 -24.12
N ASN C 270 13.05 -29.47 -23.20
CA ASN C 270 13.87 -30.02 -22.13
C ASN C 270 13.07 -30.83 -21.10
N ASN C 271 11.79 -30.48 -20.89
CA ASN C 271 10.89 -31.13 -19.93
C ASN C 271 11.48 -31.06 -18.52
N ASN C 272 11.60 -29.82 -18.03
CA ASN C 272 12.17 -29.56 -16.72
C ASN C 272 11.27 -30.08 -15.60
N THR C 273 11.84 -30.17 -14.41
CA THR C 273 11.15 -30.62 -13.22
C THR C 273 11.33 -29.57 -12.14
N ARG C 274 10.21 -29.13 -11.55
CA ARG C 274 10.23 -28.11 -10.51
C ARG C 274 10.10 -28.76 -9.14
N LYS C 275 10.98 -28.35 -8.23
CA LYS C 275 10.97 -28.86 -6.87
C LYS C 275 10.98 -27.66 -5.92
N SER C 276 10.41 -27.83 -4.74
CA SER C 276 10.33 -26.75 -3.76
C SER C 276 11.35 -26.96 -2.66
N ILE C 277 12.16 -25.93 -2.40
CA ILE C 277 13.18 -25.94 -1.37
C ILE C 277 12.74 -24.95 -0.29
N ARG C 278 12.68 -25.42 0.95
CA ARG C 278 12.25 -24.59 2.08
C ARG C 278 13.36 -23.58 2.37
N ILE C 279 13.25 -22.42 1.73
CA ILE C 279 14.24 -21.35 1.91
C ILE C 279 14.12 -20.72 3.29
N GLY C 280 12.97 -20.85 3.93
CA GLY C 280 12.77 -20.28 5.25
C GLY C 280 11.38 -20.56 5.78
N PRO C 281 11.03 -19.92 6.91
CA PRO C 281 9.71 -20.15 7.50
C PRO C 281 8.59 -19.49 6.70
N GLY C 282 7.77 -20.31 6.05
CA GLY C 282 6.66 -19.81 5.27
C GLY C 282 6.96 -19.46 3.83
N GLN C 283 8.21 -19.59 3.39
CA GLN C 283 8.59 -19.27 2.03
C GLN C 283 9.38 -20.43 1.42
N ALA C 284 9.17 -20.67 0.14
CA ALA C 284 9.83 -21.74 -0.57
C ALA C 284 10.49 -21.21 -1.83
N PHE C 285 11.59 -21.83 -2.21
CA PHE C 285 12.36 -21.47 -3.39
C PHE C 285 12.19 -22.56 -4.44
N TYR C 286 11.65 -22.20 -5.60
CA TYR C 286 11.42 -23.14 -6.68
C TYR C 286 12.68 -23.23 -7.53
N ALA C 287 13.27 -24.41 -7.58
CA ALA C 287 14.49 -24.66 -8.33
C ALA C 287 14.29 -25.78 -9.35
N THR C 288 15.11 -25.76 -10.39
CA THR C 288 15.07 -26.77 -11.44
C THR C 288 15.68 -28.04 -10.87
N GLY C 289 14.84 -29.03 -10.60
CA GLY C 289 15.29 -30.29 -10.03
C GLY C 289 16.17 -31.16 -10.88
N ASP C 290 15.61 -31.74 -11.95
CA ASP C 290 16.37 -32.63 -12.82
C ASP C 290 15.71 -32.67 -14.19
N ILE C 291 16.46 -33.19 -15.16
CA ILE C 291 15.99 -33.34 -16.52
C ILE C 291 15.66 -34.81 -16.73
N ILE C 292 14.47 -35.08 -17.26
CA ILE C 292 14.01 -36.44 -17.49
C ILE C 292 13.94 -36.75 -18.98
N GLY C 293 14.80 -36.11 -19.76
CA GLY C 293 14.82 -36.32 -21.20
C GLY C 293 16.10 -35.78 -21.79
N ASP C 294 16.16 -35.80 -23.11
CA ASP C 294 17.33 -35.29 -23.80
C ASP C 294 17.37 -33.77 -23.74
N ILE C 295 18.51 -33.22 -23.34
CA ILE C 295 18.65 -31.77 -23.24
C ILE C 295 18.91 -31.22 -24.64
N ARG C 296 18.03 -30.33 -25.10
CA ARG C 296 18.15 -29.71 -26.41
C ARG C 296 17.98 -28.21 -26.28
N GLN C 297 18.62 -27.47 -27.19
CA GLN C 297 18.54 -26.02 -27.16
C GLN C 297 17.17 -25.53 -27.64
N ALA C 298 16.68 -24.48 -26.99
CA ALA C 298 15.39 -23.91 -27.38
C ALA C 298 15.53 -23.21 -28.73
N HIS C 299 14.45 -23.20 -29.50
CA HIS C 299 14.49 -22.58 -30.81
C HIS C 299 13.11 -22.11 -31.21
N CYS C 300 13.08 -21.27 -32.25
CA CYS C 300 11.86 -20.72 -32.81
C CYS C 300 11.87 -20.99 -34.30
N ASN C 301 10.72 -21.39 -34.85
CA ASN C 301 10.61 -21.71 -36.27
C ASN C 301 9.76 -20.69 -37.00
N VAL C 302 10.32 -20.14 -38.08
CA VAL C 302 9.66 -19.16 -38.93
C VAL C 302 9.81 -19.67 -40.36
N SER C 303 8.69 -19.78 -41.08
CA SER C 303 8.73 -20.25 -42.46
C SER C 303 9.45 -19.23 -43.34
N LYS C 304 10.36 -19.73 -44.17
CA LYS C 304 11.14 -18.83 -45.03
C LYS C 304 10.31 -18.26 -46.18
N ALA C 305 9.21 -18.92 -46.55
CA ALA C 305 8.39 -18.41 -47.64
C ALA C 305 7.63 -17.15 -47.22
N THR C 306 6.93 -17.23 -46.09
CA THR C 306 6.19 -16.08 -45.59
C THR C 306 7.14 -14.96 -45.18
N TRP C 307 8.29 -15.33 -44.60
CA TRP C 307 9.27 -14.33 -44.21
C TRP C 307 9.88 -13.66 -45.43
N ASN C 308 10.07 -14.42 -46.51
CA ASN C 308 10.63 -13.86 -47.74
C ASN C 308 9.65 -12.89 -48.39
N GLU C 309 8.37 -13.26 -48.47
CA GLU C 309 7.40 -12.35 -49.07
C GLU C 309 7.16 -11.13 -48.17
N THR C 310 7.24 -11.32 -46.85
CA THR C 310 7.08 -10.21 -45.93
C THR C 310 8.24 -9.23 -46.07
N LEU C 311 9.46 -9.76 -46.22
CA LEU C 311 10.62 -8.90 -46.42
C LEU C 311 10.56 -8.22 -47.77
N GLY C 312 9.93 -8.86 -48.77
CA GLY C 312 9.77 -8.23 -50.06
C GLY C 312 8.83 -7.04 -49.97
N LYS C 313 7.74 -7.20 -49.22
CA LYS C 313 6.81 -6.09 -49.03
C LYS C 313 7.47 -4.97 -48.24
N VAL C 314 8.28 -5.35 -47.23
CA VAL C 314 8.99 -4.37 -46.41
C VAL C 314 10.01 -3.60 -47.23
N VAL C 315 10.76 -4.29 -48.09
CA VAL C 315 11.76 -3.60 -48.90
C VAL C 315 11.07 -2.73 -49.95
N LYS C 316 9.86 -3.11 -50.39
CA LYS C 316 9.14 -2.27 -51.34
C LYS C 316 8.69 -0.99 -50.66
N GLN C 317 8.17 -1.10 -49.44
CA GLN C 317 7.75 0.09 -48.69
C GLN C 317 8.95 0.95 -48.31
N LEU C 318 10.11 0.31 -48.09
CA LEU C 318 11.32 1.05 -47.77
C LEU C 318 11.81 1.82 -48.98
N ARG C 319 11.71 1.20 -50.16
CA ARG C 319 12.12 1.88 -51.39
C ARG C 319 11.14 2.99 -51.74
N LYS C 320 9.91 2.90 -51.24
CA LYS C 320 8.93 3.95 -51.48
C LYS C 320 9.34 5.26 -50.80
N HIS C 321 10.09 5.17 -49.69
CA HIS C 321 10.57 6.34 -48.97
C HIS C 321 12.01 6.71 -49.31
N PHE C 322 12.86 5.72 -49.57
CA PHE C 322 14.26 5.97 -49.88
C PHE C 322 14.57 6.01 -51.36
N GLY C 323 13.56 5.99 -52.23
CA GLY C 323 13.76 6.04 -53.66
C GLY C 323 13.96 4.66 -54.28
N ASN C 324 13.90 4.64 -55.61
CA ASN C 324 14.06 3.40 -56.37
C ASN C 324 15.53 3.18 -56.69
N ASN C 325 15.81 2.07 -57.40
CA ASN C 325 17.14 1.65 -57.86
C ASN C 325 18.25 1.57 -56.80
N THR C 326 17.88 1.50 -55.52
CA THR C 326 18.86 1.41 -54.45
C THR C 326 18.74 0.05 -53.78
N ILE C 327 19.87 -0.58 -53.50
CA ILE C 327 19.87 -1.88 -52.86
C ILE C 327 19.69 -1.70 -51.36
N ILE C 328 19.01 -2.65 -50.73
CA ILE C 328 18.75 -2.61 -49.29
C ILE C 328 19.17 -3.95 -48.71
N ARG C 329 20.03 -3.90 -47.69
CA ARG C 329 20.55 -5.08 -47.02
C ARG C 329 20.03 -5.16 -45.59
N PHE C 330 19.78 -6.37 -45.14
CA PHE C 330 19.31 -6.64 -43.79
C PHE C 330 20.41 -7.37 -43.04
N ALA C 331 20.92 -6.76 -41.98
CA ALA C 331 21.97 -7.35 -41.16
C ALA C 331 21.43 -7.60 -39.76
N ASN C 332 22.18 -8.37 -38.97
CA ASN C 332 21.75 -8.67 -37.62
C ASN C 332 22.07 -7.49 -36.69
N SER C 333 21.96 -7.74 -35.38
CA SER C 333 22.26 -6.71 -34.40
C SER C 333 23.74 -6.38 -34.39
N SER C 334 24.06 -5.12 -34.08
CA SER C 334 25.45 -4.69 -34.04
C SER C 334 26.18 -5.26 -32.83
N GLY C 335 25.72 -4.93 -31.64
CA GLY C 335 26.36 -5.43 -30.44
C GLY C 335 25.79 -4.75 -29.21
N GLY C 336 26.20 -5.26 -28.06
CA GLY C 336 25.75 -4.73 -26.79
C GLY C 336 25.27 -5.80 -25.83
N ASP C 337 24.24 -5.47 -25.06
CA ASP C 337 23.69 -6.43 -24.09
C ASP C 337 22.89 -7.51 -24.80
N LEU C 338 22.60 -8.58 -24.05
CA LEU C 338 21.83 -9.68 -24.62
C LEU C 338 20.37 -9.31 -24.80
N GLU C 339 19.88 -8.33 -24.04
CA GLU C 339 18.48 -7.93 -24.16
C GLU C 339 18.24 -7.12 -25.43
N VAL C 340 19.26 -6.43 -25.93
CA VAL C 340 19.08 -5.63 -27.14
C VAL C 340 19.60 -6.34 -28.40
N THR C 341 20.47 -7.33 -28.26
CA THR C 341 20.97 -8.03 -29.43
C THR C 341 20.11 -9.23 -29.79
N THR C 342 19.46 -9.84 -28.82
CA THR C 342 18.61 -11.00 -29.03
C THR C 342 17.14 -10.62 -28.86
N HIS C 343 16.28 -11.33 -29.58
CA HIS C 343 14.84 -11.08 -29.51
C HIS C 343 14.32 -11.67 -28.20
N SER C 344 14.13 -10.81 -27.21
CA SER C 344 13.65 -11.22 -25.90
C SER C 344 12.13 -11.15 -25.83
N PHE C 345 11.52 -12.17 -25.24
CA PHE C 345 10.08 -12.23 -25.10
C PHE C 345 9.74 -13.24 -24.01
N ASN C 346 8.44 -13.40 -23.77
CA ASN C 346 7.90 -14.31 -22.77
C ASN C 346 7.04 -15.34 -23.49
N CYS C 347 7.29 -16.62 -23.21
CA CYS C 347 6.54 -17.70 -23.84
C CYS C 347 6.15 -18.71 -22.77
N GLY C 348 4.89 -18.64 -22.32
CA GLY C 348 4.39 -19.55 -21.32
C GLY C 348 4.88 -19.31 -19.91
N GLY C 349 5.70 -18.29 -19.67
CA GLY C 349 6.22 -18.02 -18.35
C GLY C 349 7.73 -17.87 -18.34
N GLU C 350 8.40 -18.67 -19.17
CA GLU C 350 9.86 -18.60 -19.25
C GLU C 350 10.27 -17.48 -20.20
N PHE C 351 11.38 -16.82 -19.88
CA PHE C 351 11.89 -15.73 -20.69
C PHE C 351 12.92 -16.26 -21.67
N PHE C 352 12.70 -15.99 -22.95
CA PHE C 352 13.57 -16.43 -24.03
C PHE C 352 14.42 -15.28 -24.55
N TYR C 353 15.57 -15.64 -25.14
CA TYR C 353 16.52 -14.69 -25.73
C TYR C 353 17.02 -15.41 -26.98
N CYS C 354 16.32 -15.20 -28.10
CA CYS C 354 16.64 -15.86 -29.35
C CYS C 354 17.52 -15.02 -30.27
N ASN C 355 18.46 -15.69 -30.92
CA ASN C 355 19.39 -15.08 -31.85
C ASN C 355 18.70 -14.97 -33.21
N THR C 356 18.39 -13.74 -33.63
CA THR C 356 17.70 -13.50 -34.89
C THR C 356 18.65 -13.15 -36.03
N SER C 357 19.86 -13.73 -36.05
CA SER C 357 20.79 -13.42 -37.13
C SER C 357 20.37 -14.10 -38.43
N GLY C 358 19.61 -15.19 -38.35
CA GLY C 358 19.17 -15.89 -39.54
C GLY C 358 18.02 -15.22 -40.27
N LEU C 359 17.26 -14.37 -39.58
CA LEU C 359 16.14 -13.69 -40.23
C LEU C 359 16.61 -12.49 -41.04
N PHE C 360 17.43 -11.63 -40.42
CA PHE C 360 17.93 -10.43 -41.09
C PHE C 360 19.31 -10.70 -41.68
N ASN C 361 19.29 -11.47 -42.78
CA ASN C 361 20.52 -11.83 -43.50
C ASN C 361 20.12 -12.01 -44.97
N SER C 362 20.21 -10.93 -45.75
CA SER C 362 19.86 -10.94 -47.16
C SER C 362 20.33 -9.63 -47.78
N THR C 363 20.04 -9.50 -49.07
CA THR C 363 20.38 -8.32 -49.87
C THR C 363 19.42 -8.27 -51.05
N TRP C 364 18.65 -7.19 -51.12
CA TRP C 364 17.66 -7.00 -52.17
C TRP C 364 18.20 -6.01 -53.20
N ILE C 365 17.85 -6.25 -54.47
CA ILE C 365 18.28 -5.40 -55.57
C ILE C 365 17.06 -4.93 -56.35
N SER C 366 17.28 -3.92 -57.19
CA SER C 366 16.27 -3.29 -58.06
C SER C 366 15.04 -2.81 -57.30
N ASP C 380 10.29 -25.47 -45.81
CA ASP C 380 11.40 -25.24 -44.89
C ASP C 380 11.03 -24.21 -43.83
N SER C 381 11.86 -24.12 -42.79
CA SER C 381 11.63 -23.18 -41.70
C SER C 381 12.98 -22.67 -41.20
N ILE C 382 13.01 -21.40 -40.81
CA ILE C 382 14.24 -20.78 -40.32
C ILE C 382 14.33 -21.06 -38.81
N THR C 383 15.23 -21.95 -38.42
CA THR C 383 15.43 -22.30 -37.03
C THR C 383 16.38 -21.30 -36.39
N LEU C 384 15.87 -20.52 -35.44
CA LEU C 384 16.67 -19.52 -34.75
C LEU C 384 17.15 -20.07 -33.42
N PRO C 385 18.45 -20.06 -33.13
CA PRO C 385 18.91 -20.56 -31.83
C PRO C 385 18.48 -19.63 -30.72
N CYS C 386 17.96 -20.21 -29.64
CA CYS C 386 17.45 -19.43 -28.53
C CYS C 386 18.07 -19.88 -27.21
N ARG C 387 18.16 -18.93 -26.27
CA ARG C 387 18.70 -19.15 -24.95
C ARG C 387 17.67 -18.73 -23.91
N ILE C 388 17.72 -19.36 -22.75
CA ILE C 388 16.77 -19.10 -21.67
C ILE C 388 17.53 -18.61 -20.44
N LYS C 389 17.05 -17.51 -19.86
CA LYS C 389 17.64 -16.91 -18.68
C LYS C 389 16.58 -16.77 -17.60
N GLN C 390 16.98 -16.98 -16.34
CA GLN C 390 16.08 -16.87 -15.21
C GLN C 390 16.21 -15.54 -14.48
N ILE C 391 17.43 -15.13 -14.15
CA ILE C 391 17.66 -13.85 -13.48
C ILE C 391 17.61 -12.78 -14.56
N ILE C 392 16.55 -11.97 -14.56
CA ILE C 392 16.38 -10.93 -15.55
C ILE C 392 16.18 -9.59 -14.88
N ASN C 393 16.47 -8.53 -15.63
CA ASN C 393 16.33 -7.14 -15.19
C ASN C 393 15.38 -6.49 -16.20
N MET C 394 14.09 -6.50 -15.89
CA MET C 394 13.09 -5.95 -16.79
C MET C 394 13.13 -4.43 -16.81
N TRP C 395 12.58 -3.86 -17.89
CA TRP C 395 12.46 -2.44 -18.16
C TRP C 395 13.81 -1.71 -18.17
N GLN C 396 14.90 -2.45 -18.42
CA GLN C 396 16.27 -1.95 -18.46
C GLN C 396 16.68 -1.21 -17.20
N ARG C 397 16.17 -1.64 -16.06
CA ARG C 397 16.48 -0.99 -14.79
C ARG C 397 17.65 -1.68 -14.09
N ILE C 398 18.34 -0.90 -13.26
CA ILE C 398 19.48 -1.37 -12.49
C ILE C 398 19.10 -1.29 -11.02
N GLY C 399 19.23 -2.41 -10.31
CA GLY C 399 18.89 -2.47 -8.91
C GLY C 399 17.56 -3.14 -8.62
N GLN C 400 16.86 -3.63 -9.63
CA GLN C 400 15.58 -4.31 -9.46
C GLN C 400 15.54 -5.47 -10.43
N CYS C 401 15.55 -6.69 -9.90
CA CYS C 401 15.54 -7.90 -10.72
C CYS C 401 14.52 -8.88 -10.15
N MET C 402 14.07 -9.80 -11.01
CA MET C 402 13.10 -10.82 -10.62
C MET C 402 13.55 -12.16 -11.17
N TYR C 403 13.55 -13.18 -10.29
CA TYR C 403 13.93 -14.53 -10.67
C TYR C 403 12.69 -15.26 -11.17
N ALA C 404 12.75 -15.74 -12.41
CA ALA C 404 11.63 -16.47 -12.97
C ALA C 404 11.70 -17.92 -12.52
N PRO C 405 10.69 -18.43 -11.82
CA PRO C 405 10.75 -19.83 -11.36
C PRO C 405 10.62 -20.78 -12.54
N PRO C 406 11.23 -21.97 -12.45
CA PRO C 406 11.13 -22.93 -13.55
C PRO C 406 9.73 -23.51 -13.66
N ILE C 407 9.37 -23.89 -14.88
CA ILE C 407 8.05 -24.44 -15.18
C ILE C 407 8.24 -25.87 -15.66
N GLN C 408 7.58 -26.82 -15.01
CA GLN C 408 7.68 -28.21 -15.38
C GLN C 408 6.93 -28.48 -16.69
N GLY C 409 7.39 -29.49 -17.42
CA GLY C 409 6.78 -29.84 -18.68
C GLY C 409 7.44 -29.14 -19.86
N VAL C 410 6.94 -29.46 -21.04
CA VAL C 410 7.45 -28.89 -22.29
C VAL C 410 6.63 -27.64 -22.60
N ILE C 411 7.31 -26.51 -22.73
CA ILE C 411 6.68 -25.23 -23.02
C ILE C 411 6.68 -25.00 -24.52
N ARG C 412 5.51 -24.69 -25.07
CA ARG C 412 5.37 -24.43 -26.50
C ARG C 412 4.31 -23.34 -26.67
N CYS C 413 4.57 -22.39 -27.57
CA CYS C 413 3.64 -21.31 -27.80
C CYS C 413 3.70 -20.88 -29.26
N VAL C 414 2.59 -20.30 -29.72
CA VAL C 414 2.44 -19.81 -31.09
C VAL C 414 2.15 -18.32 -31.02
N SER C 415 2.93 -17.51 -31.73
CA SER C 415 2.76 -16.07 -31.74
C SER C 415 2.71 -15.55 -33.17
N ASN C 416 2.28 -14.30 -33.30
CA ASN C 416 2.16 -13.61 -34.58
C ASN C 416 3.17 -12.48 -34.65
N ILE C 417 4.04 -12.50 -35.65
CA ILE C 417 5.02 -11.42 -35.83
C ILE C 417 4.30 -10.35 -36.63
N THR C 418 3.86 -9.28 -35.96
CA THR C 418 3.13 -8.21 -36.62
C THR C 418 3.97 -6.96 -36.87
N GLY C 419 5.26 -6.97 -36.55
CA GLY C 419 6.06 -5.79 -36.80
C GLY C 419 7.49 -5.97 -36.35
N LEU C 420 8.32 -5.00 -36.74
CA LEU C 420 9.73 -4.97 -36.43
C LEU C 420 10.14 -3.58 -35.99
N ILE C 421 11.31 -3.51 -35.37
CA ILE C 421 11.90 -2.24 -34.90
C ILE C 421 13.28 -2.20 -35.53
N LEU C 422 13.38 -1.54 -36.69
CA LEU C 422 14.64 -1.46 -37.41
C LEU C 422 15.45 -0.24 -37.04
N THR C 423 16.74 -0.29 -37.40
CA THR C 423 17.71 0.77 -37.14
C THR C 423 18.58 0.88 -38.39
N ARG C 424 18.77 2.11 -38.86
CA ARG C 424 19.56 2.40 -40.05
C ARG C 424 20.87 3.09 -39.69
N ASP C 425 21.88 2.89 -40.53
CA ASP C 425 23.19 3.50 -40.36
C ASP C 425 23.57 4.27 -41.61
N GLY C 426 24.38 5.31 -41.44
CA GLY C 426 24.81 6.14 -42.55
C GLY C 426 26.03 5.62 -43.29
N GLY C 427 26.47 6.41 -44.26
CA GLY C 427 27.62 6.08 -45.07
C GLY C 427 28.03 7.25 -45.92
N SER C 428 29.16 7.09 -46.60
CA SER C 428 29.72 8.12 -47.49
C SER C 428 28.87 8.21 -48.74
N THR C 429 28.08 9.28 -48.86
CA THR C 429 27.15 9.59 -49.95
C THR C 429 26.09 8.52 -50.16
N ASN C 430 25.88 7.66 -49.14
CA ASN C 430 24.94 6.54 -49.02
C ASN C 430 25.29 5.35 -49.91
N SER C 431 26.24 5.53 -50.85
CA SER C 431 26.75 4.53 -51.80
C SER C 431 25.68 3.63 -52.39
N THR C 432 24.52 4.22 -52.73
CA THR C 432 23.29 3.58 -53.27
C THR C 432 22.93 2.27 -52.55
N THR C 433 23.20 2.22 -51.24
CA THR C 433 22.92 1.05 -50.43
C THR C 433 22.40 1.50 -49.07
N GLU C 434 21.58 0.66 -48.44
CA GLU C 434 21.01 0.95 -47.13
C GLU C 434 21.01 -0.32 -46.31
N THR C 435 21.62 -0.26 -45.13
CA THR C 435 21.70 -1.40 -44.23
C THR C 435 20.74 -1.19 -43.06
N PHE C 436 19.88 -2.17 -42.83
CA PHE C 436 18.90 -2.11 -41.74
C PHE C 436 19.19 -3.22 -40.75
N ARG C 437 19.25 -2.85 -39.48
CA ARG C 437 19.53 -3.75 -38.36
C ARG C 437 18.41 -3.64 -37.35
N PRO C 438 18.13 -4.71 -36.59
CA PRO C 438 17.06 -4.64 -35.59
C PRO C 438 17.45 -3.72 -34.45
N GLY C 439 16.43 -3.07 -33.89
CA GLY C 439 16.65 -2.14 -32.81
C GLY C 439 16.04 -2.57 -31.48
N GLY C 440 16.90 -2.80 -30.48
CA GLY C 440 16.43 -3.19 -29.17
C GLY C 440 16.15 -1.99 -28.31
N GLY C 441 15.17 -1.18 -28.72
CA GLY C 441 14.82 0.01 -27.97
C GLY C 441 14.05 -0.29 -26.71
N ASP C 442 13.59 0.79 -26.08
CA ASP C 442 12.82 0.67 -24.85
C ASP C 442 11.41 0.15 -25.14
N MET C 443 10.69 -0.17 -24.06
CA MET C 443 9.35 -0.71 -24.17
C MET C 443 8.32 0.31 -24.66
N ARG C 444 8.66 1.60 -24.71
CA ARG C 444 7.71 2.60 -25.18
C ARG C 444 7.44 2.44 -26.67
N ASP C 445 8.46 2.06 -27.44
CA ASP C 445 8.29 1.89 -28.88
C ASP C 445 7.43 0.68 -29.21
N ASN C 446 7.42 -0.34 -28.36
CA ASN C 446 6.61 -1.52 -28.61
C ASN C 446 5.13 -1.21 -28.44
N TRP C 447 4.79 -0.46 -27.39
CA TRP C 447 3.40 -0.10 -27.14
C TRP C 447 2.96 1.10 -27.98
N ARG C 448 3.89 1.79 -28.63
CA ARG C 448 3.52 2.92 -29.48
C ARG C 448 2.88 2.44 -30.76
N SER C 449 3.18 1.20 -31.18
CA SER C 449 2.60 0.64 -32.39
C SER C 449 1.13 0.31 -32.24
N GLU C 450 0.61 0.29 -31.01
CA GLU C 450 -0.79 0.00 -30.73
C GLU C 450 -1.59 1.27 -30.49
N LEU C 451 -1.00 2.26 -29.83
CA LEU C 451 -1.64 3.53 -29.54
C LEU C 451 -1.32 4.59 -30.58
N TYR C 452 -1.05 4.19 -31.82
CA TYR C 452 -0.72 5.15 -32.87
C TYR C 452 -1.95 5.89 -33.36
N LYS C 453 -3.12 5.25 -33.29
CA LYS C 453 -4.37 5.85 -33.74
C LYS C 453 -5.20 6.43 -32.61
N TYR C 454 -4.59 6.82 -31.49
CA TYR C 454 -5.33 7.37 -30.38
C TYR C 454 -4.67 8.62 -29.85
N LYS C 455 -5.50 9.53 -29.33
CA LYS C 455 -5.05 10.78 -28.74
C LYS C 455 -6.10 11.21 -27.73
N VAL C 456 -5.68 12.03 -26.76
CA VAL C 456 -6.57 12.50 -25.70
C VAL C 456 -6.80 13.99 -25.88
N VAL C 457 -8.07 14.40 -25.87
CA VAL C 457 -8.46 15.80 -26.02
C VAL C 457 -9.34 16.19 -24.85
N LYS C 458 -9.29 17.46 -24.48
CA LYS C 458 -10.08 17.99 -23.38
C LYS C 458 -11.27 18.77 -23.93
N ILE C 459 -12.47 18.32 -23.59
CA ILE C 459 -13.70 18.94 -24.06
C ILE C 459 -13.89 20.31 -23.41
N GLU C 460 -14.21 21.30 -24.23
CA GLU C 460 -14.46 22.68 -23.79
C GLU C 460 -15.90 23.00 -24.19
N PRO C 461 -16.87 22.75 -23.31
CA PRO C 461 -18.27 23.00 -23.66
C PRO C 461 -18.68 24.47 -23.65
N LEU C 462 -17.85 25.39 -23.17
CA LEU C 462 -18.22 26.79 -23.13
C LEU C 462 -17.78 27.50 -24.41
N GLY C 463 -18.69 28.27 -24.99
CA GLY C 463 -18.39 29.00 -26.23
C GLY C 463 -19.26 30.23 -26.31
N VAL C 464 -18.75 31.24 -27.04
CA VAL C 464 -19.44 32.50 -27.22
C VAL C 464 -19.51 32.81 -28.71
N ALA C 465 -20.64 33.39 -29.14
CA ALA C 465 -20.85 33.74 -30.55
C ALA C 465 -21.87 34.85 -30.61
N PRO C 466 -21.72 35.80 -31.55
CA PRO C 466 -22.70 36.89 -31.64
C PRO C 466 -23.98 36.50 -32.37
N THR C 467 -25.10 37.01 -31.89
CA THR C 467 -26.42 36.78 -32.44
C THR C 467 -27.26 38.02 -32.18
N ARG C 468 -28.21 38.30 -33.08
CA ARG C 468 -29.09 39.46 -32.92
C ARG C 468 -30.12 39.16 -31.82
N CYS C 469 -29.63 39.18 -30.59
CA CYS C 469 -30.45 38.89 -29.42
C CYS C 469 -30.02 39.78 -28.26
N LYS C 470 -30.96 40.52 -27.69
CA LYS C 470 -30.71 41.44 -26.58
C LYS C 470 -31.53 40.99 -25.37
N ARG C 471 -30.85 40.66 -24.28
CA ARG C 471 -31.51 40.23 -23.05
C ARG C 471 -32.32 41.36 -22.43
N ARG C 472 -33.51 41.05 -21.94
CA ARG C 472 -34.37 42.05 -21.32
C ARG C 472 -33.79 42.50 -19.97
N VAL C 473 -34.34 43.59 -19.46
CA VAL C 473 -33.89 44.14 -18.18
C VAL C 473 -35.06 44.15 -17.20
N LEU D 8 -27.63 11.41 -33.72
CA LEU D 8 -26.22 11.74 -33.50
C LEU D 8 -25.83 11.47 -32.05
N GLY D 9 -24.60 10.99 -31.86
CA GLY D 9 -24.09 10.69 -30.54
C GLY D 9 -23.22 11.79 -29.99
N PHE D 10 -22.26 11.40 -29.15
CA PHE D 10 -21.35 12.35 -28.55
C PHE D 10 -20.38 12.90 -29.59
N LEU D 11 -20.31 14.23 -29.67
CA LEU D 11 -19.46 14.98 -30.59
C LEU D 11 -19.75 14.68 -32.06
N GLY D 12 -20.96 14.19 -32.37
CA GLY D 12 -21.30 13.89 -33.76
C GLY D 12 -21.39 15.12 -34.63
N ALA D 13 -21.88 16.24 -34.07
CA ALA D 13 -22.02 17.49 -34.79
C ALA D 13 -20.79 18.37 -34.67
N ALA D 14 -19.62 17.79 -34.41
CA ALA D 14 -18.40 18.57 -34.27
C ALA D 14 -17.96 19.14 -35.61
N GLY D 15 -17.92 18.31 -36.64
CA GLY D 15 -17.51 18.79 -37.94
C GLY D 15 -18.58 19.54 -38.70
N SER D 16 -19.83 19.42 -38.27
CA SER D 16 -20.91 20.14 -38.93
C SER D 16 -20.85 21.61 -38.58
N THR D 17 -21.47 22.43 -39.43
CA THR D 17 -21.48 23.86 -39.20
C THR D 17 -22.40 24.21 -38.03
N MET D 18 -22.36 25.48 -37.62
CA MET D 18 -23.21 25.92 -36.54
C MET D 18 -24.68 25.94 -36.95
N GLY D 19 -25.53 26.23 -35.97
CA GLY D 19 -26.96 26.25 -36.23
C GLY D 19 -27.47 24.85 -36.02
N ALA D 20 -27.08 23.93 -36.91
CA ALA D 20 -27.50 22.53 -36.78
C ALA D 20 -26.87 21.88 -35.56
N ALA D 21 -25.70 22.36 -35.15
CA ALA D 21 -25.03 21.82 -33.98
C ALA D 21 -25.59 22.42 -32.69
N SER D 22 -26.44 23.45 -32.79
CA SER D 22 -27.01 24.08 -31.60
C SER D 22 -28.11 23.22 -30.96
N MET D 23 -28.77 22.36 -31.73
CA MET D 23 -29.79 21.49 -31.15
C MET D 23 -29.20 20.25 -30.51
N THR D 24 -27.88 20.06 -30.57
CA THR D 24 -27.22 18.91 -29.98
C THR D 24 -26.37 19.29 -28.77
N LEU D 25 -26.80 20.30 -28.00
CA LEU D 25 -26.04 20.67 -26.82
C LEU D 25 -26.37 19.77 -25.64
N THR D 26 -27.49 19.05 -25.71
CA THR D 26 -27.89 18.16 -24.61
C THR D 26 -27.09 16.87 -24.63
N VAL D 27 -26.71 16.39 -25.82
CA VAL D 27 -25.96 15.13 -25.90
C VAL D 27 -24.51 15.33 -25.52
N GLN D 28 -24.02 16.57 -25.54
CA GLN D 28 -22.63 16.82 -25.16
C GLN D 28 -22.50 17.15 -23.69
N ALA D 29 -23.51 17.79 -23.11
CA ALA D 29 -23.44 18.18 -21.70
C ALA D 29 -23.70 16.99 -20.77
N ARG D 30 -24.27 15.90 -21.29
CA ARG D 30 -24.56 14.75 -20.44
C ARG D 30 -23.32 13.96 -20.06
N ASN D 31 -22.29 13.90 -20.90
CA ASN D 31 -21.07 13.17 -20.61
C ASN D 31 -20.03 13.99 -19.86
N LEU D 32 -20.38 15.19 -19.37
CA LEU D 32 -19.43 15.98 -18.60
C LEU D 32 -19.24 15.42 -17.20
N LEU D 33 -20.08 14.48 -16.78
CA LEU D 33 -20.00 13.85 -15.47
C LEU D 33 -19.99 12.32 -15.63
N LEU D 56 -4.28 -0.46 -1.57
CA LEU D 56 -4.09 0.58 -2.58
C LEU D 56 -3.73 -0.09 -3.90
N THR D 57 -4.35 0.37 -4.98
CA THR D 57 -4.09 -0.19 -6.31
C THR D 57 -3.77 0.98 -7.23
N VAL D 58 -3.11 0.66 -8.35
CA VAL D 58 -2.72 1.68 -9.33
C VAL D 58 -3.96 2.33 -9.94
N TRP D 59 -4.96 1.53 -10.30
CA TRP D 59 -6.17 2.06 -10.91
C TRP D 59 -7.09 2.78 -9.94
N GLY D 60 -7.11 2.39 -8.66
CA GLY D 60 -7.98 3.02 -7.68
C GLY D 60 -7.80 4.50 -7.45
N ILE D 61 -6.60 4.91 -7.01
CA ILE D 61 -6.32 6.31 -6.76
C ILE D 61 -6.36 7.12 -8.06
N LYS D 62 -5.98 6.48 -9.18
CA LYS D 62 -6.02 7.15 -10.47
C LYS D 62 -7.45 7.46 -10.88
N GLN D 63 -8.36 6.50 -10.71
CA GLN D 63 -9.76 6.71 -11.04
C GLN D 63 -10.39 7.74 -10.11
N LEU D 64 -10.01 7.71 -8.82
CA LEU D 64 -10.55 8.69 -7.88
C LEU D 64 -10.10 10.11 -8.24
N GLN D 65 -8.82 10.27 -8.60
CA GLN D 65 -8.31 11.58 -8.98
C GLN D 65 -8.96 12.06 -10.27
N ALA D 66 -9.18 11.16 -11.22
CA ALA D 66 -9.84 11.53 -12.48
C ALA D 66 -11.28 11.96 -12.24
N ARG D 67 -11.97 11.25 -11.33
CA ARG D 67 -13.35 11.59 -11.00
C ARG D 67 -13.44 12.96 -10.34
N VAL D 68 -12.52 13.24 -9.40
CA VAL D 68 -12.52 14.53 -8.73
C VAL D 68 -12.17 15.65 -9.72
N LEU D 69 -11.26 15.38 -10.65
CA LEU D 69 -10.90 16.36 -11.66
C LEU D 69 -12.07 16.70 -12.56
N ALA D 70 -12.82 15.67 -12.98
CA ALA D 70 -13.99 15.88 -13.84
C ALA D 70 -15.07 16.65 -13.09
N VAL D 71 -15.27 16.32 -11.81
CA VAL D 71 -16.26 17.00 -10.99
C VAL D 71 -15.89 18.48 -10.84
N GLU D 72 -14.60 18.76 -10.60
CA GLU D 72 -14.17 20.14 -10.46
C GLU D 72 -14.28 20.92 -11.76
N ARG D 73 -14.01 20.27 -12.90
CA ARG D 73 -14.15 20.95 -14.18
C ARG D 73 -15.60 21.33 -14.45
N TYR D 74 -16.52 20.39 -14.16
CA TYR D 74 -17.94 20.66 -14.35
C TYR D 74 -18.40 21.76 -13.39
N LEU D 75 -17.89 21.75 -12.16
CA LEU D 75 -18.26 22.78 -11.19
C LEU D 75 -17.73 24.15 -11.60
N ARG D 76 -16.53 24.21 -12.20
CA ARG D 76 -15.99 25.49 -12.65
C ARG D 76 -16.84 26.05 -13.77
N ASP D 77 -17.26 25.19 -14.71
CA ASP D 77 -18.11 25.65 -15.80
C ASP D 77 -19.46 26.11 -15.29
N GLN D 78 -20.04 25.38 -14.33
CA GLN D 78 -21.32 25.76 -13.76
C GLN D 78 -21.20 27.06 -12.96
N GLN D 79 -20.06 27.26 -12.28
CA GLN D 79 -19.86 28.49 -11.53
C GLN D 79 -19.74 29.68 -12.47
N LEU D 80 -19.07 29.48 -13.61
CA LEU D 80 -18.94 30.55 -14.59
C LEU D 80 -20.30 30.92 -15.17
N LEU D 81 -21.11 29.90 -15.46
CA LEU D 81 -22.46 30.16 -15.98
C LEU D 81 -23.34 30.81 -14.92
N GLY D 82 -23.13 30.45 -13.65
CA GLY D 82 -23.91 31.04 -12.58
C GLY D 82 -23.57 32.51 -12.36
N ILE D 83 -22.28 32.85 -12.41
CA ILE D 83 -21.90 34.25 -12.23
C ILE D 83 -22.23 35.05 -13.47
N TRP D 84 -22.44 34.38 -14.61
CA TRP D 84 -22.82 35.10 -15.82
C TRP D 84 -24.33 35.32 -15.91
N GLY D 85 -25.10 34.72 -15.01
CA GLY D 85 -26.54 34.85 -15.05
C GLY D 85 -27.22 33.89 -16.00
N CYS D 86 -26.49 32.91 -16.52
CA CYS D 86 -27.00 31.92 -17.45
C CYS D 86 -27.07 30.52 -16.85
N SER D 87 -27.35 30.43 -15.55
CA SER D 87 -27.42 29.11 -14.90
C SER D 87 -28.68 28.38 -15.33
N GLY D 88 -28.51 27.11 -15.70
CA GLY D 88 -29.62 26.28 -16.14
C GLY D 88 -30.10 26.51 -17.55
N LYS D 89 -29.42 27.36 -18.32
CA LYS D 89 -29.79 27.65 -19.69
C LYS D 89 -28.65 27.25 -20.61
N LEU D 90 -28.95 26.39 -21.59
CA LEU D 90 -27.93 25.95 -22.54
C LEU D 90 -27.59 27.06 -23.53
N ILE D 91 -28.61 27.73 -24.05
CA ILE D 91 -28.43 28.84 -24.98
C ILE D 91 -28.87 30.11 -24.28
N CYS D 92 -27.91 30.80 -23.67
CA CYS D 92 -28.21 32.02 -22.95
C CYS D 92 -27.81 33.26 -23.74
N CYS D 93 -28.59 34.32 -23.58
CA CYS D 93 -28.36 35.59 -24.24
C CYS D 93 -27.88 36.62 -23.22
N THR D 94 -27.07 37.55 -23.69
CA THR D 94 -26.54 38.59 -22.81
C THR D 94 -26.65 39.95 -23.49
N ASN D 95 -26.74 40.99 -22.66
CA ASN D 95 -26.84 42.37 -23.13
C ASN D 95 -25.47 43.03 -23.22
N VAL D 96 -24.56 42.39 -23.93
CA VAL D 96 -23.19 42.88 -24.11
C VAL D 96 -22.96 43.09 -25.61
N PRO D 97 -22.55 44.29 -26.04
CA PRO D 97 -22.33 44.51 -27.46
C PRO D 97 -21.13 43.75 -28.00
N TRP D 98 -21.31 43.17 -29.19
CA TRP D 98 -20.28 42.39 -29.87
C TRP D 98 -19.94 43.15 -31.15
N ASN D 99 -18.84 43.90 -31.12
CA ASN D 99 -18.44 44.69 -32.27
C ASN D 99 -17.48 43.93 -33.19
N SER D 100 -17.19 44.55 -34.33
CA SER D 100 -16.34 43.99 -35.37
C SER D 100 -14.86 43.90 -35.01
N SER D 101 -14.46 44.37 -33.82
CA SER D 101 -13.05 44.29 -33.45
C SER D 101 -12.60 42.84 -33.23
N TRP D 102 -13.50 41.99 -32.75
CA TRP D 102 -13.15 40.59 -32.53
C TRP D 102 -13.13 39.80 -33.84
N SER D 103 -14.03 40.12 -34.77
CA SER D 103 -14.10 39.47 -36.07
C SER D 103 -14.86 40.37 -37.04
N ASN D 104 -14.36 40.51 -38.27
CA ASN D 104 -14.96 41.37 -39.27
C ASN D 104 -15.94 40.67 -40.21
N ARG D 105 -16.12 39.35 -40.10
CA ARG D 105 -17.03 38.65 -41.00
C ARG D 105 -18.50 38.84 -40.62
N ASN D 106 -19.37 38.74 -41.62
CA ASN D 106 -20.80 38.90 -41.43
C ASN D 106 -21.40 37.68 -40.72
N LEU D 107 -22.62 37.88 -40.19
CA LEU D 107 -23.34 36.86 -39.42
C LEU D 107 -23.74 35.63 -40.24
N SER D 108 -23.91 35.78 -41.56
CA SER D 108 -24.32 34.66 -42.39
C SER D 108 -23.28 33.55 -42.43
N GLU D 109 -22.03 33.89 -42.75
CA GLU D 109 -20.99 32.89 -42.83
C GLU D 109 -20.53 32.39 -41.46
N ILE D 110 -21.02 33.00 -40.38
CA ILE D 110 -20.66 32.55 -39.05
C ILE D 110 -21.31 31.21 -38.76
N TRP D 111 -22.64 31.16 -38.90
CA TRP D 111 -23.47 30.00 -38.61
C TRP D 111 -23.67 29.08 -39.82
N ASP D 112 -23.68 29.61 -41.04
CA ASP D 112 -23.89 28.71 -42.17
C ASP D 112 -22.62 28.34 -42.93
N ASN D 113 -21.44 28.75 -42.46
CA ASN D 113 -20.23 28.41 -43.19
C ASN D 113 -19.08 28.02 -42.26
N MET D 114 -19.15 28.38 -40.98
CA MET D 114 -18.07 28.08 -40.07
C MET D 114 -18.55 27.16 -38.94
N THR D 115 -17.67 26.24 -38.54
CA THR D 115 -17.93 25.29 -37.47
C THR D 115 -17.50 25.88 -36.13
N TRP D 116 -17.54 25.05 -35.09
CA TRP D 116 -17.18 25.51 -33.75
C TRP D 116 -15.67 25.50 -33.51
N LEU D 117 -14.95 24.54 -34.10
CA LEU D 117 -13.50 24.44 -33.89
C LEU D 117 -12.77 25.65 -34.46
N GLN D 118 -13.13 26.05 -35.68
CA GLN D 118 -12.52 27.22 -36.29
C GLN D 118 -12.87 28.48 -35.52
N TRP D 119 -14.07 28.50 -34.95
CA TRP D 119 -14.52 29.64 -34.15
C TRP D 119 -13.68 29.78 -32.90
N ASP D 120 -13.38 28.64 -32.24
CA ASP D 120 -12.56 28.67 -31.05
C ASP D 120 -11.13 29.09 -31.40
N LYS D 121 -10.62 28.58 -32.53
CA LYS D 121 -9.28 28.95 -32.97
C LYS D 121 -9.18 30.43 -33.33
N GLU D 122 -10.30 31.05 -33.70
CA GLU D 122 -10.31 32.46 -34.06
C GLU D 122 -10.50 33.38 -32.85
N ILE D 123 -11.41 33.01 -31.95
CA ILE D 123 -11.79 33.94 -30.84
C ILE D 123 -10.95 33.72 -29.59
N SER D 124 -10.10 32.70 -29.57
CA SER D 124 -9.35 32.40 -28.31
C SER D 124 -8.69 33.69 -27.79
N ASN D 125 -8.23 34.55 -28.70
CA ASN D 125 -7.52 35.79 -28.30
C ASN D 125 -8.47 36.70 -27.49
N TYR D 126 -9.77 36.72 -27.81
CA TYR D 126 -10.72 37.66 -27.14
C TYR D 126 -11.52 36.95 -26.05
N THR D 127 -11.41 35.63 -25.97
CA THR D 127 -12.26 34.85 -25.03
C THR D 127 -12.16 35.40 -23.62
N GLN D 128 -10.95 35.63 -23.11
CA GLN D 128 -10.82 36.03 -21.68
C GLN D 128 -11.53 37.38 -21.43
N ILE D 129 -11.34 38.37 -22.31
CA ILE D 129 -11.92 39.72 -22.04
C ILE D 129 -13.44 39.61 -22.09
N ILE D 130 -13.98 38.70 -22.89
CA ILE D 130 -15.42 38.55 -23.03
C ILE D 130 -16.00 37.98 -21.75
N TYR D 131 -15.28 37.06 -21.12
CA TYR D 131 -15.71 36.45 -19.85
C TYR D 131 -15.81 37.51 -18.75
N GLY D 132 -14.79 38.35 -18.65
CA GLY D 132 -14.81 39.41 -17.64
C GLY D 132 -15.89 40.44 -17.92
N LEU D 133 -16.11 40.75 -19.21
CA LEU D 133 -17.15 41.69 -19.58
C LEU D 133 -18.53 41.17 -19.22
N LEU D 134 -18.77 39.87 -19.45
CA LEU D 134 -20.05 39.26 -19.10
C LEU D 134 -20.26 39.23 -17.59
N GLU D 135 -19.18 38.95 -16.84
CA GLU D 135 -19.29 38.93 -15.38
C GLU D 135 -19.64 40.31 -14.84
N GLU D 136 -18.99 41.35 -15.36
CA GLU D 136 -19.28 42.71 -14.90
C GLU D 136 -20.70 43.12 -15.31
N SER D 137 -21.13 42.70 -16.50
CA SER D 137 -22.48 43.02 -16.97
C SER D 137 -23.53 42.36 -16.10
N GLN D 138 -23.28 41.11 -15.67
CA GLN D 138 -24.24 40.43 -14.81
C GLN D 138 -24.29 41.09 -13.43
N ASN D 139 -23.13 41.54 -12.93
CA ASN D 139 -23.12 42.24 -11.64
C ASN D 139 -23.92 43.53 -11.72
N GLN D 140 -23.74 44.27 -12.82
CA GLN D 140 -24.50 45.52 -13.00
C GLN D 140 -25.99 45.24 -13.15
N GLN D 141 -26.35 44.16 -13.86
CA GLN D 141 -27.75 43.81 -14.03
C GLN D 141 -28.37 43.46 -12.69
N GLU D 142 -27.62 42.77 -11.82
CA GLU D 142 -28.12 42.43 -10.50
C GLU D 142 -28.34 43.67 -9.65
N LYS D 143 -27.40 44.64 -9.74
CA LYS D 143 -27.55 45.87 -8.97
C LYS D 143 -28.75 46.70 -9.42
N ASN D 144 -28.94 46.86 -10.73
CA ASN D 144 -30.11 47.59 -11.22
C ASN D 144 -31.40 46.83 -10.95
N GLU D 145 -31.34 45.50 -10.90
CA GLU D 145 -32.56 44.74 -10.60
C GLU D 145 -32.95 44.98 -9.15
N GLN D 146 -31.95 45.00 -8.25
CA GLN D 146 -32.22 45.27 -6.84
C GLN D 146 -32.75 46.68 -6.65
N ASP D 147 -32.19 47.65 -7.37
CA ASP D 147 -32.64 49.03 -7.26
C ASP D 147 -34.07 49.18 -7.80
N LEU D 148 -34.36 48.57 -8.95
CA LEU D 148 -35.69 48.65 -9.54
C LEU D 148 -36.72 48.00 -8.62
N LEU D 149 -36.35 46.93 -7.93
CA LEU D 149 -37.26 46.33 -6.99
C LEU D 149 -37.36 47.14 -5.70
N ALA D 150 -36.33 47.94 -5.40
CA ALA D 150 -36.33 48.77 -4.20
C ALA D 150 -37.26 49.97 -4.33
N LEU D 151 -37.17 50.75 -5.43
CA LEU D 151 -38.08 51.89 -5.55
C LEU D 151 -39.49 51.48 -5.96
N ASP D 152 -39.71 50.20 -6.28
CA ASP D 152 -41.05 49.76 -6.69
C ASP D 152 -41.97 49.69 -5.48
N GLN E 1 31.95 -46.01 26.19
CA GLN E 1 30.74 -45.28 26.56
C GLN E 1 29.49 -46.02 26.06
N VAL E 2 29.43 -46.22 24.75
CA VAL E 2 28.31 -46.91 24.11
C VAL E 2 28.84 -48.17 23.46
N GLN E 3 28.25 -49.31 23.82
CA GLN E 3 28.66 -50.61 23.30
C GLN E 3 27.57 -51.19 22.41
N LEU E 4 28.00 -51.81 21.30
CA LEU E 4 27.10 -52.44 20.35
C LEU E 4 27.53 -53.88 20.12
N GLN E 5 26.60 -54.81 20.33
CA GLN E 5 26.85 -56.23 20.17
C GLN E 5 25.88 -56.79 19.15
N GLN E 6 26.35 -57.78 18.38
CA GLN E 6 25.52 -58.39 17.36
C GLN E 6 25.62 -59.91 17.45
N TRP E 7 24.60 -60.57 16.94
CA TRP E 7 24.55 -62.03 16.96
C TRP E 7 23.85 -62.52 15.69
N GLY E 8 24.17 -63.75 15.30
CA GLY E 8 23.58 -64.33 14.11
C GLY E 8 24.04 -65.76 13.93
N GLU E 9 23.65 -66.33 12.79
CA GLU E 9 23.99 -67.70 12.45
C GLU E 9 25.37 -67.74 11.80
N GLY E 10 26.26 -68.59 12.32
CA GLY E 10 27.60 -68.69 11.75
C GLY E 10 27.64 -69.46 10.44
N LEU E 11 26.75 -70.44 10.29
CA LEU E 11 26.69 -71.25 9.08
C LEU E 11 25.28 -71.17 8.52
N VAL E 12 25.17 -70.74 7.26
CA VAL E 12 23.88 -70.59 6.60
C VAL E 12 23.94 -71.29 5.25
N LYS E 13 22.96 -72.16 5.00
CA LYS E 13 22.82 -72.90 3.76
C LYS E 13 22.52 -71.93 2.61
N PRO E 14 22.81 -72.30 1.36
CA PRO E 14 22.53 -71.36 0.26
C PRO E 14 21.05 -71.30 -0.08
N SER E 15 20.67 -70.12 -0.62
CA SER E 15 19.39 -69.69 -1.18
C SER E 15 18.27 -69.29 -0.20
N GLU E 16 18.54 -69.07 1.09
CA GLU E 16 17.43 -68.61 1.94
C GLU E 16 17.70 -67.18 2.40
N THR E 17 16.90 -66.74 3.37
CA THR E 17 17.00 -65.40 3.92
C THR E 17 17.97 -65.41 5.10
N LEU E 18 18.96 -64.52 5.06
CA LEU E 18 19.96 -64.38 6.11
C LEU E 18 19.53 -63.22 7.01
N SER E 19 19.35 -63.49 8.30
CA SER E 19 18.94 -62.49 9.27
C SER E 19 20.05 -62.18 10.25
N LEU E 20 20.32 -60.90 10.45
CA LEU E 20 21.34 -60.41 11.37
C LEU E 20 20.69 -59.47 12.38
N SER E 21 21.06 -59.61 13.65
CA SER E 21 20.52 -58.80 14.72
C SER E 21 21.64 -58.11 15.48
N CYS E 22 21.52 -56.79 15.64
CA CYS E 22 22.50 -55.98 16.35
C CYS E 22 21.76 -55.17 17.41
N ALA E 23 22.38 -55.04 18.59
CA ALA E 23 21.78 -54.31 19.69
C ALA E 23 22.72 -53.22 20.19
N VAL E 24 22.14 -52.21 20.82
CA VAL E 24 22.86 -51.06 21.37
C VAL E 24 22.73 -51.10 22.89
N TYR E 25 23.84 -50.83 23.58
CA TYR E 25 23.89 -50.81 25.03
C TYR E 25 24.63 -49.55 25.46
N GLY E 26 24.04 -48.82 26.41
CA GLY E 26 24.61 -47.59 26.89
C GLY E 26 24.14 -46.36 26.14
N GLY E 27 23.38 -46.52 25.07
CA GLY E 27 22.86 -45.42 24.29
C GLY E 27 21.40 -45.63 23.96
N SER E 28 20.95 -45.08 22.82
CA SER E 28 19.55 -45.23 22.43
C SER E 28 19.45 -45.04 20.92
N ILE E 29 18.37 -45.57 20.35
CA ILE E 29 18.13 -45.44 18.90
C ILE E 29 17.35 -44.14 18.73
N SER E 30 18.10 -43.04 18.71
CA SER E 30 17.55 -41.70 18.57
C SER E 30 18.70 -40.76 18.27
N GLY E 31 18.37 -39.55 17.86
CA GLY E 31 19.38 -38.57 17.55
C GLY E 31 19.81 -38.58 16.10
N HIS E 32 20.78 -37.74 15.80
CA HIS E 32 21.32 -37.59 14.44
C HIS E 32 22.35 -38.69 14.21
N TYR E 33 21.87 -39.90 13.97
CA TYR E 33 22.73 -41.04 13.73
C TYR E 33 22.18 -41.88 12.58
N TYR E 34 23.09 -42.61 11.94
CA TYR E 34 22.77 -43.47 10.80
C TYR E 34 23.22 -44.88 11.13
N TRP E 35 22.28 -45.77 11.45
CA TRP E 35 22.60 -47.16 11.78
C TRP E 35 22.77 -47.90 10.46
N SER E 36 24.01 -48.23 10.12
CA SER E 36 24.32 -48.90 8.88
C SER E 36 24.96 -50.27 9.12
N TRP E 37 25.11 -51.02 8.02
CA TRP E 37 25.70 -52.35 8.02
C TRP E 37 26.82 -52.37 6.98
N ILE E 38 28.01 -52.81 7.40
CA ILE E 38 29.18 -52.87 6.54
C ILE E 38 29.77 -54.28 6.61
N ARG E 39 30.09 -54.83 5.45
CA ARG E 39 30.67 -56.17 5.38
C ARG E 39 31.90 -56.12 4.49
N GLN E 40 32.81 -57.07 4.70
CA GLN E 40 34.03 -57.15 3.90
C GLN E 40 34.46 -58.61 3.78
N ALA E 41 34.66 -59.05 2.55
CA ALA E 41 35.06 -60.41 2.24
C ALA E 41 36.58 -60.54 2.28
N PRO E 42 37.10 -61.75 2.50
CA PRO E 42 38.57 -61.92 2.52
C PRO E 42 39.16 -61.68 1.14
N GLY E 43 39.99 -60.65 1.04
CA GLY E 43 40.60 -60.25 -0.20
C GLY E 43 39.97 -59.04 -0.84
N LYS E 44 38.78 -58.66 -0.38
CA LYS E 44 38.06 -57.50 -0.89
C LYS E 44 37.94 -56.45 0.22
N GLY E 45 37.70 -55.21 -0.18
CA GLY E 45 37.58 -54.13 0.76
C GLY E 45 36.20 -54.06 1.41
N LEU E 46 36.03 -53.04 2.25
CA LEU E 46 34.76 -52.84 2.93
C LEU E 46 33.68 -52.43 1.94
N GLU E 47 32.52 -53.07 2.03
CA GLU E 47 31.41 -52.78 1.12
C GLU E 47 30.19 -52.43 1.95
N TRP E 48 29.59 -51.28 1.65
CA TRP E 48 28.41 -50.82 2.38
C TRP E 48 27.18 -51.59 1.91
N ILE E 49 26.28 -51.87 2.84
CA ILE E 49 25.06 -52.63 2.54
C ILE E 49 23.83 -51.73 2.53
N GLY E 50 23.52 -51.09 3.65
CA GLY E 50 22.36 -50.23 3.73
C GLY E 50 22.39 -49.47 5.04
N LYS E 51 21.31 -48.73 5.28
CA LYS E 51 21.19 -47.92 6.49
C LYS E 51 19.72 -47.75 6.87
N ILE E 52 19.52 -47.20 8.06
CA ILE E 52 18.19 -46.91 8.60
C ILE E 52 18.32 -45.67 9.48
N ASP E 53 17.39 -44.73 9.32
CA ASP E 53 17.44 -43.51 10.10
C ASP E 53 17.00 -43.77 11.53
N ALA E 54 17.55 -42.98 12.45
CA ALA E 54 17.23 -43.09 13.87
C ALA E 54 15.96 -42.34 14.24
N ASN E 55 15.74 -41.18 13.64
CA ASN E 55 14.57 -40.36 13.91
C ASN E 55 13.49 -40.50 12.84
N SER E 56 13.67 -41.40 11.89
CA SER E 56 12.68 -41.58 10.83
C SER E 56 12.70 -43.04 10.38
N ALA E 57 11.64 -43.43 9.67
CA ALA E 57 11.50 -44.77 9.15
C ALA E 57 12.07 -44.93 7.74
N SER E 58 12.67 -43.89 7.18
CA SER E 58 13.24 -43.97 5.85
C SER E 58 14.51 -44.81 5.87
N THR E 59 14.84 -45.39 4.72
CA THR E 59 16.01 -46.23 4.60
C THR E 59 16.58 -46.16 3.20
N ASN E 60 17.87 -46.45 3.08
CA ASN E 60 18.58 -46.47 1.82
C ASN E 60 19.46 -47.70 1.77
N TYR E 61 19.64 -48.25 0.57
CA TYR E 61 20.45 -49.44 0.39
C TYR E 61 21.42 -49.27 -0.78
N ASN E 62 22.47 -50.07 -0.75
CA ASN E 62 23.48 -50.06 -1.79
C ASN E 62 22.89 -50.62 -3.08
N PRO E 63 23.17 -50.01 -4.23
CA PRO E 63 22.64 -50.53 -5.51
C PRO E 63 23.11 -51.94 -5.85
N SER E 64 24.20 -52.41 -5.25
CA SER E 64 24.67 -53.77 -5.52
C SER E 64 23.76 -54.82 -4.90
N PHE E 65 22.91 -54.41 -3.95
CA PHE E 65 21.96 -55.30 -3.29
C PHE E 65 20.55 -54.88 -3.68
N LYS E 66 20.34 -54.63 -4.97
CA LYS E 66 19.04 -54.22 -5.49
C LYS E 66 18.00 -55.31 -5.24
N ASN E 67 16.84 -54.88 -4.70
CA ASN E 67 15.66 -55.62 -4.26
C ASN E 67 16.02 -56.99 -3.69
N ARG E 68 17.03 -57.00 -2.82
CA ARG E 68 17.54 -58.22 -2.20
C ARG E 68 17.81 -58.09 -0.71
N VAL E 69 17.95 -56.86 -0.20
CA VAL E 69 18.25 -56.63 1.22
C VAL E 69 17.13 -55.80 1.84
N SER E 70 16.94 -55.99 3.14
CA SER E 70 15.92 -55.27 3.90
C SER E 70 16.44 -55.05 5.32
N ILE E 71 16.27 -53.82 5.82
CA ILE E 71 16.72 -53.44 7.16
C ILE E 71 15.54 -52.88 7.92
N SER E 72 15.28 -53.44 9.10
CA SER E 72 14.18 -53.02 9.97
C SER E 72 14.75 -52.40 11.25
N LYS E 73 13.89 -51.62 11.92
CA LYS E 73 14.25 -50.94 13.15
C LYS E 73 13.14 -51.14 14.17
N ASP E 74 13.53 -51.43 15.42
CA ASP E 74 12.58 -51.64 16.51
C ASP E 74 13.15 -50.77 17.63
N THR E 75 12.56 -49.59 17.82
CA THR E 75 13.02 -48.67 18.85
C THR E 75 12.51 -49.03 20.24
N SER E 76 11.59 -49.99 20.35
CA SER E 76 11.07 -50.36 21.68
C SER E 76 12.13 -51.06 22.51
N LYS E 77 12.85 -52.02 21.94
CA LYS E 77 13.91 -52.74 22.64
C LYS E 77 15.29 -52.33 22.13
N LYS E 78 15.37 -51.14 21.51
CA LYS E 78 16.56 -50.52 20.91
C LYS E 78 17.42 -51.51 20.10
N GLN E 79 16.81 -52.04 19.05
CA GLN E 79 17.48 -52.99 18.18
C GLN E 79 17.09 -52.75 16.73
N PHE E 80 18.04 -53.03 15.83
CA PHE E 80 17.82 -52.90 14.40
C PHE E 80 18.31 -54.18 13.75
N TYR E 81 17.54 -54.68 12.77
CA TYR E 81 17.85 -55.94 12.12
C TYR E 81 18.22 -55.74 10.65
N LEU E 82 18.88 -56.77 10.11
CA LEU E 82 19.31 -56.80 8.72
C LEU E 82 18.87 -58.13 8.12
N ASN E 83 18.22 -58.07 6.96
CA ASN E 83 17.72 -59.28 6.29
C ASN E 83 18.23 -59.30 4.85
N LEU E 84 18.79 -60.44 4.44
CA LEU E 84 19.32 -60.63 3.09
C LEU E 84 18.68 -61.88 2.51
N HIS E 85 17.76 -61.68 1.57
CA HIS E 85 17.06 -62.80 0.94
C HIS E 85 17.92 -63.39 -0.18
N SER E 86 17.81 -64.71 -0.34
CA SER E 86 18.52 -65.50 -1.36
C SER E 86 20.04 -65.28 -1.27
N VAL E 87 20.61 -65.77 -0.16
CA VAL E 87 22.04 -65.63 0.05
C VAL E 87 22.79 -66.56 -0.91
N THR E 88 23.78 -65.99 -1.59
CA THR E 88 24.60 -66.71 -2.54
C THR E 88 25.96 -66.98 -1.88
N ALA E 89 26.82 -67.74 -2.57
CA ALA E 89 28.14 -68.07 -2.04
C ALA E 89 29.06 -66.87 -1.97
N ALA E 90 28.69 -65.75 -2.61
CA ALA E 90 29.52 -64.54 -2.57
C ALA E 90 29.24 -63.66 -1.36
N ASP E 91 28.36 -64.10 -0.45
CA ASP E 91 28.04 -63.31 0.73
C ASP E 91 28.87 -63.64 1.95
N THR E 92 29.87 -64.52 1.85
CA THR E 92 30.69 -64.86 3.00
C THR E 92 31.59 -63.68 3.35
N ALA E 93 31.20 -62.93 4.37
CA ALA E 93 31.95 -61.75 4.80
C ALA E 93 31.66 -61.50 6.27
N VAL E 94 32.51 -60.69 6.89
CA VAL E 94 32.34 -60.34 8.30
C VAL E 94 31.43 -59.11 8.35
N TYR E 95 30.24 -59.28 8.90
CA TYR E 95 29.26 -58.22 8.99
C TYR E 95 29.47 -57.38 10.24
N TYR E 96 29.45 -56.06 10.07
CA TYR E 96 29.63 -55.12 11.17
C TYR E 96 28.47 -54.13 11.19
N CYS E 97 27.89 -53.92 12.36
CA CYS E 97 26.81 -52.97 12.54
C CYS E 97 27.44 -51.71 13.14
N ALA E 98 27.36 -50.59 12.43
CA ALA E 98 27.96 -49.36 12.88
C ALA E 98 26.94 -48.22 12.96
N ARG E 99 27.30 -47.21 13.75
CA ARG E 99 26.48 -46.02 13.94
C ARG E 99 27.18 -44.85 13.27
N GLY E 100 26.48 -44.18 12.37
CA GLY E 100 27.07 -43.06 11.67
C GLY E 100 26.49 -41.72 12.06
N SER E 101 27.31 -40.90 12.74
CA SER E 101 26.86 -39.59 13.17
C SER E 101 26.76 -38.65 11.98
N ILE E 102 25.62 -37.95 11.87
CA ILE E 102 25.36 -37.02 10.79
C ILE E 102 25.23 -35.59 11.30
N TYR E 103 25.67 -35.32 12.52
CA TYR E 103 25.59 -33.99 13.10
C TYR E 103 26.88 -33.24 12.88
N TYR E 104 26.76 -31.97 12.48
CA TYR E 104 27.91 -31.12 12.23
C TYR E 104 27.56 -29.68 12.60
N GLU E 105 28.48 -29.02 13.28
CA GLU E 105 28.32 -27.63 13.70
C GLU E 105 29.46 -26.83 13.09
N ASP E 106 29.11 -25.79 12.31
CA ASP E 106 30.13 -24.98 11.68
C ASP E 106 30.68 -23.93 12.65
N ASP E 107 31.43 -22.98 12.10
CA ASP E 107 32.02 -21.92 12.92
C ASP E 107 30.96 -21.00 13.50
N ASP E 108 29.83 -20.84 12.80
CA ASP E 108 28.75 -20.00 13.27
C ASP E 108 27.82 -20.79 14.18
N GLY E 109 26.66 -20.24 14.50
CA GLY E 109 25.69 -20.91 15.36
C GLY E 109 24.75 -21.86 14.66
N TYR E 110 25.03 -22.24 13.42
CA TYR E 110 24.18 -23.15 12.68
C TYR E 110 24.63 -24.59 12.86
N TYR E 111 23.77 -25.52 12.43
CA TYR E 111 24.07 -26.94 12.52
C TYR E 111 23.51 -27.64 11.29
N TYR E 112 24.09 -28.79 10.97
CA TYR E 112 23.69 -29.59 9.82
C TYR E 112 23.39 -31.02 10.25
N SER E 113 22.31 -31.57 9.70
CA SER E 113 21.89 -32.94 9.97
C SER E 113 21.57 -33.57 8.62
N GLU E 114 22.60 -34.10 7.96
CA GLU E 114 22.45 -34.71 6.65
C GLU E 114 23.56 -35.73 6.42
N ALA E 115 23.43 -36.49 5.33
CA ALA E 115 24.39 -37.52 4.97
C ALA E 115 25.72 -36.96 4.47
N THR E 116 25.83 -35.65 4.28
CA THR E 116 27.07 -35.04 3.81
C THR E 116 28.21 -35.24 4.80
N TYR E 117 27.93 -35.12 6.10
CA TYR E 117 28.92 -35.26 7.15
C TYR E 117 28.78 -36.61 7.87
N LEU E 118 28.49 -37.65 7.11
CA LEU E 118 28.33 -38.99 7.66
C LEU E 118 29.68 -39.61 7.96
N HIS E 119 29.85 -40.12 9.18
CA HIS E 119 31.08 -40.77 9.59
C HIS E 119 30.74 -41.81 10.64
N LEU E 120 31.24 -43.03 10.46
CA LEU E 120 30.98 -44.12 11.38
C LEU E 120 31.98 -44.06 12.53
N HIS E 121 31.50 -43.70 13.73
CA HIS E 121 32.37 -43.59 14.89
C HIS E 121 32.65 -44.95 15.51
N LEU E 122 31.61 -45.62 15.99
CA LEU E 122 31.73 -46.93 16.62
C LEU E 122 31.45 -48.05 15.63
N TRP E 123 31.90 -49.25 15.97
CA TRP E 123 31.72 -50.43 15.15
C TRP E 123 31.41 -51.62 16.05
N GLY E 124 30.75 -52.62 15.49
CA GLY E 124 30.44 -53.83 16.24
C GLY E 124 31.65 -54.72 16.35
N GLN E 125 31.51 -55.81 17.12
CA GLN E 125 32.65 -56.72 17.28
C GLN E 125 32.86 -57.56 16.03
N GLY E 126 31.85 -57.68 15.18
CA GLY E 126 31.97 -58.46 13.97
C GLY E 126 31.60 -59.92 14.11
N VAL E 127 30.73 -60.40 13.23
CA VAL E 127 30.28 -61.79 13.22
C VAL E 127 30.50 -62.34 11.81
N VAL E 128 31.18 -63.48 11.72
CA VAL E 128 31.46 -64.10 10.43
C VAL E 128 30.32 -65.04 10.07
N VAL E 129 30.13 -65.24 8.77
CA VAL E 129 29.09 -66.12 8.25
C VAL E 129 29.74 -67.02 7.20
N THR E 130 29.14 -68.19 6.98
CA THR E 130 29.63 -69.15 6.01
C THR E 130 28.46 -69.63 5.16
N VAL E 131 28.60 -69.52 3.85
CA VAL E 131 27.57 -69.93 2.91
C VAL E 131 28.05 -71.20 2.24
N SER E 132 27.68 -72.35 2.82
CA SER E 132 28.07 -73.65 2.31
C SER E 132 27.10 -74.68 2.85
N SER E 133 27.28 -75.93 2.42
CA SER E 133 26.43 -77.03 2.87
C SER E 133 26.88 -77.54 4.23
N ASN F 3 -54.57 17.38 -21.01
CA ASN F 3 -54.87 18.15 -19.81
C ASN F 3 -53.88 17.84 -18.70
N LEU F 4 -53.21 16.70 -18.80
CA LEU F 4 -52.23 16.28 -17.82
C LEU F 4 -50.82 16.43 -18.36
N TRP F 5 -49.97 17.08 -17.58
CA TRP F 5 -48.58 17.32 -17.94
C TRP F 5 -47.67 16.69 -16.90
N VAL F 6 -46.66 15.96 -17.38
CA VAL F 6 -45.71 15.27 -16.51
C VAL F 6 -44.87 16.31 -15.79
N THR F 7 -45.08 16.41 -14.48
CA THR F 7 -44.34 17.35 -13.66
C THR F 7 -43.13 16.65 -13.04
N VAL F 8 -42.14 17.45 -12.67
CA VAL F 8 -40.90 16.92 -12.09
C VAL F 8 -40.81 17.35 -10.64
N TYR F 9 -40.60 16.38 -9.75
CA TYR F 9 -40.47 16.63 -8.31
C TYR F 9 -39.09 16.16 -7.86
N TYR F 10 -38.45 16.97 -7.02
CA TYR F 10 -37.13 16.68 -6.49
C TYR F 10 -37.24 16.53 -4.98
N GLY F 11 -36.62 15.49 -4.44
CA GLY F 11 -36.65 15.23 -3.02
C GLY F 11 -37.77 14.31 -2.56
N VAL F 12 -38.30 13.48 -3.44
CA VAL F 12 -39.39 12.57 -3.11
C VAL F 12 -38.90 11.46 -2.20
N PRO F 13 -39.74 10.92 -1.31
CA PRO F 13 -39.30 9.82 -0.43
C PRO F 13 -39.36 8.47 -1.12
N VAL F 14 -38.33 8.19 -1.93
CA VAL F 14 -38.23 6.95 -2.69
C VAL F 14 -36.86 6.34 -2.45
N TRP F 15 -36.83 5.04 -2.12
CA TRP F 15 -35.57 4.35 -1.88
C TRP F 15 -35.47 3.12 -2.77
N LYS F 16 -34.24 2.72 -3.06
CA LYS F 16 -33.93 1.55 -3.87
C LYS F 16 -32.88 0.71 -3.17
N ASP F 17 -33.12 -0.59 -3.08
CA ASP F 17 -32.19 -1.50 -2.42
C ASP F 17 -30.89 -1.65 -3.23
N ALA F 18 -29.77 -1.40 -2.56
CA ALA F 18 -28.44 -1.52 -3.16
C ALA F 18 -27.43 -1.62 -2.02
N GLU F 19 -26.15 -1.48 -2.36
CA GLU F 19 -25.07 -1.57 -1.39
C GLU F 19 -24.06 -0.45 -1.65
N THR F 20 -23.32 -0.09 -0.61
CA THR F 20 -22.32 0.96 -0.70
C THR F 20 -21.26 0.72 0.37
N THR F 21 -20.29 1.63 0.42
CA THR F 21 -19.19 1.55 1.38
C THR F 21 -19.52 2.45 2.57
N LEU F 22 -19.96 1.82 3.66
CA LEU F 22 -20.30 2.56 4.87
C LEU F 22 -19.05 2.96 5.63
N PHE F 23 -19.19 3.97 6.49
CA PHE F 23 -18.09 4.46 7.30
C PHE F 23 -18.41 4.28 8.78
N CYS F 24 -17.39 3.95 9.56
CA CYS F 24 -17.53 3.72 10.99
C CYS F 24 -17.63 5.03 11.76
N ALA F 25 -18.10 4.91 13.01
CA ALA F 25 -18.26 6.03 13.91
C ALA F 25 -18.15 5.49 15.33
N SER F 26 -17.33 6.15 16.14
CA SER F 26 -17.13 5.73 17.53
C SER F 26 -17.06 6.96 18.42
N ASP F 27 -17.14 6.72 19.72
CA ASP F 27 -17.09 7.79 20.72
C ASP F 27 -15.69 8.39 20.81
N HIS F 36 -4.43 2.48 21.89
CA HIS F 36 -5.26 2.30 20.71
C HIS F 36 -5.78 0.87 20.60
N ASN F 37 -6.89 0.70 19.90
CA ASN F 37 -7.49 -0.61 19.70
C ASN F 37 -7.07 -1.20 18.36
N VAL F 38 -7.38 -2.48 18.20
CA VAL F 38 -7.05 -3.18 16.96
C VAL F 38 -7.89 -2.64 15.81
N TRP F 39 -9.17 -2.37 16.09
CA TRP F 39 -10.11 -1.87 15.09
C TRP F 39 -9.96 -0.39 14.79
N ALA F 40 -9.02 0.30 15.43
CA ALA F 40 -8.73 1.73 15.11
C ALA F 40 -9.98 2.57 15.23
N THR F 41 -10.68 2.46 16.36
CA THR F 41 -11.84 3.30 16.57
C THR F 41 -11.41 4.75 16.61
N HIS F 42 -10.11 5.01 16.72
CA HIS F 42 -9.59 6.41 16.68
C HIS F 42 -9.72 6.96 15.27
N ALA F 43 -9.93 6.08 14.28
CA ALA F 43 -10.17 6.53 12.89
C ALA F 43 -11.67 6.71 12.68
N CYS F 44 -12.47 5.75 13.15
CA CYS F 44 -13.93 5.94 13.06
C CYS F 44 -14.20 7.39 13.45
N VAL F 45 -14.96 8.11 12.66
CA VAL F 45 -15.33 9.52 13.00
C VAL F 45 -16.11 9.52 14.31
N PRO F 46 -16.30 10.68 14.98
CA PRO F 46 -17.11 10.71 16.18
C PRO F 46 -18.57 10.43 15.90
N THR F 47 -19.29 9.97 16.92
CA THR F 47 -20.73 9.74 16.77
C THR F 47 -21.43 10.74 17.65
N ASP F 48 -22.38 11.48 17.10
CA ASP F 48 -23.14 12.47 17.85
C ASP F 48 -23.84 11.81 19.03
N PRO F 49 -23.98 12.52 20.15
CA PRO F 49 -24.65 11.96 21.32
C PRO F 49 -26.17 11.89 21.20
N ASN F 50 -26.75 12.36 20.10
CA ASN F 50 -28.19 12.34 19.87
C ASN F 50 -28.46 11.67 18.53
N PRO F 51 -28.49 10.33 18.49
CA PRO F 51 -28.77 9.64 17.22
C PRO F 51 -30.21 9.81 16.77
N GLN F 52 -30.39 10.36 15.58
CA GLN F 52 -31.74 10.59 15.06
C GLN F 52 -32.37 9.28 14.60
N GLU F 53 -33.62 9.06 15.02
CA GLU F 53 -34.37 7.87 14.66
C GLU F 53 -35.80 8.32 14.36
N ILE F 54 -36.15 8.34 13.09
CA ILE F 54 -37.47 8.79 12.64
C ILE F 54 -38.29 7.56 12.25
N HIS F 55 -39.42 7.37 12.92
CA HIS F 55 -40.30 6.25 12.62
C HIS F 55 -41.06 6.53 11.32
N LEU F 56 -41.17 5.50 10.48
CA LEU F 56 -41.86 5.63 9.21
C LEU F 56 -43.16 4.84 9.28
N GLU F 57 -44.27 5.56 9.50
CA GLU F 57 -45.57 4.92 9.58
C GLU F 57 -46.03 4.48 8.19
N ASN F 58 -46.85 3.43 8.16
CA ASN F 58 -47.43 2.83 6.96
C ASN F 58 -46.37 2.37 5.96
N VAL F 59 -45.21 1.94 6.43
CA VAL F 59 -44.11 1.49 5.57
C VAL F 59 -43.87 0.01 5.82
N THR F 60 -43.91 -0.78 4.75
CA THR F 60 -43.68 -2.23 4.80
C THR F 60 -42.51 -2.53 3.86
N GLU F 61 -41.34 -2.74 4.43
CA GLU F 61 -40.13 -3.02 3.66
C GLU F 61 -39.66 -4.45 3.90
N GLU F 62 -39.28 -5.11 2.81
CA GLU F 62 -38.81 -6.50 2.87
C GLU F 62 -37.32 -6.52 3.18
N PHE F 63 -36.95 -7.31 4.20
CA PHE F 63 -35.57 -7.45 4.64
C PHE F 63 -35.04 -8.83 4.28
N ASN F 64 -33.72 -8.99 4.42
CA ASN F 64 -33.07 -10.26 4.12
C ASN F 64 -31.74 -10.31 4.87
N MET F 65 -31.64 -11.23 5.83
CA MET F 65 -30.41 -11.41 6.60
C MET F 65 -29.27 -12.01 5.80
N TRP F 66 -29.55 -13.06 5.03
CA TRP F 66 -28.54 -13.76 4.25
C TRP F 66 -28.08 -12.99 3.02
N LYS F 67 -28.94 -12.18 2.42
CA LYS F 67 -28.56 -11.41 1.24
C LYS F 67 -28.08 -10.01 1.60
N ASN F 68 -27.94 -9.70 2.88
CA ASN F 68 -27.47 -8.38 3.29
C ASN F 68 -25.99 -8.22 2.98
N ASN F 69 -25.63 -7.04 2.49
CA ASN F 69 -24.24 -6.74 2.14
C ASN F 69 -23.47 -6.09 3.28
N MET F 70 -24.15 -5.71 4.37
CA MET F 70 -23.45 -5.07 5.48
C MET F 70 -22.56 -6.06 6.23
N VAL F 71 -22.97 -7.34 6.29
CA VAL F 71 -22.16 -8.34 7.00
C VAL F 71 -20.86 -8.61 6.25
N GLU F 72 -20.92 -8.66 4.91
CA GLU F 72 -19.71 -8.90 4.12
C GLU F 72 -18.75 -7.73 4.22
N GLN F 73 -19.29 -6.50 4.14
CA GLN F 73 -18.46 -5.30 4.25
C GLN F 73 -17.83 -5.19 5.62
N MET F 74 -18.60 -5.49 6.67
CA MET F 74 -18.05 -5.43 8.02
C MET F 74 -17.01 -6.53 8.22
N HIS F 75 -17.22 -7.71 7.63
CA HIS F 75 -16.26 -8.81 7.71
C HIS F 75 -14.93 -8.41 7.08
N THR F 76 -15.00 -7.81 5.89
CA THR F 76 -13.79 -7.37 5.20
C THR F 76 -13.11 -6.25 5.99
N ASP F 77 -13.90 -5.37 6.60
CA ASP F 77 -13.35 -4.28 7.40
C ASP F 77 -12.63 -4.80 8.64
N ILE F 78 -13.20 -5.79 9.32
CA ILE F 78 -12.57 -6.34 10.52
C ILE F 78 -11.26 -7.04 10.15
N ILE F 79 -11.27 -7.80 9.05
CA ILE F 79 -10.04 -8.49 8.62
C ILE F 79 -8.96 -7.46 8.23
N SER F 80 -9.36 -6.41 7.51
CA SER F 80 -8.41 -5.38 7.10
C SER F 80 -7.84 -4.63 8.30
N LEU F 81 -8.69 -4.35 9.31
CA LEU F 81 -8.20 -3.66 10.50
C LEU F 81 -7.25 -4.54 11.29
N TRP F 82 -7.52 -5.84 11.35
CA TRP F 82 -6.64 -6.76 12.06
C TRP F 82 -5.27 -6.84 11.38
N ASP F 83 -5.28 -6.95 10.05
CA ASP F 83 -4.04 -7.01 9.29
C ASP F 83 -3.26 -5.70 9.38
N GLN F 84 -3.97 -4.57 9.41
CA GLN F 84 -3.30 -3.27 9.52
C GLN F 84 -2.76 -3.05 10.92
N SER F 85 -3.44 -3.59 11.93
CA SER F 85 -2.98 -3.43 13.31
C SER F 85 -1.76 -4.30 13.57
N LEU F 86 -1.65 -5.46 12.92
CA LEU F 86 -0.47 -6.29 13.13
C LEU F 86 0.75 -5.85 12.34
N LYS F 87 0.60 -4.86 11.45
CA LYS F 87 1.74 -4.41 10.65
C LYS F 87 2.86 -3.71 11.44
N PRO F 88 2.61 -2.75 12.35
CA PRO F 88 3.75 -2.12 13.04
C PRO F 88 4.30 -2.90 14.22
N CYS F 89 3.95 -4.18 14.38
CA CYS F 89 4.45 -4.95 15.50
C CYS F 89 5.73 -5.70 15.15
N VAL F 90 6.20 -6.52 16.08
CA VAL F 90 7.42 -7.28 15.91
C VAL F 90 7.15 -8.60 15.20
N LYS F 91 7.89 -8.85 14.12
CA LYS F 91 7.77 -10.09 13.36
C LYS F 91 8.59 -11.16 14.06
N LEU F 92 7.95 -12.28 14.41
CA LEU F 92 8.67 -13.34 15.10
C LEU F 92 9.33 -14.33 14.14
N THR F 93 10.10 -13.84 13.19
CA THR F 93 10.80 -14.73 12.27
C THR F 93 12.02 -15.46 12.85
N PRO F 94 12.86 -14.90 13.75
CA PRO F 94 13.98 -15.74 14.22
C PRO F 94 13.60 -16.69 15.35
N LEU F 95 12.34 -16.68 15.80
CA LEU F 95 11.92 -17.57 16.87
C LEU F 95 11.85 -19.03 16.42
N CYS F 96 11.75 -19.27 15.12
CA CYS F 96 11.69 -20.62 14.58
C CYS F 96 13.08 -21.24 14.63
N VAL F 97 13.37 -21.91 15.76
CA VAL F 97 14.64 -22.58 16.00
C VAL F 97 14.35 -23.94 16.62
N THR F 98 15.41 -24.68 16.92
CA THR F 98 15.28 -25.99 17.54
C THR F 98 15.00 -25.79 19.02
N LEU F 99 13.86 -26.30 19.48
CA LEU F 99 13.46 -26.14 20.87
C LEU F 99 13.64 -27.43 21.66
N GLN F 100 14.38 -27.35 22.77
CA GLN F 100 14.61 -28.49 23.64
C GLN F 100 13.64 -28.30 24.80
N CYS F 101 12.51 -29.00 24.77
CA CYS F 101 11.50 -28.87 25.79
C CYS F 101 11.40 -30.08 26.70
N THR F 102 10.92 -29.82 27.91
CA THR F 102 10.73 -30.81 28.95
C THR F 102 9.37 -30.54 29.59
N ASN F 103 8.77 -31.58 30.16
CA ASN F 103 7.47 -31.44 30.79
C ASN F 103 7.57 -30.64 32.09
N VAL F 104 6.53 -29.85 32.37
CA VAL F 104 6.46 -29.05 33.58
C VAL F 104 5.70 -29.87 34.62
N THR F 105 6.44 -30.50 35.52
CA THR F 105 5.86 -31.33 36.57
C THR F 105 6.00 -30.69 37.95
N ASN F 106 6.13 -29.37 37.96
CA ASN F 106 6.29 -28.63 39.24
C ASN F 106 4.93 -28.08 39.69
N ASN F 107 4.30 -28.72 40.67
CA ASN F 107 3.01 -28.22 41.22
C ASN F 107 1.93 -28.32 40.13
N ILE F 108 2.05 -29.34 39.26
CA ILE F 108 1.06 -29.50 38.16
C ILE F 108 -0.11 -30.32 38.69
N THR F 109 -1.22 -30.29 37.98
CA THR F 109 -2.38 -31.10 38.35
C THR F 109 -2.55 -32.23 37.34
N ASP F 110 -3.54 -33.09 37.59
CA ASP F 110 -3.76 -34.21 36.68
C ASP F 110 -4.31 -33.76 35.33
N ASP F 111 -5.05 -32.65 35.31
CA ASP F 111 -5.61 -32.17 34.05
C ASP F 111 -4.57 -31.44 33.21
N MET F 112 -3.56 -30.86 33.84
CA MET F 112 -2.53 -30.12 33.13
C MET F 112 -1.26 -30.94 32.87
N ARG F 113 -1.32 -32.26 32.96
CA ARG F 113 -0.15 -33.08 32.72
C ARG F 113 0.17 -33.13 31.24
N GLY F 114 1.30 -32.51 30.86
CA GLY F 114 1.73 -32.48 29.48
C GLY F 114 1.19 -31.31 28.67
N GLU F 115 0.27 -30.52 29.22
CA GLU F 115 -0.28 -29.40 28.48
C GLU F 115 0.73 -28.26 28.36
N LEU F 116 1.47 -27.98 29.43
CA LEU F 116 2.46 -26.92 29.44
C LEU F 116 3.85 -27.55 29.33
N LYS F 117 4.67 -27.00 28.43
CA LYS F 117 6.01 -27.51 28.20
C LYS F 117 7.04 -26.41 28.43
N ASN F 118 8.13 -26.76 29.10
CA ASN F 118 9.21 -25.83 29.41
C ASN F 118 10.30 -26.01 28.36
N CYS F 119 10.37 -25.08 27.41
CA CYS F 119 11.33 -25.13 26.32
C CYS F 119 12.53 -24.22 26.56
N SER F 120 13.65 -24.58 25.93
CA SER F 120 14.90 -23.85 25.98
C SER F 120 15.45 -23.79 24.57
N PHE F 121 15.96 -22.63 24.16
CA PHE F 121 16.48 -22.48 22.81
C PHE F 121 17.52 -21.36 22.78
N ASN F 122 18.26 -21.32 21.67
CA ASN F 122 19.28 -20.30 21.42
C ASN F 122 18.60 -19.14 20.70
N MET F 123 18.58 -17.99 21.34
CA MET F 123 17.95 -16.81 20.76
C MET F 123 19.01 -15.77 20.40
N THR F 124 18.64 -14.88 19.50
CA THR F 124 19.55 -13.83 19.07
C THR F 124 19.50 -12.66 20.06
N THR F 125 20.54 -11.84 20.02
CA THR F 125 20.68 -10.68 20.87
C THR F 125 20.65 -9.42 20.01
N GLU F 126 20.89 -8.28 20.67
CA GLU F 126 20.93 -7.02 19.94
C GLU F 126 22.16 -6.98 19.04
N LEU F 127 23.22 -7.69 19.42
CA LEU F 127 24.44 -7.77 18.64
C LEU F 127 24.32 -8.97 17.71
N ARG F 128 24.54 -8.75 16.42
CA ARG F 128 24.44 -9.79 15.39
C ARG F 128 25.53 -10.85 15.49
N ASP F 129 26.60 -10.63 16.26
CA ASP F 129 27.69 -11.60 16.36
C ASP F 129 27.60 -12.50 17.58
N LYS F 130 26.51 -12.47 18.35
CA LYS F 130 26.42 -13.33 19.52
C LYS F 130 24.97 -13.72 19.79
N LYS F 131 24.79 -14.90 20.38
CA LYS F 131 23.49 -15.44 20.73
C LYS F 131 23.34 -15.51 22.26
N GLN F 132 22.14 -15.86 22.70
CA GLN F 132 21.86 -15.98 24.13
C GLN F 132 21.07 -17.26 24.40
N LYS F 133 21.27 -17.83 25.57
CA LYS F 133 20.57 -19.04 25.99
C LYS F 133 19.43 -18.62 26.89
N VAL F 134 18.19 -18.71 26.37
CA VAL F 134 17.00 -18.34 27.11
C VAL F 134 16.04 -19.52 27.14
N TYR F 135 15.03 -19.41 28.00
CA TYR F 135 14.02 -20.44 28.14
C TYR F 135 12.65 -19.78 28.25
N SER F 136 11.63 -20.53 27.88
CA SER F 136 10.26 -20.04 27.94
C SER F 136 9.31 -21.24 28.02
N LEU F 137 8.08 -20.96 28.44
CA LEU F 137 7.06 -21.99 28.58
C LEU F 137 6.07 -21.88 27.42
N PHE F 138 5.87 -22.98 26.72
CA PHE F 138 4.95 -23.05 25.60
C PHE F 138 3.91 -24.14 25.85
N TYR F 139 2.70 -23.93 25.35
CA TYR F 139 1.65 -24.91 25.49
C TYR F 139 1.89 -26.06 24.53
N ARG F 140 1.18 -27.17 24.76
CA ARG F 140 1.34 -28.33 23.88
C ARG F 140 0.78 -28.06 22.48
N LEU F 141 -0.22 -27.21 22.37
CA LEU F 141 -0.80 -26.89 21.08
C LEU F 141 0.06 -25.94 20.26
N ASP F 142 1.04 -25.29 20.86
CA ASP F 142 1.92 -24.36 20.16
C ASP F 142 3.22 -24.99 19.68
N VAL F 143 3.54 -26.23 20.10
CA VAL F 143 4.77 -26.88 19.69
C VAL F 143 4.47 -28.26 19.14
N VAL F 144 5.38 -28.76 18.32
CA VAL F 144 5.25 -30.08 17.71
C VAL F 144 6.65 -30.69 17.61
N GLN F 145 6.75 -31.99 17.84
CA GLN F 145 8.04 -32.66 17.78
C GLN F 145 8.53 -32.81 16.35
N ILE F 146 9.84 -32.67 16.15
CA ILE F 146 10.45 -32.82 14.85
C ILE F 146 11.12 -34.17 14.69
N ASN F 147 10.91 -35.08 15.65
CA ASN F 147 11.46 -36.43 15.69
C ASN F 147 12.99 -36.45 15.60
N ASN F 158 14.94 -35.23 27.30
CA ASN F 158 14.36 -34.14 26.51
C ASN F 158 14.24 -34.50 25.04
N LYS F 159 13.39 -33.78 24.32
CA LYS F 159 13.17 -34.01 22.90
C LYS F 159 13.19 -32.67 22.16
N GLU F 160 13.50 -32.74 20.88
CA GLU F 160 13.54 -31.54 20.06
C GLU F 160 12.14 -31.18 19.59
N TYR F 161 11.76 -29.91 19.77
CA TYR F 161 10.45 -29.44 19.38
C TYR F 161 10.58 -28.31 18.38
N ARG F 162 9.42 -27.86 17.89
CA ARG F 162 9.34 -26.79 16.91
C ARG F 162 7.92 -26.24 16.94
N LEU F 163 7.78 -24.94 16.67
CA LEU F 163 6.47 -24.31 16.66
C LEU F 163 5.66 -24.82 15.47
N ILE F 164 4.33 -24.84 15.64
CA ILE F 164 3.46 -25.35 14.58
C ILE F 164 3.38 -24.40 13.38
N ASN F 165 3.82 -23.16 13.53
CA ASN F 165 3.76 -22.21 12.43
C ASN F 165 5.10 -22.05 11.72
N CYS F 166 6.11 -22.84 12.09
CA CYS F 166 7.42 -22.71 11.44
C CYS F 166 7.39 -23.22 10.01
N ASN F 167 6.71 -24.34 9.77
CA ASN F 167 6.63 -24.91 8.43
C ASN F 167 5.49 -24.34 7.61
N THR F 168 4.66 -23.46 8.17
CA THR F 168 3.54 -22.88 7.43
C THR F 168 3.77 -21.41 7.14
N SER F 169 3.98 -20.58 8.16
CA SER F 169 4.22 -19.15 8.00
C SER F 169 4.71 -18.48 9.27
N ALA F 170 5.81 -17.73 9.19
CA ALA F 170 6.32 -17.01 10.35
C ALA F 170 5.46 -15.76 10.51
N CYS F 171 4.81 -15.62 11.66
CA CYS F 171 3.94 -14.49 11.89
C CYS F 171 4.46 -13.54 12.96
N THR F 172 3.79 -12.39 13.04
CA THR F 172 4.16 -11.34 13.98
C THR F 172 3.55 -11.59 15.36
N GLN F 173 4.11 -10.90 16.35
CA GLN F 173 3.65 -10.98 17.73
C GLN F 173 2.72 -9.80 17.98
N ALA F 174 1.61 -10.07 18.67
CA ALA F 174 0.65 -9.02 18.98
C ALA F 174 1.26 -7.99 19.93
N CYS F 175 1.06 -6.73 19.62
CA CYS F 175 1.61 -5.66 20.45
C CYS F 175 0.86 -5.58 21.78
N PRO F 176 1.57 -5.63 22.91
CA PRO F 176 0.86 -5.56 24.21
C PRO F 176 0.24 -4.21 24.48
N LYS F 177 0.74 -3.15 23.84
CA LYS F 177 0.16 -1.82 24.04
C LYS F 177 -1.22 -1.72 23.41
N VAL F 178 -1.46 -2.49 22.36
CA VAL F 178 -2.75 -2.50 21.66
C VAL F 178 -3.61 -3.58 22.31
N SER F 179 -4.82 -3.20 22.73
CA SER F 179 -5.74 -4.11 23.39
C SER F 179 -6.72 -4.73 22.40
N PHE F 180 -7.32 -5.85 22.81
CA PHE F 180 -8.29 -6.57 22.02
C PHE F 180 -9.71 -6.42 22.55
N GLU F 181 -9.99 -5.35 23.29
CA GLU F 181 -11.31 -5.13 23.85
C GLU F 181 -12.29 -4.75 22.74
N PRO F 182 -13.33 -5.55 22.51
CA PRO F 182 -14.30 -5.24 21.43
C PRO F 182 -15.29 -4.13 21.79
N ILE F 183 -14.82 -2.89 21.72
CA ILE F 183 -15.67 -1.75 22.02
C ILE F 183 -16.62 -1.57 20.84
N PRO F 184 -17.86 -1.12 21.07
CA PRO F 184 -18.82 -0.98 19.96
C PRO F 184 -18.44 0.07 18.94
N ILE F 185 -18.85 -0.20 17.69
CA ILE F 185 -18.63 0.67 16.55
C ILE F 185 -19.96 0.86 15.85
N HIS F 186 -20.19 2.05 15.31
CA HIS F 186 -21.44 2.37 14.63
C HIS F 186 -21.19 2.55 13.13
N TYR F 187 -21.95 1.81 12.33
CA TYR F 187 -21.83 1.89 10.87
C TYR F 187 -22.85 2.91 10.36
N CYS F 188 -22.36 3.94 9.68
CA CYS F 188 -23.22 4.99 9.16
C CYS F 188 -23.16 5.04 7.64
N ALA F 189 -24.27 5.41 7.03
CA ALA F 189 -24.43 5.54 5.60
C ALA F 189 -24.04 6.94 5.15
N PRO F 190 -23.46 7.09 3.97
CA PRO F 190 -23.06 8.42 3.49
C PRO F 190 -24.27 9.21 3.00
N ALA F 191 -23.98 10.39 2.43
CA ALA F 191 -25.02 11.25 1.90
C ALA F 191 -25.70 10.58 0.71
N GLY F 192 -27.02 10.74 0.64
CA GLY F 192 -27.80 10.13 -0.42
C GLY F 192 -28.22 8.70 -0.14
N PHE F 193 -27.87 8.17 1.04
CA PHE F 193 -28.20 6.83 1.45
C PHE F 193 -28.91 6.89 2.80
N ALA F 194 -29.52 5.77 3.17
CA ALA F 194 -30.24 5.69 4.44
C ALA F 194 -30.22 4.26 4.94
N ILE F 195 -30.34 4.11 6.26
CA ILE F 195 -30.36 2.81 6.91
C ILE F 195 -31.74 2.61 7.49
N LEU F 196 -32.41 1.53 7.08
CA LEU F 196 -33.75 1.21 7.54
C LEU F 196 -33.67 0.24 8.71
N LYS F 197 -34.19 0.66 9.86
CA LYS F 197 -34.19 -0.15 11.06
C LYS F 197 -35.56 -0.78 11.26
N CYS F 198 -35.61 -2.11 11.30
CA CYS F 198 -36.86 -2.84 11.47
C CYS F 198 -37.11 -3.03 12.96
N LYS F 199 -38.11 -2.32 13.49
CA LYS F 199 -38.45 -2.39 14.90
C LYS F 199 -39.55 -3.40 15.20
N ASP F 200 -39.98 -4.18 14.21
CA ASP F 200 -41.04 -5.16 14.41
C ASP F 200 -40.55 -6.34 15.22
N LYS F 201 -41.29 -6.69 16.26
CA LYS F 201 -40.94 -7.83 17.10
C LYS F 201 -41.37 -9.12 16.40
N LYS F 202 -40.80 -10.24 16.86
CA LYS F 202 -41.04 -11.58 16.33
C LYS F 202 -40.73 -11.65 14.83
N PHE F 203 -39.68 -10.94 14.41
CA PHE F 203 -39.29 -10.89 13.01
C PHE F 203 -38.11 -11.83 12.79
N ASN F 204 -38.28 -12.76 11.85
CA ASN F 204 -37.24 -13.73 11.53
C ASN F 204 -36.25 -13.11 10.54
N GLY F 205 -35.42 -13.94 9.91
CA GLY F 205 -34.42 -13.48 8.97
C GLY F 205 -34.93 -12.86 7.69
N THR F 206 -36.07 -13.33 7.16
CA THR F 206 -36.61 -12.79 5.93
C THR F 206 -38.04 -12.34 6.17
N GLY F 207 -38.69 -11.90 5.09
CA GLY F 207 -40.06 -11.46 5.15
C GLY F 207 -40.20 -9.96 5.31
N PRO F 208 -41.40 -9.44 5.05
CA PRO F 208 -41.63 -8.00 5.19
C PRO F 208 -41.67 -7.56 6.64
N CYS F 209 -41.31 -6.30 6.86
CA CYS F 209 -41.30 -5.71 8.20
C CYS F 209 -42.35 -4.61 8.27
N PRO F 210 -43.38 -4.74 9.12
CA PRO F 210 -44.42 -3.71 9.20
C PRO F 210 -44.03 -2.50 10.03
N SER F 211 -42.89 -2.51 10.73
CA SER F 211 -42.47 -1.37 11.55
C SER F 211 -41.02 -1.05 11.17
N VAL F 212 -40.86 -0.18 10.18
CA VAL F 212 -39.55 0.23 9.68
C VAL F 212 -39.30 1.69 10.06
N SER F 213 -38.10 1.97 10.56
CA SER F 213 -37.69 3.32 10.94
C SER F 213 -36.32 3.58 10.32
N THR F 214 -35.99 4.86 10.15
CA THR F 214 -34.71 5.23 9.56
C THR F 214 -33.76 5.76 10.63
N VAL F 215 -32.48 5.44 10.47
CA VAL F 215 -31.43 5.86 11.39
C VAL F 215 -30.20 6.25 10.57
N GLN F 216 -29.50 7.29 11.03
CA GLN F 216 -28.30 7.71 10.32
C GLN F 216 -27.13 6.76 10.58
N CYS F 217 -27.14 6.08 11.72
CA CYS F 217 -26.10 5.14 12.10
C CYS F 217 -26.74 3.97 12.84
N THR F 218 -26.05 2.83 12.80
CA THR F 218 -26.55 1.64 13.48
C THR F 218 -26.24 1.74 14.97
N HIS F 219 -26.74 0.76 15.72
CA HIS F 219 -26.49 0.75 17.16
C HIS F 219 -25.07 0.27 17.44
N GLY F 220 -24.71 0.25 18.73
CA GLY F 220 -23.39 -0.18 19.12
C GLY F 220 -23.18 -1.67 18.92
N ILE F 221 -22.37 -2.03 17.93
CA ILE F 221 -22.09 -3.42 17.60
C ILE F 221 -20.67 -3.73 18.03
N LYS F 222 -20.53 -4.65 18.99
CA LYS F 222 -19.22 -5.04 19.50
C LYS F 222 -18.66 -6.15 18.63
N PRO F 223 -17.50 -5.97 17.98
CA PRO F 223 -16.95 -7.03 17.14
C PRO F 223 -16.33 -8.15 17.97
N VAL F 224 -17.18 -8.94 18.63
CA VAL F 224 -16.70 -10.05 19.46
C VAL F 224 -16.57 -11.30 18.59
N VAL F 225 -15.36 -11.86 18.56
CA VAL F 225 -15.09 -13.06 17.79
C VAL F 225 -15.30 -14.27 18.69
N SER F 226 -16.23 -15.13 18.30
CA SER F 226 -16.54 -16.32 19.08
C SER F 226 -17.06 -17.40 18.13
N THR F 227 -16.95 -18.66 18.58
CA THR F 227 -17.40 -19.80 17.80
C THR F 227 -18.35 -20.63 18.65
N GLN F 228 -19.45 -21.08 18.03
CA GLN F 228 -20.53 -21.92 18.56
C GLN F 228 -21.43 -21.21 19.57
N LEU F 229 -21.04 -20.02 20.02
CA LEU F 229 -21.81 -19.26 20.99
C LEU F 229 -21.62 -17.78 20.71
N LEU F 230 -22.60 -16.97 21.08
CA LEU F 230 -22.55 -15.53 20.89
C LEU F 230 -22.38 -14.88 22.26
N LEU F 231 -21.37 -14.03 22.39
CA LEU F 231 -21.07 -13.35 23.65
C LEU F 231 -21.14 -11.84 23.49
N ASN F 232 -21.68 -11.18 24.51
CA ASN F 232 -21.83 -9.72 24.59
C ASN F 232 -22.59 -9.16 23.39
N GLY F 233 -23.62 -9.89 22.95
CA GLY F 233 -24.43 -9.48 21.82
C GLY F 233 -25.73 -8.83 22.24
N SER F 234 -26.62 -8.68 21.25
CA SER F 234 -27.92 -8.06 21.47
C SER F 234 -28.94 -9.13 21.87
N LEU F 235 -29.74 -8.81 22.88
CA LEU F 235 -30.75 -9.73 23.37
C LEU F 235 -32.07 -9.55 22.63
N ALA F 236 -32.89 -10.60 22.66
CA ALA F 236 -34.18 -10.56 22.01
C ALA F 236 -35.14 -9.69 22.82
N GLU F 237 -36.11 -9.08 22.11
CA GLU F 237 -37.06 -8.20 22.78
C GLU F 237 -38.11 -8.97 23.58
N GLU F 238 -38.69 -10.02 23.00
CA GLU F 238 -39.73 -10.70 23.78
C GLU F 238 -39.48 -12.19 24.02
N GLU F 239 -39.04 -12.93 23.01
CA GLU F 239 -38.83 -14.36 23.20
C GLU F 239 -37.66 -14.83 22.35
N VAL F 240 -37.25 -16.07 22.57
CA VAL F 240 -36.14 -16.67 21.83
C VAL F 240 -36.53 -16.81 20.37
N MET F 241 -35.67 -16.33 19.48
CA MET F 241 -35.91 -16.37 18.04
C MET F 241 -34.97 -17.36 17.37
N ILE F 242 -35.54 -18.18 16.48
CA ILE F 242 -34.80 -19.17 15.72
C ILE F 242 -34.73 -18.66 14.28
N ARG F 243 -33.51 -18.43 13.80
CA ARG F 243 -33.31 -17.91 12.45
C ARG F 243 -32.45 -18.84 11.62
N SER F 244 -32.90 -19.08 10.40
CA SER F 244 -32.23 -19.94 9.42
C SER F 244 -32.86 -19.63 8.06
N GLU F 245 -32.21 -20.12 7.00
CA GLU F 245 -32.75 -19.92 5.66
C GLU F 245 -34.06 -20.67 5.50
N ASN F 246 -34.08 -21.93 5.94
CA ASN F 246 -35.22 -22.83 6.00
C ASN F 246 -34.80 -24.04 6.81
N ILE F 247 -35.69 -24.51 7.68
CA ILE F 247 -35.38 -25.64 8.55
C ILE F 247 -35.24 -26.96 7.80
N THR F 248 -35.64 -27.00 6.52
CA THR F 248 -35.52 -28.24 5.75
C THR F 248 -34.08 -28.49 5.30
N ASN F 249 -33.21 -27.48 5.38
CA ASN F 249 -31.82 -27.62 4.97
C ASN F 249 -30.93 -27.85 6.19
N ASN F 250 -30.18 -28.95 6.18
CA ASN F 250 -29.29 -29.27 7.29
C ASN F 250 -27.94 -28.58 7.16
N ALA F 251 -27.54 -28.23 5.94
CA ALA F 251 -26.26 -27.56 5.72
C ALA F 251 -26.26 -26.11 6.16
N LYS F 252 -27.43 -25.50 6.35
CA LYS F 252 -27.52 -24.12 6.79
C LYS F 252 -27.51 -24.05 8.31
N ASN F 253 -26.66 -23.18 8.86
CA ASN F 253 -26.56 -23.03 10.29
C ASN F 253 -27.82 -22.36 10.85
N ILE F 254 -28.13 -22.70 12.09
CA ILE F 254 -29.30 -22.17 12.80
C ILE F 254 -28.82 -21.13 13.80
N LEU F 255 -29.29 -19.90 13.64
CA LEU F 255 -28.92 -18.80 14.53
C LEU F 255 -30.00 -18.63 15.58
N VAL F 256 -29.61 -18.72 16.85
CA VAL F 256 -30.51 -18.59 17.99
C VAL F 256 -30.17 -17.29 18.70
N GLN F 257 -31.20 -16.60 19.19
CA GLN F 257 -31.03 -15.34 19.92
C GLN F 257 -31.76 -15.48 21.25
N PHE F 258 -31.05 -15.20 22.34
CA PHE F 258 -31.65 -15.32 23.67
C PHE F 258 -32.35 -14.03 24.10
N ASN F 259 -33.41 -14.19 24.88
CA ASN F 259 -34.16 -13.06 25.40
C ASN F 259 -33.67 -12.67 26.79
N THR F 260 -33.14 -13.64 27.54
CA THR F 260 -32.60 -13.44 28.88
C THR F 260 -31.18 -13.98 28.87
N PRO F 261 -30.16 -13.15 29.09
CA PRO F 261 -28.79 -13.65 29.06
C PRO F 261 -28.44 -14.48 30.29
N VAL F 262 -27.52 -15.42 30.09
CA VAL F 262 -27.02 -16.29 31.15
C VAL F 262 -25.56 -15.92 31.35
N GLN F 263 -25.15 -15.82 32.61
CA GLN F 263 -23.78 -15.42 32.91
C GLN F 263 -22.82 -16.58 32.74
N ILE F 264 -21.64 -16.27 32.18
CA ILE F 264 -20.58 -17.23 31.93
C ILE F 264 -19.28 -16.65 32.49
N ASN F 265 -18.55 -17.43 33.27
CA ASN F 265 -17.32 -16.97 33.92
C ASN F 265 -16.14 -17.85 33.54
N CYS F 266 -15.21 -17.32 32.74
CA CYS F 266 -13.99 -18.01 32.35
C CYS F 266 -12.82 -17.41 33.12
N THR F 267 -11.88 -18.26 33.54
CA THR F 267 -10.72 -17.80 34.30
C THR F 267 -9.61 -18.84 34.20
N ARG F 268 -8.41 -18.42 34.62
CA ARG F 268 -7.24 -19.28 34.66
C ARG F 268 -6.51 -18.93 35.96
N PRO F 269 -6.35 -19.88 36.88
CA PRO F 269 -5.70 -19.57 38.15
C PRO F 269 -4.19 -19.78 38.15
N ASN F 270 -3.58 -19.86 36.96
CA ASN F 270 -2.14 -20.08 36.87
C ASN F 270 -1.30 -18.90 37.33
N ASN F 271 -1.76 -17.66 37.14
CA ASN F 271 -1.04 -16.43 37.50
C ASN F 271 0.31 -16.39 36.77
N ASN F 272 0.17 -16.27 35.45
CA ASN F 272 1.37 -16.30 34.59
C ASN F 272 2.27 -15.10 34.86
N THR F 273 3.47 -15.18 34.33
CA THR F 273 4.48 -14.14 34.45
C THR F 273 5.06 -13.86 33.08
N ARG F 274 5.27 -12.59 32.78
CA ARG F 274 5.81 -12.16 31.50
C ARG F 274 7.30 -11.88 31.60
N LYS F 275 8.07 -12.42 30.65
CA LYS F 275 9.51 -12.24 30.57
C LYS F 275 9.84 -11.62 29.23
N SER F 276 10.61 -10.53 29.25
CA SER F 276 10.99 -9.84 28.03
C SER F 276 12.37 -10.30 27.56
N ILE F 277 12.44 -10.75 26.31
CA ILE F 277 13.68 -11.22 25.71
C ILE F 277 13.96 -10.37 24.49
N ARG F 278 15.04 -9.59 24.54
CA ARG F 278 15.42 -8.71 23.43
C ARG F 278 16.08 -9.56 22.37
N ILE F 279 15.32 -9.86 21.30
CA ILE F 279 15.84 -10.69 20.22
C ILE F 279 16.58 -9.89 19.16
N GLY F 280 16.48 -8.57 19.17
CA GLY F 280 17.15 -7.77 18.18
C GLY F 280 17.16 -6.29 18.51
N PRO F 281 17.66 -5.48 17.58
CA PRO F 281 17.71 -4.03 17.82
C PRO F 281 16.33 -3.38 17.76
N GLY F 282 15.82 -2.97 18.93
CA GLY F 282 14.53 -2.32 18.99
C GLY F 282 13.34 -3.25 19.05
N GLN F 283 13.55 -4.56 19.11
CA GLN F 283 12.45 -5.50 19.17
C GLN F 283 12.70 -6.50 20.29
N ALA F 284 11.61 -6.94 20.92
CA ALA F 284 11.71 -7.89 22.02
C ALA F 284 10.59 -8.90 21.92
N PHE F 285 10.86 -10.09 22.44
CA PHE F 285 9.91 -11.20 22.45
C PHE F 285 9.45 -11.41 23.89
N TYR F 286 8.16 -11.25 24.12
CA TYR F 286 7.58 -11.41 25.46
C TYR F 286 7.32 -12.89 25.70
N ALA F 287 8.23 -13.52 26.44
CA ALA F 287 8.13 -14.93 26.76
C ALA F 287 7.35 -15.16 28.04
N THR F 288 7.12 -16.45 28.34
CA THR F 288 6.40 -16.86 29.52
C THR F 288 7.39 -17.30 30.58
N GLY F 289 7.35 -16.65 31.73
CA GLY F 289 8.24 -16.98 32.83
C GLY F 289 7.74 -18.14 33.65
N ASP F 290 8.30 -18.25 34.86
CA ASP F 290 7.91 -19.32 35.77
C ASP F 290 6.52 -19.07 36.32
N ILE F 291 5.81 -20.16 36.60
CA ILE F 291 4.46 -20.10 37.12
C ILE F 291 4.51 -19.88 38.63
N ILE F 292 3.63 -19.00 39.12
CA ILE F 292 3.54 -18.69 40.55
C ILE F 292 2.49 -19.59 41.17
N GLY F 293 2.89 -20.35 42.19
CA GLY F 293 1.96 -21.24 42.86
C GLY F 293 1.66 -22.48 42.07
N ASP F 294 0.55 -23.13 42.42
CA ASP F 294 0.13 -24.35 41.75
C ASP F 294 -0.41 -24.02 40.36
N ILE F 295 -0.39 -25.04 39.50
CA ILE F 295 -0.87 -24.92 38.12
C ILE F 295 -2.19 -25.66 38.01
N ARG F 296 -3.24 -24.96 37.58
CA ARG F 296 -4.56 -25.54 37.42
C ARG F 296 -5.07 -25.27 36.02
N GLN F 297 -5.85 -26.21 35.51
CA GLN F 297 -6.39 -26.08 34.16
C GLN F 297 -7.43 -24.96 34.09
N ALA F 298 -7.40 -24.22 32.98
CA ALA F 298 -8.36 -23.13 32.78
C ALA F 298 -9.74 -23.73 32.57
N HIS F 299 -10.74 -23.12 33.20
CA HIS F 299 -12.10 -23.62 33.09
C HIS F 299 -13.07 -22.47 32.92
N CYS F 300 -14.34 -22.82 32.71
CA CYS F 300 -15.39 -21.85 32.54
C CYS F 300 -16.65 -22.39 33.21
N ASN F 301 -17.38 -21.51 33.89
CA ASN F 301 -18.58 -21.90 34.60
C ASN F 301 -19.84 -21.25 34.03
N VAL F 302 -20.87 -22.08 33.91
CA VAL F 302 -22.20 -21.69 33.43
C VAL F 302 -23.19 -22.22 34.44
N SER F 303 -24.16 -21.38 34.83
CA SER F 303 -25.16 -21.81 35.81
C SER F 303 -26.03 -22.92 35.23
N LYS F 304 -26.27 -23.95 36.04
CA LYS F 304 -27.05 -25.11 35.60
C LYS F 304 -28.53 -24.77 35.42
N ALA F 305 -29.11 -24.04 36.38
CA ALA F 305 -30.53 -23.71 36.31
C ALA F 305 -30.83 -22.77 35.14
N THR F 306 -30.02 -21.73 34.95
CA THR F 306 -30.24 -20.79 33.87
C THR F 306 -30.04 -21.46 32.52
N TRP F 307 -29.04 -22.34 32.40
CA TRP F 307 -28.81 -23.04 31.14
C TRP F 307 -29.95 -24.01 30.85
N ASN F 308 -30.49 -24.66 31.88
CA ASN F 308 -31.61 -25.58 31.67
C ASN F 308 -32.85 -24.81 31.23
N GLU F 309 -33.12 -23.66 31.85
CA GLU F 309 -34.28 -22.86 31.46
C GLU F 309 -34.13 -22.33 30.03
N THR F 310 -32.92 -21.88 29.67
CA THR F 310 -32.68 -21.38 28.33
C THR F 310 -32.81 -22.50 27.30
N LEU F 311 -32.33 -23.70 27.65
CA LEU F 311 -32.45 -24.84 26.76
C LEU F 311 -33.91 -25.23 26.60
N GLY F 312 -34.71 -25.06 27.65
CA GLY F 312 -36.12 -25.36 27.55
C GLY F 312 -36.83 -24.39 26.63
N LYS F 313 -36.46 -23.11 26.70
CA LYS F 313 -37.06 -22.11 25.81
C LYS F 313 -36.66 -22.37 24.36
N VAL F 314 -35.39 -22.73 24.14
CA VAL F 314 -34.90 -23.04 22.80
C VAL F 314 -35.60 -24.28 22.26
N VAL F 315 -35.84 -25.27 23.14
CA VAL F 315 -36.55 -26.49 22.75
C VAL F 315 -37.98 -26.18 22.38
N LYS F 316 -38.62 -25.27 23.11
CA LYS F 316 -40.00 -24.88 22.80
C LYS F 316 -40.08 -24.19 21.44
N GLN F 317 -39.13 -23.30 21.16
CA GLN F 317 -39.13 -22.62 19.85
C GLN F 317 -38.81 -23.60 18.72
N LEU F 318 -37.87 -24.52 18.96
CA LEU F 318 -37.53 -25.51 17.95
C LEU F 318 -38.69 -26.46 17.71
N ARG F 319 -39.49 -26.72 18.74
CA ARG F 319 -40.66 -27.58 18.56
C ARG F 319 -41.74 -26.83 17.82
N LYS F 320 -41.80 -25.50 18.01
CA LYS F 320 -42.78 -24.70 17.28
C LYS F 320 -42.41 -24.65 15.79
N HIS F 321 -41.11 -24.70 15.50
CA HIS F 321 -40.66 -24.67 14.10
C HIS F 321 -40.70 -26.04 13.44
N PHE F 322 -40.41 -27.10 14.19
CA PHE F 322 -40.38 -28.47 13.65
C PHE F 322 -41.60 -29.31 13.98
N GLY F 323 -42.62 -28.75 14.61
CA GLY F 323 -43.80 -29.53 14.96
C GLY F 323 -43.69 -30.13 16.35
N ASN F 324 -44.86 -30.36 16.96
CA ASN F 324 -44.91 -30.91 18.31
C ASN F 324 -44.57 -32.39 18.31
N ASN F 325 -44.44 -32.93 19.52
CA ASN F 325 -44.11 -34.34 19.80
C ASN F 325 -42.78 -34.76 19.17
N THR F 326 -41.80 -33.87 19.14
CA THR F 326 -40.49 -34.16 18.58
C THR F 326 -39.47 -34.22 19.71
N ILE F 327 -38.68 -35.29 19.73
CA ILE F 327 -37.66 -35.49 20.76
C ILE F 327 -36.46 -34.63 20.38
N ILE F 328 -36.36 -33.43 20.95
CA ILE F 328 -35.25 -32.54 20.67
C ILE F 328 -34.06 -32.98 21.52
N ARG F 329 -32.99 -33.42 20.86
CA ARG F 329 -31.79 -33.89 21.54
C ARG F 329 -30.61 -32.99 21.19
N PHE F 330 -29.83 -32.63 22.21
CA PHE F 330 -28.66 -31.79 22.05
C PHE F 330 -27.41 -32.63 22.19
N ALA F 331 -26.49 -32.50 21.25
CA ALA F 331 -25.24 -33.23 21.25
C ALA F 331 -24.09 -32.25 21.06
N ASN F 332 -22.89 -32.70 21.38
CA ASN F 332 -21.71 -31.85 21.25
C ASN F 332 -21.26 -31.81 19.78
N SER F 333 -20.12 -31.17 19.56
CA SER F 333 -19.58 -31.04 18.21
C SER F 333 -19.16 -32.40 17.66
N SER F 334 -19.30 -32.56 16.34
CA SER F 334 -18.94 -33.82 15.70
C SER F 334 -17.43 -33.99 15.62
N GLY F 335 -16.75 -33.10 14.91
CA GLY F 335 -15.32 -33.19 14.78
C GLY F 335 -14.79 -32.13 13.84
N GLY F 336 -13.47 -32.06 13.77
CA GLY F 336 -12.79 -31.10 12.92
C GLY F 336 -11.66 -30.39 13.63
N ASP F 337 -11.44 -29.12 13.29
CA ASP F 337 -10.37 -28.35 13.91
C ASP F 337 -10.77 -27.93 15.33
N LEU F 338 -9.79 -27.41 16.07
CA LEU F 338 -10.05 -26.98 17.43
C LEU F 338 -10.85 -25.68 17.46
N GLU F 339 -10.76 -24.88 16.40
CA GLU F 339 -11.50 -23.62 16.36
C GLU F 339 -12.99 -23.84 16.12
N VAL F 340 -13.36 -24.91 15.43
CA VAL F 340 -14.77 -25.18 15.16
C VAL F 340 -15.39 -26.14 16.17
N THR F 341 -14.58 -26.90 16.90
CA THR F 341 -15.11 -27.83 17.87
C THR F 341 -15.12 -27.28 19.29
N THR F 342 -14.45 -26.17 19.56
CA THR F 342 -14.41 -25.57 20.88
C THR F 342 -14.82 -24.11 20.81
N HIS F 343 -15.28 -23.60 21.95
CA HIS F 343 -15.70 -22.21 22.06
C HIS F 343 -14.45 -21.34 22.22
N SER F 344 -14.31 -20.35 21.34
CA SER F 344 -13.16 -19.45 21.36
C SER F 344 -13.49 -18.16 22.10
N PHE F 345 -12.63 -17.78 23.04
CA PHE F 345 -12.76 -16.57 23.83
C PHE F 345 -11.66 -15.59 23.46
N ASN F 346 -11.88 -14.33 23.84
CA ASN F 346 -10.90 -13.28 23.61
C ASN F 346 -11.20 -12.18 24.64
N CYS F 347 -10.45 -12.20 25.74
CA CYS F 347 -10.62 -11.22 26.80
C CYS F 347 -9.34 -11.13 27.61
N GLY F 348 -8.73 -9.95 27.63
CA GLY F 348 -7.51 -9.70 28.34
C GLY F 348 -6.27 -9.83 27.46
N GLY F 349 -6.28 -10.79 26.55
CA GLY F 349 -5.15 -10.99 25.66
C GLY F 349 -4.89 -12.45 25.35
N GLU F 350 -5.45 -13.35 26.16
CA GLU F 350 -5.28 -14.79 25.99
C GLU F 350 -6.50 -15.35 25.28
N PHE F 351 -6.27 -16.22 24.31
CA PHE F 351 -7.34 -16.84 23.53
C PHE F 351 -7.63 -18.22 24.13
N PHE F 352 -8.89 -18.46 24.47
CA PHE F 352 -9.31 -19.72 25.06
C PHE F 352 -9.95 -20.62 24.03
N TYR F 353 -10.06 -21.90 24.38
CA TYR F 353 -10.69 -22.93 23.56
C TYR F 353 -11.32 -23.90 24.56
N CYS F 354 -12.57 -23.64 24.91
CA CYS F 354 -13.29 -24.41 25.91
C CYS F 354 -14.13 -25.52 25.30
N ASN F 355 -14.11 -26.68 25.96
CA ASN F 355 -14.86 -27.86 25.54
C ASN F 355 -16.30 -27.66 26.01
N THR F 356 -17.22 -27.42 25.08
CA THR F 356 -18.62 -27.19 25.38
C THR F 356 -19.47 -28.45 25.32
N SER F 357 -18.90 -29.63 25.60
CA SER F 357 -19.68 -30.85 25.55
C SER F 357 -20.64 -30.96 26.73
N GLY F 358 -20.32 -30.32 27.85
CA GLY F 358 -21.19 -30.39 29.01
C GLY F 358 -22.45 -29.57 28.91
N LEU F 359 -22.48 -28.57 28.02
CA LEU F 359 -23.67 -27.74 27.86
C LEU F 359 -24.68 -28.40 26.92
N PHE F 360 -24.20 -28.88 25.77
CA PHE F 360 -25.05 -29.51 24.77
C PHE F 360 -25.07 -31.02 24.98
N ASN F 361 -25.69 -31.42 26.09
CA ASN F 361 -25.80 -32.82 26.46
C ASN F 361 -27.12 -32.99 27.24
N SER F 362 -28.19 -33.28 26.51
CA SER F 362 -29.52 -33.44 27.11
C SER F 362 -30.43 -34.13 26.10
N THR F 363 -31.62 -34.46 26.56
CA THR F 363 -32.66 -35.10 25.75
C THR F 363 -33.99 -34.60 26.28
N TRP F 364 -34.82 -34.06 25.39
CA TRP F 364 -36.12 -33.51 25.77
C TRP F 364 -37.25 -34.32 25.17
N ILE F 365 -38.23 -34.65 26.01
CA ILE F 365 -39.39 -35.43 25.61
C ILE F 365 -40.64 -34.58 25.78
N SER F 366 -41.73 -35.05 25.16
CA SER F 366 -43.06 -34.40 25.18
C SER F 366 -43.02 -32.94 24.72
N ASN F 379 -27.28 -23.49 43.32
CA ASN F 379 -25.94 -22.95 43.29
C ASN F 379 -25.02 -23.80 42.43
N ASP F 380 -25.59 -24.83 41.81
CA ASP F 380 -24.81 -25.72 40.96
C ASP F 380 -24.44 -25.03 39.65
N SER F 381 -23.23 -25.31 39.17
CA SER F 381 -22.74 -24.73 37.93
C SER F 381 -22.06 -25.82 37.10
N ILE F 382 -22.00 -25.58 35.80
CA ILE F 382 -21.40 -26.51 34.86
C ILE F 382 -19.98 -26.05 34.57
N THR F 383 -19.00 -26.86 34.94
CA THR F 383 -17.60 -26.54 34.73
C THR F 383 -17.16 -27.13 33.39
N LEU F 384 -16.73 -26.27 32.47
CA LEU F 384 -16.30 -26.72 31.15
C LEU F 384 -14.78 -26.70 31.06
N PRO F 385 -14.14 -27.78 30.62
CA PRO F 385 -12.68 -27.77 30.49
C PRO F 385 -12.29 -26.81 29.38
N CYS F 386 -11.15 -26.13 29.58
CA CYS F 386 -10.73 -25.16 28.58
C CYS F 386 -9.23 -25.22 28.38
N ARG F 387 -8.79 -24.90 27.16
CA ARG F 387 -7.39 -24.89 26.80
C ARG F 387 -7.03 -23.52 26.24
N ILE F 388 -5.76 -23.17 26.36
CA ILE F 388 -5.25 -21.87 25.91
C ILE F 388 -4.16 -22.08 24.87
N LYS F 389 -4.28 -21.39 23.74
CA LYS F 389 -3.33 -21.45 22.64
C LYS F 389 -2.81 -20.04 22.36
N GLN F 390 -1.52 -19.93 22.08
CA GLN F 390 -0.90 -18.64 21.80
C GLN F 390 -0.85 -18.30 20.31
N ILE F 391 -0.41 -19.24 19.47
CA ILE F 391 -0.36 -19.02 18.03
C ILE F 391 -1.71 -19.44 17.46
N ILE F 392 -2.45 -18.48 16.91
CA ILE F 392 -3.78 -18.76 16.39
C ILE F 392 -3.93 -18.31 14.94
N ASN F 393 -4.99 -18.84 14.31
CA ASN F 393 -5.40 -18.58 12.94
C ASN F 393 -6.91 -18.37 12.95
N MET F 394 -7.35 -17.41 13.79
CA MET F 394 -8.77 -17.10 14.00
C MET F 394 -9.55 -16.76 12.74
N TRP F 395 -8.90 -16.24 11.69
CA TRP F 395 -9.65 -15.92 10.49
C TRP F 395 -9.74 -17.07 9.51
N GLN F 396 -9.36 -18.28 9.95
CA GLN F 396 -9.36 -19.51 9.15
C GLN F 396 -8.55 -19.36 7.87
N ARG F 397 -7.44 -18.63 7.97
CA ARG F 397 -6.56 -18.39 6.85
C ARG F 397 -5.26 -19.17 7.02
N ILE F 398 -4.75 -19.68 5.90
CA ILE F 398 -3.51 -20.44 5.88
C ILE F 398 -2.41 -19.54 5.37
N GLY F 399 -1.43 -19.26 6.22
CA GLY F 399 -0.32 -18.42 5.86
C GLY F 399 -0.20 -17.11 6.61
N GLN F 400 -1.08 -16.86 7.58
CA GLN F 400 -1.00 -15.61 8.35
C GLN F 400 -1.59 -15.86 9.74
N CYS F 401 -0.70 -16.16 10.69
CA CYS F 401 -1.07 -16.42 12.07
C CYS F 401 -0.83 -15.17 12.92
N MET F 402 -0.88 -15.35 14.23
CA MET F 402 -0.59 -14.23 15.16
C MET F 402 -0.21 -14.84 16.50
N TYR F 403 0.82 -14.29 17.12
CA TYR F 403 1.30 -14.78 18.41
C TYR F 403 0.78 -13.85 19.50
N ALA F 404 0.03 -14.41 20.44
CA ALA F 404 -0.51 -13.62 21.54
C ALA F 404 0.46 -13.67 22.71
N PRO F 405 1.05 -12.54 23.12
CA PRO F 405 1.99 -12.58 24.24
C PRO F 405 1.27 -12.83 25.55
N PRO F 406 1.93 -13.47 26.52
CA PRO F 406 1.28 -13.72 27.80
C PRO F 406 1.16 -12.45 28.63
N ILE F 407 0.18 -12.45 29.52
CA ILE F 407 -0.10 -11.31 30.40
C ILE F 407 0.01 -11.80 31.83
N GLN F 408 0.45 -10.90 32.72
CA GLN F 408 0.60 -11.24 34.13
C GLN F 408 -0.73 -11.14 34.86
N GLY F 409 -0.81 -11.84 35.99
CA GLY F 409 -1.99 -11.83 36.82
C GLY F 409 -3.07 -12.83 36.42
N VAL F 410 -3.98 -13.11 37.36
CA VAL F 410 -5.06 -14.05 37.09
C VAL F 410 -6.14 -13.34 36.28
N ILE F 411 -6.51 -13.95 35.15
CA ILE F 411 -7.52 -13.40 34.26
C ILE F 411 -8.91 -13.77 34.77
N ARG F 412 -9.79 -12.78 34.87
CA ARG F 412 -11.17 -12.99 35.30
C ARG F 412 -12.06 -12.47 34.20
N CYS F 413 -12.59 -13.37 33.38
CA CYS F 413 -13.45 -13.04 32.25
C CYS F 413 -14.90 -13.29 32.62
N VAL F 414 -15.69 -12.22 32.70
CA VAL F 414 -17.11 -12.29 33.03
C VAL F 414 -17.89 -11.71 31.86
N SER F 415 -18.80 -12.51 31.30
CA SER F 415 -19.61 -12.08 30.18
C SER F 415 -20.94 -12.82 30.23
N ASN F 416 -21.74 -12.65 29.18
CA ASN F 416 -23.03 -13.32 29.10
C ASN F 416 -23.25 -13.85 27.70
N ILE F 417 -23.94 -15.00 27.61
CA ILE F 417 -24.23 -15.64 26.35
C ILE F 417 -25.56 -15.12 25.84
N THR F 418 -25.56 -14.56 24.62
CA THR F 418 -26.76 -14.01 24.03
C THR F 418 -27.27 -14.83 22.85
N GLY F 419 -26.59 -15.90 22.47
CA GLY F 419 -27.05 -16.70 21.35
C GLY F 419 -26.17 -17.89 21.10
N LEU F 420 -26.61 -18.72 20.16
CA LEU F 420 -25.90 -19.93 19.78
C LEU F 420 -25.94 -20.09 18.27
N ILE F 421 -25.04 -20.93 17.77
CA ILE F 421 -24.94 -21.26 16.35
C ILE F 421 -25.08 -22.77 16.29
N LEU F 422 -26.30 -23.25 16.08
CA LEU F 422 -26.58 -24.67 16.04
C LEU F 422 -26.62 -25.20 14.60
N THR F 423 -26.43 -26.52 14.50
CA THR F 423 -26.44 -27.23 13.22
C THR F 423 -27.17 -28.54 13.44
N ARG F 424 -28.10 -28.86 12.56
CA ARG F 424 -28.90 -30.07 12.65
C ARG F 424 -28.37 -31.14 11.70
N ASP F 425 -28.43 -32.39 12.15
CA ASP F 425 -27.96 -33.51 11.34
C ASP F 425 -29.05 -33.94 10.37
N GLY F 426 -28.81 -35.05 9.68
CA GLY F 426 -29.77 -35.56 8.72
C GLY F 426 -31.01 -36.12 9.38
N GLY F 427 -30.87 -37.23 10.09
CA GLY F 427 -31.98 -37.87 10.78
C GLY F 427 -32.87 -38.74 9.93
N SER F 428 -32.68 -38.74 8.60
CA SER F 428 -33.45 -39.52 7.62
C SER F 428 -34.94 -39.23 7.72
N THR F 429 -35.77 -40.23 7.42
CA THR F 429 -37.22 -40.06 7.50
C THR F 429 -37.76 -40.12 8.92
N ASN F 430 -36.92 -40.48 9.89
CA ASN F 430 -37.34 -40.56 11.28
C ASN F 430 -37.52 -39.16 11.85
N SER F 431 -38.75 -38.66 11.83
CA SER F 431 -39.07 -37.32 12.32
C SER F 431 -39.42 -37.30 13.81
N THR F 432 -39.31 -38.43 14.51
CA THR F 432 -39.65 -38.42 15.93
C THR F 432 -38.56 -37.78 16.78
N THR F 433 -37.36 -37.60 16.23
CA THR F 433 -36.27 -36.99 16.98
C THR F 433 -35.35 -36.22 16.04
N GLU F 434 -34.73 -35.18 16.57
CA GLU F 434 -33.80 -34.34 15.83
C GLU F 434 -32.61 -34.03 16.73
N THR F 435 -31.41 -34.12 16.18
CA THR F 435 -30.18 -33.86 16.92
C THR F 435 -29.60 -32.52 16.50
N PHE F 436 -29.33 -31.66 17.49
CA PHE F 436 -28.77 -30.34 17.27
C PHE F 436 -27.36 -30.29 17.84
N ARG F 437 -26.41 -29.85 17.02
CA ARG F 437 -25.01 -29.75 17.40
C ARG F 437 -24.51 -28.34 17.13
N PRO F 438 -23.54 -27.85 17.90
CA PRO F 438 -23.00 -26.51 17.67
C PRO F 438 -22.27 -26.44 16.34
N GLY F 439 -22.34 -25.27 15.71
CA GLY F 439 -21.70 -25.03 14.44
C GLY F 439 -20.72 -23.88 14.46
N GLY F 440 -20.08 -23.67 13.31
CA GLY F 440 -19.10 -22.62 13.13
C GLY F 440 -18.55 -22.62 11.72
N GLY F 441 -17.27 -22.35 11.58
CA GLY F 441 -16.64 -22.31 10.28
C GLY F 441 -16.89 -21.05 9.48
N ASP F 442 -17.60 -20.07 10.05
CA ASP F 442 -17.89 -18.83 9.36
C ASP F 442 -18.05 -17.75 10.42
N MET F 443 -17.17 -16.75 10.42
CA MET F 443 -17.22 -15.67 11.43
C MET F 443 -18.36 -14.70 11.10
N ARG F 444 -18.88 -14.75 9.87
CA ARG F 444 -19.90 -13.78 9.49
C ARG F 444 -21.20 -14.02 10.25
N ASP F 445 -21.39 -15.24 10.77
CA ASP F 445 -22.61 -15.55 11.51
C ASP F 445 -22.68 -14.83 12.84
N ASN F 446 -21.53 -14.45 13.40
CA ASN F 446 -21.53 -13.74 14.68
C ASN F 446 -22.05 -12.32 14.50
N TRP F 447 -21.65 -11.65 13.42
CA TRP F 447 -22.11 -10.31 13.14
C TRP F 447 -23.46 -10.27 12.45
N ARG F 448 -23.93 -11.41 11.95
CA ARG F 448 -25.23 -11.45 11.28
C ARG F 448 -26.35 -11.33 12.29
N SER F 449 -26.13 -11.76 13.53
CA SER F 449 -27.14 -11.68 14.57
C SER F 449 -27.31 -10.25 15.09
N GLU F 450 -26.42 -9.34 14.74
CA GLU F 450 -26.49 -7.95 15.17
C GLU F 450 -26.97 -7.02 14.07
N LEU F 451 -26.70 -7.36 12.80
CA LEU F 451 -27.11 -6.56 11.66
C LEU F 451 -28.39 -7.07 11.02
N TYR F 452 -29.24 -7.77 11.78
CA TYR F 452 -30.48 -8.28 11.23
C TYR F 452 -31.56 -7.23 11.11
N LYS F 453 -31.40 -6.09 11.79
CA LYS F 453 -32.40 -5.03 11.75
C LYS F 453 -32.07 -3.94 10.73
N TYR F 454 -30.89 -3.93 10.14
CA TYR F 454 -30.52 -2.87 9.22
C TYR F 454 -30.44 -3.33 7.76
N LYS F 455 -30.52 -2.34 6.87
CA LYS F 455 -30.46 -2.51 5.43
C LYS F 455 -30.09 -1.17 4.82
N VAL F 456 -29.32 -1.22 3.73
CA VAL F 456 -28.86 -0.03 3.02
C VAL F 456 -29.69 0.16 1.77
N VAL F 457 -30.16 1.39 1.55
CA VAL F 457 -30.98 1.73 0.39
C VAL F 457 -30.45 3.00 -0.26
N LYS F 458 -30.78 3.17 -1.55
CA LYS F 458 -30.39 4.34 -2.32
C LYS F 458 -31.56 5.28 -2.44
N ILE F 459 -31.39 6.50 -1.93
CA ILE F 459 -32.45 7.50 -1.98
C ILE F 459 -32.56 8.02 -3.40
N GLU F 460 -33.77 7.99 -3.95
CA GLU F 460 -34.04 8.47 -5.31
C GLU F 460 -34.93 9.70 -5.22
N PRO F 461 -34.34 10.90 -5.26
CA PRO F 461 -35.16 12.11 -5.15
C PRO F 461 -35.91 12.50 -6.42
N LEU F 462 -35.55 11.96 -7.57
CA LEU F 462 -36.23 12.34 -8.80
C LEU F 462 -37.51 11.53 -8.98
N GLY F 463 -38.59 12.22 -9.32
CA GLY F 463 -39.88 11.58 -9.52
C GLY F 463 -40.69 12.36 -10.53
N VAL F 464 -41.56 11.66 -11.23
CA VAL F 464 -42.42 12.26 -12.26
C VAL F 464 -43.87 11.88 -11.97
N ALA F 465 -44.77 12.85 -12.14
CA ALA F 465 -46.19 12.64 -11.90
C ALA F 465 -46.97 13.67 -12.70
N PRO F 466 -48.15 13.32 -13.22
CA PRO F 466 -48.93 14.28 -13.99
C PRO F 466 -49.74 15.22 -13.11
N THR F 467 -49.76 16.49 -13.52
CA THR F 467 -50.47 17.55 -12.83
C THR F 467 -50.86 18.56 -13.91
N ARG F 468 -51.76 19.49 -13.55
CA ARG F 468 -52.19 20.53 -14.48
C ARG F 468 -51.23 21.72 -14.51
N CYS F 469 -50.01 21.51 -14.03
CA CYS F 469 -48.93 22.49 -13.97
C CYS F 469 -48.19 22.41 -15.31
N LYS F 470 -48.36 23.42 -16.14
CA LYS F 470 -47.73 23.51 -17.45
C LYS F 470 -46.99 24.84 -17.56
N ARG F 471 -45.94 24.87 -18.38
CA ARG F 471 -45.18 26.10 -18.52
C ARG F 471 -45.91 27.11 -19.39
N ARG F 472 -45.59 28.39 -19.17
CA ARG F 472 -46.18 29.50 -19.91
C ARG F 472 -45.05 30.31 -20.53
N VAL F 473 -45.24 30.70 -21.79
CA VAL F 473 -44.23 31.49 -22.49
C VAL F 473 -44.26 32.93 -22.02
N LEU G 8 -41.95 16.84 10.49
CA LEU G 8 -41.37 15.54 10.24
C LEU G 8 -39.89 15.66 9.89
N GLY G 9 -39.15 14.58 10.05
CA GLY G 9 -37.73 14.55 9.77
C GLY G 9 -37.42 13.92 8.43
N PHE G 10 -36.24 13.28 8.37
CA PHE G 10 -35.81 12.63 7.14
C PHE G 10 -36.66 11.40 6.87
N LEU G 11 -37.15 11.30 5.63
CA LEU G 11 -38.00 10.20 5.13
C LEU G 11 -39.30 10.06 5.91
N GLY G 12 -39.74 11.12 6.61
CA GLY G 12 -40.95 11.04 7.39
C GLY G 12 -42.22 10.88 6.56
N ALA G 13 -42.24 11.47 5.37
CA ALA G 13 -43.39 11.39 4.48
C ALA G 13 -43.32 10.21 3.53
N ALA G 14 -42.59 9.15 3.89
CA ALA G 14 -42.49 7.98 3.02
C ALA G 14 -43.80 7.21 2.96
N GLY G 15 -44.40 6.95 4.12
CA GLY G 15 -45.66 6.23 4.15
C GLY G 15 -46.88 7.09 3.95
N SER G 16 -46.71 8.40 3.95
CA SER G 16 -47.84 9.30 3.76
C SER G 16 -48.23 9.35 2.29
N THR G 17 -49.39 9.94 2.03
CA THR G 17 -49.87 10.06 0.66
C THR G 17 -49.03 11.09 -0.11
N MET G 18 -49.22 11.08 -1.43
CA MET G 18 -48.47 12.00 -2.29
C MET G 18 -48.84 13.45 -2.03
N GLY G 19 -50.08 13.72 -1.63
CA GLY G 19 -50.50 15.08 -1.38
C GLY G 19 -49.74 15.71 -0.22
N ALA G 20 -49.59 14.98 0.87
CA ALA G 20 -48.88 15.51 2.03
C ALA G 20 -47.37 15.37 1.88
N ALA G 21 -46.89 14.48 1.01
CA ALA G 21 -45.45 14.32 0.86
C ALA G 21 -44.83 15.44 0.02
N SER G 22 -45.65 16.19 -0.72
CA SER G 22 -45.12 17.26 -1.56
C SER G 22 -44.65 18.47 -0.77
N MET G 23 -45.22 18.69 0.43
CA MET G 23 -44.87 19.89 1.24
C MET G 23 -43.55 19.66 1.99
N THR G 24 -43.09 18.41 2.09
CA THR G 24 -41.88 18.07 2.85
C THR G 24 -40.78 17.52 1.96
N LEU G 25 -40.55 18.12 0.79
CA LEU G 25 -39.47 17.64 -0.08
C LEU G 25 -38.17 18.36 0.19
N THR G 26 -38.25 19.53 0.84
CA THR G 26 -37.06 20.32 1.12
C THR G 26 -36.12 19.64 2.14
N VAL G 27 -36.68 18.86 3.08
CA VAL G 27 -35.83 18.19 4.06
C VAL G 27 -34.97 17.12 3.40
N GLN G 28 -35.57 16.32 2.51
CA GLN G 28 -34.80 15.32 1.79
C GLN G 28 -33.83 16.01 0.85
N ALA G 29 -34.24 17.15 0.28
CA ALA G 29 -33.39 17.91 -0.63
C ALA G 29 -32.11 18.36 0.06
N ARG G 30 -32.21 18.87 1.29
CA ARG G 30 -30.97 19.26 1.96
C ARG G 30 -30.24 18.05 2.54
N ASN G 31 -30.92 16.90 2.64
CA ASN G 31 -30.28 15.71 3.19
C ASN G 31 -29.53 14.87 2.16
N LEU G 32 -29.65 15.17 0.86
CA LEU G 32 -28.88 14.36 -0.11
C LEU G 32 -27.40 14.69 -0.09
N LEU G 33 -27.01 15.83 0.48
CA LEU G 33 -25.62 16.22 0.52
C LEU G 33 -25.13 16.44 1.95
N LYS G 55 -3.90 0.44 2.63
CA LYS G 55 -5.09 1.24 2.35
C LYS G 55 -5.04 2.61 3.01
N LEU G 56 -4.07 2.79 3.91
CA LEU G 56 -3.83 4.04 4.65
C LEU G 56 -5.08 4.46 5.44
N THR G 57 -5.36 3.68 6.50
CA THR G 57 -6.48 3.88 7.41
C THR G 57 -7.81 3.77 6.64
N VAL G 58 -8.22 2.52 6.39
CA VAL G 58 -9.42 2.08 5.65
C VAL G 58 -10.65 2.97 5.83
N TRP G 59 -10.90 3.45 7.06
CA TRP G 59 -12.04 4.31 7.29
C TRP G 59 -11.92 5.63 6.52
N GLY G 60 -10.69 6.18 6.47
CA GLY G 60 -10.49 7.43 5.75
C GLY G 60 -10.70 7.30 4.25
N ILE G 61 -10.14 6.26 3.64
CA ILE G 61 -10.30 6.07 2.20
C ILE G 61 -11.74 5.70 1.86
N LYS G 62 -12.41 4.93 2.73
CA LYS G 62 -13.80 4.56 2.49
C LYS G 62 -14.69 5.79 2.59
N GLN G 63 -14.41 6.68 3.57
CA GLN G 63 -15.19 7.89 3.72
C GLN G 63 -14.95 8.83 2.53
N LEU G 64 -13.71 8.87 2.02
CA LEU G 64 -13.40 9.71 0.88
C LEU G 64 -14.14 9.21 -0.37
N GLN G 65 -14.15 7.89 -0.58
CA GLN G 65 -14.86 7.32 -1.73
C GLN G 65 -16.35 7.56 -1.61
N ALA G 66 -16.89 7.44 -0.39
CA ALA G 66 -18.31 7.67 -0.16
C ALA G 66 -18.68 9.13 -0.43
N ARG G 67 -17.82 10.06 -0.01
CA ARG G 67 -18.07 11.48 -0.23
C ARG G 67 -18.03 11.81 -1.72
N VAL G 68 -17.06 11.23 -2.45
CA VAL G 68 -16.96 11.47 -3.88
C VAL G 68 -18.18 10.91 -4.61
N LEU G 69 -18.62 9.71 -4.21
CA LEU G 69 -19.80 9.09 -4.82
C LEU G 69 -21.06 9.90 -4.54
N ALA G 70 -21.20 10.43 -3.32
CA ALA G 70 -22.36 11.24 -2.98
C ALA G 70 -22.37 12.54 -3.77
N VAL G 71 -21.19 13.16 -3.92
CA VAL G 71 -21.08 14.40 -4.69
C VAL G 71 -21.42 14.14 -6.15
N GLU G 72 -20.96 13.00 -6.68
CA GLU G 72 -21.26 12.64 -8.07
C GLU G 72 -22.75 12.41 -8.28
N ARG G 73 -23.41 11.73 -7.33
CA ARG G 73 -24.85 11.49 -7.46
C ARG G 73 -25.63 12.79 -7.40
N TYR G 74 -25.25 13.68 -6.48
CA TYR G 74 -25.94 14.97 -6.36
C TYR G 74 -25.74 15.81 -7.61
N LEU G 75 -24.52 15.83 -8.15
CA LEU G 75 -24.25 16.60 -9.36
C LEU G 75 -24.96 16.01 -10.57
N ARG G 76 -25.10 14.68 -10.62
CA ARG G 76 -25.80 14.05 -11.73
C ARG G 76 -27.28 14.42 -11.69
N ASP G 77 -27.88 14.41 -10.49
CA ASP G 77 -29.28 14.78 -10.35
C ASP G 77 -29.48 16.25 -10.68
N GLN G 78 -28.56 17.12 -10.24
CA GLN G 78 -28.67 18.54 -10.52
C GLN G 78 -28.50 18.82 -12.01
N GLN G 79 -27.61 18.08 -12.68
CA GLN G 79 -27.42 18.27 -14.11
C GLN G 79 -28.66 17.80 -14.88
N LEU G 80 -29.25 16.69 -14.45
CA LEU G 80 -30.46 16.18 -15.09
C LEU G 80 -31.62 17.16 -14.90
N LEU G 81 -31.64 17.86 -13.77
CA LEU G 81 -32.67 18.86 -13.55
C LEU G 81 -32.39 20.12 -14.36
N GLY G 82 -31.10 20.45 -14.53
CA GLY G 82 -30.73 21.64 -15.28
C GLY G 82 -31.03 21.54 -16.76
N ILE G 83 -30.80 20.37 -17.36
CA ILE G 83 -31.09 20.22 -18.78
C ILE G 83 -32.58 20.16 -19.06
N TRP G 84 -33.42 19.97 -18.04
CA TRP G 84 -34.86 19.93 -18.21
C TRP G 84 -35.51 21.30 -18.04
N GLY G 85 -34.72 22.32 -17.70
CA GLY G 85 -35.28 23.65 -17.51
C GLY G 85 -35.83 23.89 -16.12
N CYS G 86 -35.54 23.01 -15.17
CA CYS G 86 -36.02 23.12 -13.80
C CYS G 86 -34.86 23.27 -12.82
N SER G 87 -33.88 24.10 -13.14
CA SER G 87 -32.74 24.30 -12.26
C SER G 87 -33.15 25.13 -11.05
N GLY G 88 -32.84 24.63 -9.85
CA GLY G 88 -33.16 25.34 -8.63
C GLY G 88 -34.61 25.31 -8.21
N LYS G 89 -35.43 24.44 -8.80
CA LYS G 89 -36.84 24.34 -8.47
C LYS G 89 -37.18 22.91 -8.08
N LEU G 90 -37.75 22.74 -6.89
CA LEU G 90 -38.13 21.40 -6.44
C LEU G 90 -39.37 20.91 -7.18
N ILE G 91 -40.36 21.79 -7.35
CA ILE G 91 -41.60 21.49 -8.06
C ILE G 91 -41.60 22.42 -9.26
N CYS G 92 -41.67 21.84 -10.46
CA CYS G 92 -41.67 22.63 -11.69
C CYS G 92 -42.63 22.04 -12.72
N CYS G 93 -43.09 22.91 -13.62
CA CYS G 93 -43.97 22.48 -14.69
C CYS G 93 -43.17 22.18 -15.96
N THR G 94 -43.79 21.42 -16.85
CA THR G 94 -43.18 21.05 -18.12
C THR G 94 -44.22 21.22 -19.22
N ASN G 95 -43.80 21.00 -20.47
CA ASN G 95 -44.68 21.12 -21.63
C ASN G 95 -44.86 19.79 -22.35
N VAL G 96 -44.55 18.68 -21.70
CA VAL G 96 -44.68 17.35 -22.29
C VAL G 96 -46.03 16.77 -21.84
N PRO G 97 -46.93 16.41 -22.74
CA PRO G 97 -48.21 15.86 -22.33
C PRO G 97 -48.05 14.46 -21.75
N TRP G 98 -48.90 14.14 -20.77
CA TRP G 98 -48.86 12.84 -20.11
C TRP G 98 -49.53 11.83 -21.03
N ASN G 99 -48.75 10.86 -21.53
CA ASN G 99 -49.30 9.84 -22.41
C ASN G 99 -50.21 8.91 -21.63
N SER G 100 -51.29 8.47 -22.30
CA SER G 100 -52.24 7.58 -21.64
C SER G 100 -51.67 6.18 -21.45
N SER G 101 -50.65 5.81 -22.23
CA SER G 101 -50.06 4.48 -22.09
C SER G 101 -49.21 4.37 -20.82
N TRP G 102 -48.85 5.49 -20.21
CA TRP G 102 -48.04 5.44 -19.00
C TRP G 102 -48.85 4.97 -17.79
N SER G 103 -50.06 5.50 -17.61
CA SER G 103 -50.91 5.11 -16.49
C SER G 103 -52.35 5.47 -16.79
N ASN G 104 -53.26 4.49 -16.67
CA ASN G 104 -54.69 4.72 -16.91
C ASN G 104 -55.40 5.06 -15.61
N ARG G 105 -54.85 6.01 -14.85
CA ARG G 105 -55.43 6.41 -13.58
C ARG G 105 -55.48 7.93 -13.52
N ASN G 106 -56.50 8.47 -12.85
CA ASN G 106 -56.64 9.92 -12.74
C ASN G 106 -56.06 10.43 -11.42
N LEU G 107 -56.04 11.76 -11.30
CA LEU G 107 -55.44 12.45 -10.15
C LEU G 107 -56.20 12.29 -8.84
N SER G 108 -57.40 11.71 -8.83
CA SER G 108 -58.14 11.58 -7.57
C SER G 108 -57.51 10.55 -6.64
N GLU G 109 -56.95 9.47 -7.16
CA GLU G 109 -56.35 8.45 -6.32
C GLU G 109 -54.82 8.51 -6.29
N ILE G 110 -54.19 9.28 -7.17
CA ILE G 110 -52.75 9.35 -7.18
C ILE G 110 -52.25 10.26 -6.06
N TRP G 111 -52.80 11.46 -5.97
CA TRP G 111 -52.38 12.43 -4.96
C TRP G 111 -53.07 12.26 -3.62
N ASP G 112 -54.14 11.46 -3.53
CA ASP G 112 -54.86 11.27 -2.27
C ASP G 112 -54.95 9.83 -1.78
N ASN G 113 -54.46 8.84 -2.54
CA ASN G 113 -54.56 7.45 -2.09
C ASN G 113 -53.26 6.68 -2.36
N MET G 114 -52.37 7.22 -3.18
CA MET G 114 -51.13 6.53 -3.50
C MET G 114 -49.93 7.33 -3.04
N THR G 115 -48.91 6.61 -2.56
CA THR G 115 -47.66 7.16 -2.09
C THR G 115 -46.68 7.26 -3.26
N TRP G 116 -45.40 7.45 -2.94
CA TRP G 116 -44.40 7.58 -3.99
C TRP G 116 -43.74 6.24 -4.34
N LEU G 117 -43.67 5.31 -3.38
CA LEU G 117 -43.03 4.02 -3.61
C LEU G 117 -43.76 3.20 -4.67
N GLN G 118 -45.04 2.91 -4.40
CA GLN G 118 -45.84 2.10 -5.36
C GLN G 118 -45.84 2.83 -6.72
N TRP G 119 -45.96 4.15 -6.69
CA TRP G 119 -46.01 4.91 -7.93
C TRP G 119 -44.73 4.72 -8.73
N ASP G 120 -43.60 4.60 -8.04
CA ASP G 120 -42.32 4.39 -8.71
C ASP G 120 -42.29 2.98 -9.29
N LYS G 121 -42.94 2.02 -8.61
CA LYS G 121 -42.95 0.64 -9.07
C LYS G 121 -43.63 0.45 -10.43
N GLU G 122 -44.78 1.11 -10.65
CA GLU G 122 -45.48 0.93 -11.93
C GLU G 122 -44.81 1.65 -13.09
N ILE G 123 -44.26 2.84 -12.84
CA ILE G 123 -43.64 3.63 -13.90
C ILE G 123 -42.11 3.52 -13.90
N SER G 124 -41.57 2.40 -13.42
CA SER G 124 -40.13 2.21 -13.41
C SER G 124 -39.61 1.94 -14.81
N ASN G 125 -40.43 1.27 -15.63
CA ASN G 125 -40.01 0.96 -17.00
C ASN G 125 -40.20 2.17 -17.91
N TYR G 126 -41.20 3.02 -17.64
CA TYR G 126 -41.44 4.20 -18.46
C TYR G 126 -40.58 5.39 -18.08
N THR G 127 -39.71 5.27 -17.08
CA THR G 127 -38.86 6.37 -16.61
C THR G 127 -37.92 6.90 -17.68
N GLN G 128 -37.30 5.98 -18.44
CA GLN G 128 -36.37 6.39 -19.50
C GLN G 128 -37.06 7.17 -20.61
N ILE G 129 -38.26 6.75 -21.00
CA ILE G 129 -38.99 7.44 -22.07
C ILE G 129 -39.38 8.84 -21.62
N ILE G 130 -39.83 8.97 -20.37
CA ILE G 130 -40.22 10.27 -19.83
C ILE G 130 -39.01 11.19 -19.74
N TYR G 131 -37.87 10.65 -19.30
CA TYR G 131 -36.64 11.45 -19.21
C TYR G 131 -36.18 11.91 -20.59
N GLY G 132 -36.28 11.03 -21.59
CA GLY G 132 -35.89 11.40 -22.93
C GLY G 132 -36.81 12.45 -23.53
N LEU G 133 -38.11 12.36 -23.24
CA LEU G 133 -39.05 13.36 -23.76
C LEU G 133 -38.85 14.70 -23.07
N LEU G 134 -38.52 14.70 -21.78
CA LEU G 134 -38.32 15.97 -21.07
C LEU G 134 -37.00 16.61 -21.50
N GLU G 135 -36.00 15.79 -21.84
CA GLU G 135 -34.71 16.31 -22.26
C GLU G 135 -34.79 16.99 -23.63
N GLU G 136 -35.54 16.39 -24.55
CA GLU G 136 -35.66 16.94 -25.90
C GLU G 136 -36.59 18.16 -25.93
N SER G 137 -37.56 18.22 -25.00
CA SER G 137 -38.51 19.33 -24.98
C SER G 137 -37.85 20.67 -24.66
N GLN G 138 -36.69 20.65 -24.02
CA GLN G 138 -36.02 21.91 -23.69
C GLN G 138 -35.42 22.57 -24.93
N ASN G 139 -34.94 21.77 -25.89
CA ASN G 139 -34.33 22.33 -27.10
C ASN G 139 -35.31 23.17 -27.91
N GLN G 140 -36.55 22.69 -28.07
CA GLN G 140 -37.55 23.47 -28.80
C GLN G 140 -37.92 24.73 -28.04
N GLN G 141 -37.94 24.64 -26.70
CA GLN G 141 -38.27 25.80 -25.88
C GLN G 141 -37.17 26.86 -25.97
N GLU G 142 -35.91 26.44 -25.91
CA GLU G 142 -34.80 27.40 -26.02
C GLU G 142 -34.76 28.03 -27.41
N LYS G 143 -34.99 27.23 -28.46
CA LYS G 143 -34.98 27.79 -29.82
C LYS G 143 -36.15 28.74 -30.04
N ASN G 144 -37.34 28.40 -29.52
CA ASN G 144 -38.50 29.26 -29.68
C ASN G 144 -38.33 30.57 -28.91
N GLU G 145 -37.78 30.48 -27.69
CA GLU G 145 -37.56 31.69 -26.90
C GLU G 145 -36.48 32.55 -27.54
N GLN G 146 -35.46 31.92 -28.13
CA GLN G 146 -34.40 32.68 -28.78
C GLN G 146 -34.93 33.37 -30.03
N ASP G 147 -35.82 32.70 -30.78
CA ASP G 147 -36.39 33.31 -31.98
C ASP G 147 -37.32 34.47 -31.63
N LEU G 148 -38.22 34.26 -30.65
CA LEU G 148 -39.14 35.32 -30.24
C LEU G 148 -38.38 36.48 -29.59
N LEU G 149 -37.25 36.17 -28.96
CA LEU G 149 -36.43 37.19 -28.33
C LEU G 149 -35.62 37.94 -29.38
N ALA G 150 -35.27 37.28 -30.48
CA ALA G 150 -34.51 37.91 -31.55
C ALA G 150 -35.40 38.83 -32.38
N LEU G 151 -36.67 38.49 -32.54
CA LEU G 151 -37.57 39.34 -33.31
C LEU G 151 -37.90 40.63 -32.58
N ASP G 152 -37.76 40.64 -31.25
CA ASP G 152 -38.04 41.83 -30.45
C ASP G 152 -36.95 42.87 -30.63
N GLN H 1 35.99 -49.43 -12.30
CA GLN H 1 35.25 -50.55 -11.75
C GLN H 1 34.28 -50.08 -10.67
N SER H 2 34.72 -49.12 -9.86
CA SER H 2 33.90 -48.58 -8.79
C SER H 2 34.36 -47.18 -8.44
N VAL H 3 33.52 -46.46 -7.69
CA VAL H 3 33.83 -45.10 -7.27
C VAL H 3 34.90 -45.14 -6.18
N LEU H 4 35.38 -43.93 -5.81
CA LEU H 4 36.40 -43.71 -4.79
C LEU H 4 37.70 -44.42 -5.16
N THR H 5 38.34 -43.96 -6.24
CA THR H 5 39.59 -44.55 -6.70
C THR H 5 40.69 -44.34 -5.66
N GLN H 6 41.34 -45.44 -5.28
CA GLN H 6 42.41 -45.45 -4.30
C GLN H 6 43.44 -46.46 -4.79
N PRO H 7 44.73 -46.23 -4.57
CA PRO H 7 45.76 -47.18 -5.01
C PRO H 7 45.65 -48.48 -4.23
N PRO H 8 45.98 -49.62 -4.87
CA PRO H 8 45.88 -50.90 -4.16
C PRO H 8 46.85 -51.06 -3.01
N SER H 9 48.05 -50.50 -3.09
CA SER H 9 49.00 -50.64 -2.00
C SER H 9 50.01 -49.50 -2.04
N ALA H 10 50.71 -49.34 -0.92
CA ALA H 10 51.73 -48.31 -0.77
C ALA H 10 52.83 -48.87 0.13
N SER H 11 54.07 -48.61 -0.25
CA SER H 11 55.22 -49.08 0.51
C SER H 11 56.17 -47.92 0.79
N GLU H 12 56.53 -47.78 2.05
CA GLU H 12 57.42 -46.70 2.48
C GLU H 12 58.04 -47.10 3.81
N ALA H 13 59.32 -46.75 4.00
CA ALA H 13 60.05 -47.07 5.22
C ALA H 13 59.52 -46.27 6.43
N ALA H 14 60.14 -46.51 7.58
CA ALA H 14 59.72 -45.84 8.81
C ALA H 14 60.38 -44.47 9.00
N ARG H 15 59.84 -43.73 9.97
CA ARG H 15 60.25 -42.40 10.46
C ARG H 15 60.02 -41.26 9.46
N LYS H 16 59.65 -41.55 8.21
CA LYS H 16 59.40 -40.47 7.27
C LYS H 16 57.90 -40.35 7.00
N ARG H 17 57.55 -39.42 6.11
CA ARG H 17 56.16 -39.13 5.78
C ARG H 17 55.71 -39.79 4.49
N VAL H 18 54.50 -40.36 4.52
CA VAL H 18 53.87 -41.02 3.38
C VAL H 18 52.51 -40.38 3.18
N SER H 19 52.03 -40.37 1.94
CA SER H 19 50.74 -39.78 1.60
C SER H 19 49.93 -40.77 0.77
N ILE H 20 48.68 -40.99 1.16
CA ILE H 20 47.77 -41.89 0.45
C ILE H 20 46.68 -41.03 -0.18
N SER H 21 46.63 -41.01 -1.50
CA SER H 21 45.65 -40.22 -2.24
C SER H 21 44.37 -41.01 -2.47
N CYS H 22 43.28 -40.28 -2.67
CA CYS H 22 41.97 -40.86 -2.92
C CYS H 22 41.13 -39.81 -3.65
N SER H 23 40.77 -40.11 -4.90
CA SER H 23 39.98 -39.19 -5.70
C SER H 23 38.68 -39.85 -6.14
N GLY H 24 37.69 -39.00 -6.40
CA GLY H 24 36.39 -39.45 -6.82
C GLY H 24 35.77 -38.53 -7.85
N SER H 25 34.52 -38.13 -7.61
CA SER H 25 33.81 -37.24 -8.53
C SER H 25 33.27 -36.02 -7.79
N PHE H 26 32.42 -35.24 -8.46
CA PHE H 26 31.86 -34.05 -7.85
C PHE H 26 30.77 -34.40 -6.84
N SER H 27 30.02 -35.46 -7.09
CA SER H 27 28.92 -35.83 -6.20
C SER H 27 29.41 -36.52 -4.93
N ASN H 28 30.58 -37.17 -4.97
CA ASN H 28 31.04 -37.87 -3.77
C ASN H 28 32.08 -37.08 -2.97
N ILE H 29 33.12 -36.56 -3.63
CA ILE H 29 34.13 -35.82 -2.89
C ILE H 29 33.91 -34.31 -2.97
N GLY H 30 33.52 -33.80 -4.14
CA GLY H 30 33.32 -32.37 -4.33
C GLY H 30 32.24 -31.73 -3.48
N THR H 31 31.25 -32.52 -3.02
CA THR H 31 30.20 -31.93 -2.21
C THR H 31 29.97 -32.65 -0.88
N ASN H 32 30.77 -33.65 -0.55
CA ASN H 32 30.58 -34.39 0.71
C ASN H 32 31.92 -34.56 1.39
N SER H 33 31.87 -34.68 2.73
CA SER H 33 33.09 -34.86 3.51
C SER H 33 33.63 -36.29 3.35
N VAL H 34 34.96 -36.39 3.41
CA VAL H 34 35.64 -37.67 3.26
C VAL H 34 36.07 -38.18 4.63
N SER H 35 35.89 -39.48 4.84
CA SER H 35 36.25 -40.13 6.09
C SER H 35 37.26 -41.22 5.82
N TRP H 36 38.22 -41.39 6.73
CA TRP H 36 39.26 -42.40 6.60
C TRP H 36 39.11 -43.43 7.71
N TYR H 37 39.27 -44.70 7.34
CA TYR H 37 39.15 -45.80 8.29
C TYR H 37 40.35 -46.72 8.21
N GLN H 38 40.76 -47.27 9.35
CA GLN H 38 41.90 -48.17 9.45
C GLN H 38 41.39 -49.54 9.86
N HIS H 39 41.81 -50.58 9.14
CA HIS H 39 41.37 -51.93 9.43
C HIS H 39 42.57 -52.88 9.51
N LEU H 40 42.56 -53.72 10.54
CA LEU H 40 43.57 -54.72 10.80
C LEU H 40 42.92 -56.09 10.65
N PRO H 41 43.69 -57.12 10.27
CA PRO H 41 43.09 -58.46 10.12
C PRO H 41 42.69 -59.06 11.46
N GLY H 42 41.41 -59.38 11.58
CA GLY H 42 40.87 -59.98 12.77
C GLY H 42 40.01 -59.06 13.64
N THR H 43 40.13 -57.75 13.49
CA THR H 43 39.34 -56.82 14.29
C THR H 43 38.50 -55.90 13.41
N ALA H 44 37.62 -55.14 14.06
CA ALA H 44 36.72 -54.21 13.41
C ALA H 44 37.46 -52.93 13.00
N PRO H 45 37.04 -52.29 11.91
CA PRO H 45 37.69 -51.04 11.49
C PRO H 45 37.39 -49.91 12.47
N LYS H 46 38.29 -48.93 12.49
CA LYS H 46 38.15 -47.77 13.36
C LYS H 46 38.26 -46.49 12.55
N LEU H 47 37.55 -45.46 12.98
CA LEU H 47 37.56 -44.17 12.29
C LEU H 47 38.80 -43.38 12.67
N LEU H 48 39.54 -42.91 11.67
CA LEU H 48 40.74 -42.12 11.91
C LEU H 48 40.51 -40.63 11.71
N ILE H 49 40.10 -40.23 10.51
CA ILE H 49 39.85 -38.85 10.16
C ILE H 49 38.41 -38.69 9.69
N TYR H 50 37.74 -37.66 10.19
CA TYR H 50 36.37 -37.36 9.81
C TYR H 50 36.27 -35.87 9.53
N HIS H 51 35.28 -35.50 8.72
CA HIS H 51 35.00 -34.12 8.30
C HIS H 51 36.17 -33.48 7.55
N ASN H 52 37.03 -34.32 6.95
CA ASN H 52 38.22 -34.01 6.14
C ASN H 52 39.38 -33.39 6.92
N GLY H 53 39.15 -32.97 8.16
CA GLY H 53 40.23 -32.37 8.92
C GLY H 53 40.19 -32.60 10.42
N GLN H 54 39.20 -33.33 10.91
CA GLN H 54 39.06 -33.59 12.34
C GLN H 54 39.57 -34.98 12.67
N ARG H 55 40.34 -35.08 13.76
CA ARG H 55 40.91 -36.33 14.21
C ARG H 55 40.00 -36.96 15.26
N ALA H 56 39.87 -38.29 15.19
CA ALA H 56 39.03 -39.00 16.14
C ALA H 56 39.72 -39.09 17.50
N SER H 57 38.94 -39.46 18.51
CA SER H 57 39.46 -39.58 19.86
C SER H 57 40.39 -40.80 19.95
N GLY H 58 41.56 -40.60 20.54
CA GLY H 58 42.54 -41.66 20.69
C GLY H 58 43.47 -41.83 19.51
N VAL H 59 43.32 -41.04 18.46
CA VAL H 59 44.17 -41.12 17.30
C VAL H 59 45.40 -40.23 17.52
N SER H 60 46.58 -40.77 17.22
CA SER H 60 47.83 -40.05 17.39
C SER H 60 47.92 -38.85 16.46
N ASP H 61 48.80 -37.92 16.82
CA ASP H 61 49.01 -36.68 16.06
C ASP H 61 49.67 -36.95 14.70
N ARG H 62 50.22 -38.15 14.52
CA ARG H 62 50.88 -38.50 13.26
C ARG H 62 49.90 -38.52 12.09
N PHE H 63 48.65 -38.87 12.34
CA PHE H 63 47.65 -38.93 11.28
C PHE H 63 47.12 -37.53 10.96
N SER H 64 46.91 -37.27 9.68
CA SER H 64 46.40 -35.99 9.22
C SER H 64 45.68 -36.19 7.90
N GLY H 65 44.60 -35.43 7.71
CA GLY H 65 43.82 -35.53 6.50
C GLY H 65 43.61 -34.16 5.87
N SER H 66 43.37 -34.18 4.56
CA SER H 66 43.14 -32.96 3.80
C SER H 66 42.32 -33.30 2.57
N LYS H 67 41.64 -32.29 2.04
CA LYS H 67 40.81 -32.44 0.86
C LYS H 67 40.98 -31.22 -0.03
N SER H 68 41.09 -31.46 -1.34
CA SER H 68 41.26 -30.39 -2.32
C SER H 68 40.31 -30.68 -3.49
N GLY H 69 39.07 -30.22 -3.35
CA GLY H 69 38.05 -30.40 -4.38
C GLY H 69 37.68 -31.85 -4.65
N THR H 70 38.06 -32.34 -5.83
CA THR H 70 37.78 -33.69 -6.27
C THR H 70 38.70 -34.73 -5.60
N SER H 71 39.97 -34.38 -5.36
CA SER H 71 40.91 -35.30 -4.74
C SER H 71 41.02 -35.05 -3.24
N ALA H 72 41.28 -36.13 -2.51
CA ALA H 72 41.45 -36.12 -1.06
C ALA H 72 42.68 -36.95 -0.73
N SER H 73 43.28 -36.67 0.42
CA SER H 73 44.47 -37.43 0.79
C SER H 73 44.59 -37.56 2.29
N LEU H 74 45.35 -38.58 2.71
CA LEU H 74 45.63 -38.88 4.10
C LEU H 74 47.14 -38.86 4.28
N ALA H 75 47.62 -38.05 5.22
CA ALA H 75 49.04 -37.93 5.48
C ALA H 75 49.42 -38.65 6.77
N ILE H 76 50.48 -39.44 6.69
CA ILE H 76 50.96 -40.20 7.85
C ILE H 76 52.40 -39.71 8.02
N SER H 77 52.61 -38.84 9.00
CA SER H 77 53.94 -38.31 9.26
C SER H 77 54.65 -39.22 10.27
N ALA H 78 55.93 -39.47 10.03
CA ALA H 78 56.78 -40.32 10.86
C ALA H 78 56.19 -41.73 11.00
N LEU H 79 56.24 -42.45 9.88
CA LEU H 79 55.71 -43.81 9.79
C LEU H 79 56.36 -44.73 10.81
N GLN H 80 55.54 -45.57 11.43
CA GLN H 80 55.96 -46.53 12.45
C GLN H 80 55.67 -47.97 12.00
N THR H 81 56.11 -48.92 12.82
CA THR H 81 55.93 -50.33 12.49
C THR H 81 54.49 -50.80 12.61
N GLU H 82 53.73 -50.31 13.58
CA GLU H 82 52.34 -50.76 13.71
C GLU H 82 51.38 -50.04 12.78
N ASP H 83 51.87 -49.24 11.84
CA ASP H 83 51.00 -48.55 10.90
C ASP H 83 50.67 -49.41 9.68
N GLU H 84 51.20 -50.63 9.62
CA GLU H 84 50.96 -51.54 8.50
C GLU H 84 49.52 -52.04 8.58
N ALA H 85 48.62 -51.40 7.84
CA ALA H 85 47.22 -51.79 7.84
C ALA H 85 46.58 -51.31 6.53
N ASP H 86 45.28 -51.57 6.40
CA ASP H 86 44.52 -51.18 5.22
C ASP H 86 43.75 -49.90 5.54
N TYR H 87 43.95 -48.87 4.72
CA TYR H 87 43.29 -47.58 4.89
C TYR H 87 42.24 -47.42 3.80
N TYR H 88 41.01 -47.10 4.21
CA TYR H 88 39.90 -46.92 3.29
C TYR H 88 39.35 -45.51 3.37
N CYS H 89 39.11 -44.90 2.22
CA CYS H 89 38.53 -43.57 2.14
C CYS H 89 37.06 -43.72 1.80
N ALA H 90 36.21 -43.10 2.60
CA ALA H 90 34.77 -43.21 2.37
C ALA H 90 34.12 -41.85 2.41
N THR H 91 33.03 -41.73 1.65
CA THR H 91 32.23 -40.51 1.55
C THR H 91 30.86 -40.89 1.00
N TRP H 92 29.93 -39.96 1.12
CA TRP H 92 28.57 -40.17 0.64
C TRP H 92 28.46 -39.71 -0.81
N ASP H 93 27.76 -40.49 -1.62
CA ASP H 93 27.56 -40.19 -3.03
C ASP H 93 26.11 -39.73 -3.20
N ASP H 94 25.93 -38.46 -3.57
CA ASP H 94 24.59 -37.92 -3.75
C ASP H 94 23.95 -38.41 -5.04
N MET H 95 24.75 -38.86 -6.00
CA MET H 95 24.20 -39.33 -7.26
C MET H 95 23.56 -40.71 -7.10
N LEU H 96 24.17 -41.59 -6.33
CA LEU H 96 23.65 -42.93 -6.12
C LEU H 96 22.94 -43.13 -4.79
N ASN H 97 22.93 -42.11 -3.92
CA ASN H 97 22.30 -42.13 -2.60
C ASN H 97 22.83 -43.28 -1.73
N GLY H 98 24.12 -43.23 -1.45
CA GLY H 98 24.72 -44.26 -0.64
C GLY H 98 26.16 -44.03 -0.24
N TYR H 99 26.58 -44.70 0.82
CA TYR H 99 27.94 -44.59 1.32
C TYR H 99 28.82 -45.53 0.52
N PHE H 100 30.01 -45.08 0.14
CA PHE H 100 30.92 -45.90 -0.64
C PHE H 100 32.34 -45.81 -0.09
N PHE H 101 32.96 -46.96 0.08
CA PHE H 101 34.32 -47.06 0.59
C PHE H 101 35.31 -47.14 -0.58
N GLY H 102 36.58 -46.88 -0.27
CA GLY H 102 37.61 -46.93 -1.28
C GLY H 102 38.05 -48.36 -1.59
N ALA H 103 39.01 -48.47 -2.50
CA ALA H 103 39.52 -49.78 -2.87
C ALA H 103 40.36 -50.39 -1.76
N GLY H 104 40.97 -49.56 -0.92
CA GLY H 104 41.80 -50.05 0.17
C GLY H 104 43.28 -50.02 -0.12
N THR H 105 44.00 -49.11 0.52
CA THR H 105 45.44 -48.98 0.33
C THR H 105 46.16 -49.79 1.40
N ARG H 106 46.84 -50.85 0.97
CA ARG H 106 47.58 -51.71 1.88
C ARG H 106 48.93 -51.05 2.15
N LEU H 107 49.17 -50.68 3.39
CA LEU H 107 50.42 -50.04 3.77
C LEU H 107 51.43 -51.12 4.09
#